data_6KIV
#
_entry.id   6KIV
#
_cell.length_a   1.00
_cell.length_b   1.00
_cell.length_c   1.00
_cell.angle_alpha   90.00
_cell.angle_beta   90.00
_cell.angle_gamma   90.00
#
_symmetry.space_group_name_H-M   'P 1'
#
loop_
_entity.id
_entity.type
_entity.pdbx_description
1 polymer 'Histone H3'
2 polymer 'Histone H4'
3 polymer 'Histone H2A'
4 polymer 'Histone H2B 1.1'
5 polymer 'DNA (145-MER)'
6 polymer 'DNA (145-MER)'
7 polymer 'Histone-lysine N-methyltransferase 2A'
8 polymer 'Retinoblastoma-binding protein 5'
9 polymer Ubiquitin
10 polymer 'Set1/Ash2 histone methyltransferase complex subunit ASH2'
11 polymer 'WD repeat-containing protein 5'
12 non-polymer S-ADENOSYL-L-HOMOCYSTEINE
13 non-polymer 'ZINC ION'
#
loop_
_entity_poly.entity_id
_entity_poly.type
_entity_poly.pdbx_seq_one_letter_code
_entity_poly.pdbx_strand_id
1 'polypeptide(L)'
;ARTKQTARKSTGGKAPRKQLATKAARKSAPATGGVKKPHRYRPGTVALREIRRYQKSTELLIRKLPFQRLVREIAQDFKT
DLRFQSSAVMALQEASEAYLVALFEDTNLCAIHAKRVTIMPKDIQLARRIRGERA
;
A,E
2 'polypeptide(L)'
;SGRGKGGKGLGKGGAKRHRKVLRDNIQGITKPAIRRLARRGGVKRISGLIYEETRGVLKVFLENVIRDAVTYTEHAKRKT
VTAMDVVYALKRQGRTLYGFGG
;
B,F
3 'polypeptide(L)'
;SGRGKQGGKTRAKAKTRSSRAGLQFPVGRVHRLLRKGNYAERVGAGAPVYLAAVLEYLTAEILELAGNAARDNKKTRIIP
RHLQLAVRNDEELNKLLGRVTIAQGGVLPNIQSVLLPKKTESSKSAKSK
;
C,G
4 'polypeptide(L)'
;AKSAPAPKKGSKKAVTKTQKKDGKKRRKTRKESYAIYVYKVLKQVHPDTGISSKAMSIMNSFVNDVFERIAGEASRLAHY
NKRSTITSREIQTAVRLLLPGELAKHAVSEGTKAVTCYTSAK
;
D,H
5 'polydeoxyribonucleotide'
;(DT)(DC)(DG)(DA)(DG)(DA)(DA)(DT)(DC)(DC)(DC)(DG)(DG)(DT)(DG)(DC)(DC)(DG)(DA)(DG)
(DG)(DC)(DC)(DG)(DC)(DT)(DC)(DA)(DA)(DT)(DT)(DG)(DG)(DT)(DC)(DG)(DT)(DA)(DG)(DA)
(DC)(DA)(DG)(DC)(DT)(DC)(DT)(DA)(DG)(DC)(DA)(DC)(DC)(DG)(DC)(DT)(DT)(DA)(DA)(DA)
(DC)(DG)(DC)(DA)(DC)(DG)(DT)(DA)(DC)(DG)(DC)(DG)(DC)(DT)(DG)(DT)(DC)(DC)(DC)(DC)
(DC)(DG)(DC)(DG)(DT)(DT)(DT)(DT)(DA)(DA)(DC)(DC)(DG)(DC)(DC)(DA)(DA)(DG)(DG)(DG)
(DG)(DA)(DT)(DT)(DA)(DC)(DT)(DC)(DC)(DC)(DT)(DA)(DG)(DT)(DC)(DT)(DC)(DC)(DA)(DG)
(DG)(DC)(DA)(DC)(DG)(DT)(DG)(DT)(DC)(DA)(DG)(DA)(DT)(DA)(DT)(DA)(DT)(DA)(DC)(DA)
(DT)(DC)(DC)(DG)(DA)
;
I
6 'polydeoxyribonucleotide'
;(DT)(DC)(DG)(DG)(DA)(DT)(DG)(DT)(DA)(DT)(DA)(DT)(DA)(DT)(DC)(DT)(DG)(DA)(DC)(DA)
(DC)(DG)(DT)(DG)(DC)(DC)(DT)(DG)(DG)(DA)(DG)(DA)(DC)(DT)(DA)(DG)(DG)(DG)(DA)(DG)
(DT)(DA)(DA)(DT)(DC)(DC)(DC)(DC)(DT)(DT)(DG)(DG)(DC)(DG)(DG)(DT)(DT)(DA)(DA)(DA)
(DA)(DC)(DG)(DC)(DG)(DG)(DG)(DG)(DG)(DA)(DC)(DA)(DG)(DC)(DG)(DC)(DG)(DT)(DA)(DC)
(DG)(DT)(DG)(DC)(DG)(DT)(DT)(DT)(DA)(DA)(DG)(DC)(DG)(DG)(DT)(DG)(DC)(DT)(DA)(DG)
(DA)(DG)(DC)(DT)(DG)(DT)(DC)(DT)(DA)(DC)(DG)(DA)(DC)(DC)(DA)(DA)(DT)(DT)(DG)(DA)
(DG)(DC)(DG)(DG)(DC)(DC)(DT)(DC)(DG)(DG)(DC)(DA)(DC)(DC)(DG)(DG)(DG)(DA)(DT)(DT)
(DC)(DT)(DC)(DG)(DA)
;
J
7 'polypeptide(L)'
;NEPPLNPHGSARAEVHLRKSAFDMFNFLASKHRQPPEYNPNDEEEEEVQLKSARRATSMDLPMPMRFRHLKKTSKEAVGV
YRSPIHGRGLFCKRNIDAGEMVIEYAGNVIRSIQTDKREKYYDSKGIGCYMFRIDDSEVVDATMHGNAARFINHSCEPNC
YSRVINIDGQKHIVIFAMRKIYRGEELTYDYKFPIEDASNKLPCNCGAKKCRKFLN
;
K
8 'polypeptide(L)'
;MNLELLESFGQNYPEEADGTLDCISMALTCTFNRWGTLLAVGCNDGRIVIWDFLTRGIAKIISAHIHPVCSLCWSRDGHK
LVSASTDNIVSQWDVLSGDCDQRFRFPSPILKVQYHPRDQNKVLVCPMKSAPVMLTLSDSKHVVLPVDDDSDLNVVASFD
RRGEYIYTGNAKGKILVLKTDSQDLVASFRVTTGTSNTTAIKSIEFARKGSCFLINTADRIIRVYDGREILTCGRDGEPE
PMQKLQDLVNRTPWKKCCFSGDGEYIVAGSARQHALYIWEKSIGNLVKILHGTRGELLLDVAWHPVRPIIASISSGVVSI
WAQNQVENWSAFAPDFKELDENVEYEERESEFDIEDEDKSEPEQTGADAAEDEEVDVTSVDPIAAFCSSDEELEDSKALL
YLPIAPEVEDPEENPYGPPPDAVQTSLMDEGASSEKKRQSSADGSQPPKKKPKTTNIELQGVPNDEVHPLLGVKGDGKSK
KKQAGRPKGSKGKEKDSPFKPKLYKGDRGLPLEGSAKGKVQAELSQPLTAGGAISELL
;
N
9 'polypeptide(L)' MQIFVKTLTGKTITLEVEPSDTIENVKAKIQDKEGIPPDQQRLIFAGKQLEDGRTLSDYNIQKESTLHLVLRLRGC O
10 'polypeptide(L)'
;MDTQAGSVDEENGRQLGEVELQCGICTKWFTADTFGIDTSSCLPFMTNYSFHCNVCHHSGNTYFLRKQANLKEMCLSALA
NLTWQSRTQDEHPKTMFSKDKDIIPFIDKYWECMTTRQRPGKMTWPNNIVKTMSKERDVFLVKEHPDPGSKDPEEDYPKF
GLLDQDLSNIGPAYDNQKQSSAVSTSGNLNGGIAAGSSGKGRGAKRKQQDGGTTGTTKKARSDPLFSAQRLPPHGYPLEH
PFNKDGYRYILAEPDPHAPDPEKLELDCWAGKPIPGDLYRACLYERVLLALHDRAPQLKISDDRLTVVGEKGYSMVRASH
GVRKGAWYFEITVDEMPPDTAARLGWSQPLGNLQAPLGYDKFSYSWRSKKGTKFHQSIGKHYSSGYGQGDVLGFYINLPE
DTETAKSLPDTYKDKALIKFKSYLYFEEKDFVDKAEKSLKQTPHSEIIFYKNGVNQGVAYKDIFEGVYFPAISLYKSCTV
SINFGPCFKYPPKDLTYRPMSDMGWGAVVEHTLADVLYHVETEVDGRRSPPWEP
;
T
11 'polypeptide(L)'
;MATEEKKPETEAARAQPTPSSSATQSKPTPVKPNYALKFTLAGHTKAVSSVKFSPNGEWLASSSADKLIKIWGAYDGKFE
KTISGHKLGISDVAWSSDSNLLVSASDDKTLKIWDVSSGKCLKTLKGHSNYVFCCNFNPQSNLIVSGSFDESVRIWDVKT
GKCLKTLPAHSDPVSAVHFNRDGSLIVSSSYDGLCRIWDTASGQCLKTLIDDDNPPVSFVKFSPNGKYILAATLDNTLKL
WDYSKGKCLKTYTGHKNEKYCIFANFSVTGGKWIVSGSEDNLVYIWNLQTKEIVQKLQGHTDVVISTACHPTENIIASAA
LENDKTIKLWKSDC
;
R
#
# COMPACT_ATOMS: atom_id res chain seq x y z
N PRO A 38 8.17 -37.83 55.78
CA PRO A 38 8.44 -38.84 54.76
C PRO A 38 7.18 -39.26 54.01
N HIS A 39 6.06 -38.64 54.37
CA HIS A 39 4.77 -38.97 53.78
C HIS A 39 4.51 -38.10 52.56
N ARG A 40 4.49 -38.72 51.39
CA ARG A 40 4.12 -38.06 50.15
C ARG A 40 3.17 -38.95 49.36
N TYR A 41 2.31 -38.31 48.57
CA TYR A 41 1.30 -39.02 47.81
C TYR A 41 1.91 -39.68 46.58
N ARG A 42 1.21 -40.70 46.10
CA ARG A 42 1.40 -41.15 44.74
C ARG A 42 0.98 -40.02 43.79
N PRO A 43 1.75 -39.73 42.75
CA PRO A 43 1.45 -38.56 41.91
C PRO A 43 0.20 -38.74 41.07
N GLY A 44 -0.65 -37.71 41.07
CA GLY A 44 -1.93 -37.71 40.37
C GLY A 44 -3.12 -37.56 41.30
N THR A 45 -2.97 -37.97 42.56
CA THR A 45 -4.04 -37.88 43.53
C THR A 45 -4.42 -36.43 43.80
N VAL A 46 -3.40 -35.57 43.98
CA VAL A 46 -3.63 -34.15 44.21
C VAL A 46 -4.28 -33.51 43.00
N ALA A 47 -3.93 -34.01 41.80
CA ALA A 47 -4.56 -33.52 40.57
C ALA A 47 -6.05 -33.82 40.55
N LEU A 48 -6.44 -35.07 40.83
CA LEU A 48 -7.86 -35.41 40.74
C LEU A 48 -8.69 -34.73 41.84
N ARG A 49 -8.13 -34.63 43.04
CA ARG A 49 -8.89 -33.95 44.09
C ARG A 49 -8.98 -32.45 43.84
N GLU A 50 -7.99 -31.85 43.16
CA GLU A 50 -8.16 -30.45 42.78
C GLU A 50 -9.17 -30.29 41.67
N ILE A 51 -9.30 -31.28 40.78
CA ILE A 51 -10.31 -31.22 39.73
C ILE A 51 -11.71 -31.19 40.35
N ARG A 52 -11.96 -32.07 41.30
CA ARG A 52 -13.28 -32.06 41.95
C ARG A 52 -13.45 -30.81 42.82
N ARG A 53 -12.38 -30.35 43.45
CA ARG A 53 -12.46 -29.18 44.32
C ARG A 53 -12.74 -27.91 43.52
N TYR A 54 -12.25 -27.82 42.30
CA TYR A 54 -12.53 -26.65 41.49
C TYR A 54 -13.82 -26.76 40.71
N GLN A 55 -14.28 -27.96 40.38
CA GLN A 55 -15.59 -28.06 39.74
C GLN A 55 -16.74 -27.91 40.73
N LYS A 56 -16.51 -28.05 42.04
CA LYS A 56 -17.56 -27.83 43.02
C LYS A 56 -17.68 -26.39 43.47
N SER A 57 -17.27 -25.42 42.65
CA SER A 57 -17.34 -24.03 43.08
C SER A 57 -17.42 -23.11 41.86
N THR A 58 -17.89 -21.89 42.10
CA THR A 58 -17.97 -20.86 41.07
C THR A 58 -17.45 -19.56 41.65
N GLU A 59 -16.44 -18.99 41.00
CA GLU A 59 -15.97 -17.66 41.34
C GLU A 59 -15.14 -17.12 40.18
N LEU A 60 -14.73 -15.87 40.31
CA LEU A 60 -13.70 -15.33 39.45
C LEU A 60 -12.39 -16.03 39.74
N LEU A 61 -11.69 -16.45 38.70
CA LEU A 61 -10.57 -17.33 38.92
C LEU A 61 -9.23 -16.68 38.65
N ILE A 62 -9.18 -15.72 37.74
CA ILE A 62 -7.99 -14.93 37.44
C ILE A 62 -7.99 -13.70 38.34
N ARG A 63 -6.83 -13.34 38.87
CA ARG A 63 -6.74 -12.18 39.75
C ARG A 63 -7.03 -10.90 39.00
N LYS A 64 -7.85 -10.04 39.60
CA LYS A 64 -8.61 -9.07 38.81
C LYS A 64 -7.77 -7.89 38.32
N LEU A 65 -6.87 -7.36 39.14
CA LEU A 65 -6.09 -6.21 38.68
C LEU A 65 -5.08 -6.47 37.56
N PRO A 66 -4.35 -7.61 37.51
CA PRO A 66 -3.57 -7.87 36.30
C PRO A 66 -4.41 -8.03 35.06
N PHE A 67 -5.62 -8.58 35.17
CA PHE A 67 -6.46 -8.67 33.99
C PHE A 67 -6.99 -7.30 33.58
N GLN A 68 -7.24 -6.43 34.55
CA GLN A 68 -7.69 -5.08 34.20
C GLN A 68 -6.58 -4.29 33.53
N ARG A 69 -5.34 -4.44 34.00
CA ARG A 69 -4.23 -3.77 33.34
C ARG A 69 -3.99 -4.32 31.94
N LEU A 70 -4.20 -5.63 31.74
CA LEU A 70 -4.14 -6.19 30.39
C LEU A 70 -5.19 -5.58 29.47
N VAL A 71 -6.41 -5.44 29.95
CA VAL A 71 -7.48 -4.92 29.11
C VAL A 71 -7.23 -3.47 28.73
N ARG A 72 -6.79 -2.64 29.70
CA ARG A 72 -6.50 -1.25 29.37
C ARG A 72 -5.31 -1.12 28.43
N GLU A 73 -4.30 -1.97 28.58
CA GLU A 73 -3.12 -1.87 27.74
C GLU A 73 -3.42 -2.27 26.30
N ILE A 74 -4.28 -3.27 26.07
CA ILE A 74 -4.58 -3.54 24.67
C ILE A 74 -5.73 -2.69 24.15
N ALA A 75 -6.44 -1.98 25.02
CA ALA A 75 -7.39 -0.99 24.52
C ALA A 75 -6.73 0.33 24.20
N GLN A 76 -5.48 0.52 24.60
CA GLN A 76 -4.70 1.70 24.22
C GLN A 76 -4.60 1.86 22.71
N ASP A 77 -4.51 0.75 21.98
CA ASP A 77 -4.13 0.80 20.57
C ASP A 77 -5.25 1.23 19.64
N PHE A 78 -6.50 1.34 20.12
CA PHE A 78 -7.61 1.64 19.25
C PHE A 78 -8.17 3.04 19.45
N LYS A 79 -8.03 3.59 20.65
CA LYS A 79 -8.47 4.93 20.98
C LYS A 79 -7.75 5.34 22.25
N THR A 80 -6.99 6.43 22.18
CA THR A 80 -6.16 6.82 23.30
C THR A 80 -7.01 7.42 24.41
N ASP A 81 -6.69 7.05 25.65
CA ASP A 81 -7.25 7.60 26.88
C ASP A 81 -8.77 7.40 26.95
N LEU A 82 -9.15 6.14 27.04
CA LEU A 82 -10.55 5.78 27.29
C LEU A 82 -10.84 5.85 28.78
N ARG A 83 -12.04 5.41 29.15
CA ARG A 83 -12.48 5.46 30.54
C ARG A 83 -13.47 4.32 30.75
N PHE A 84 -13.00 3.19 31.24
CA PHE A 84 -13.91 2.07 31.40
C PHE A 84 -14.79 2.26 32.63
N GLN A 85 -15.86 1.48 32.67
CA GLN A 85 -16.58 1.22 33.90
C GLN A 85 -15.96 0.00 34.57
N SER A 86 -16.64 -0.55 35.57
CA SER A 86 -16.16 -1.78 36.20
C SER A 86 -16.90 -3.02 35.69
N SER A 87 -18.19 -2.88 35.46
CA SER A 87 -18.99 -4.01 35.03
C SER A 87 -18.61 -4.47 33.63
N ALA A 88 -18.11 -3.57 32.79
CA ALA A 88 -17.59 -3.99 31.49
C ALA A 88 -16.35 -4.86 31.65
N VAL A 89 -15.51 -4.54 32.62
CA VAL A 89 -14.32 -5.35 32.88
C VAL A 89 -14.71 -6.72 33.41
N MET A 90 -15.72 -6.77 34.29
CA MET A 90 -16.20 -8.06 34.79
C MET A 90 -16.83 -8.89 33.68
N ALA A 91 -17.52 -8.24 32.74
CA ALA A 91 -18.10 -8.96 31.61
C ALA A 91 -17.02 -9.53 30.72
N LEU A 92 -15.93 -8.78 30.51
CA LEU A 92 -14.81 -9.31 29.73
C LEU A 92 -14.15 -10.49 30.43
N GLN A 93 -14.05 -10.42 31.75
CA GLN A 93 -13.41 -11.50 32.48
C GLN A 93 -14.24 -12.77 32.42
N GLU A 94 -15.57 -12.63 32.49
CA GLU A 94 -16.44 -13.79 32.37
C GLU A 94 -16.39 -14.40 30.98
N ALA A 95 -16.38 -13.57 29.94
CA ALA A 95 -16.32 -14.10 28.58
C ALA A 95 -15.01 -14.82 28.32
N SER A 96 -13.89 -14.25 28.77
CA SER A 96 -12.59 -14.87 28.52
C SER A 96 -12.42 -16.14 29.33
N GLU A 97 -12.90 -16.15 30.58
CA GLU A 97 -12.85 -17.35 31.39
C GLU A 97 -13.64 -18.50 30.77
N ALA A 98 -14.83 -18.20 30.26
CA ALA A 98 -15.64 -19.26 29.65
C ALA A 98 -15.01 -19.76 28.35
N TYR A 99 -14.40 -18.86 27.58
CA TYR A 99 -13.77 -19.29 26.34
C TYR A 99 -12.56 -20.17 26.59
N LEU A 100 -11.75 -19.84 27.61
CA LEU A 100 -10.60 -20.69 27.92
C LEU A 100 -11.01 -22.05 28.46
N VAL A 101 -12.08 -22.10 29.26
CA VAL A 101 -12.52 -23.39 29.79
C VAL A 101 -13.01 -24.30 28.68
N ALA A 102 -13.79 -23.75 27.73
CA ALA A 102 -14.26 -24.58 26.62
C ALA A 102 -13.11 -25.05 25.74
N LEU A 103 -12.11 -24.17 25.53
CA LEU A 103 -10.95 -24.54 24.74
C LEU A 103 -10.15 -25.66 25.39
N PHE A 104 -9.94 -25.60 26.70
CA PHE A 104 -9.19 -26.66 27.36
C PHE A 104 -9.94 -27.98 27.40
N GLU A 105 -11.28 -27.97 27.49
CA GLU A 105 -11.96 -29.25 27.47
C GLU A 105 -11.90 -29.91 26.10
N ASP A 106 -11.97 -29.11 25.03
CA ASP A 106 -11.83 -29.74 23.72
C ASP A 106 -10.39 -30.18 23.44
N THR A 107 -9.42 -29.45 24.01
CA THR A 107 -8.04 -29.89 23.96
C THR A 107 -7.84 -31.23 24.66
N ASN A 108 -8.46 -31.40 25.83
CA ASN A 108 -8.31 -32.63 26.58
C ASN A 108 -8.96 -33.80 25.85
N LEU A 109 -10.06 -33.55 25.15
CA LEU A 109 -10.61 -34.59 24.28
C LEU A 109 -9.63 -34.99 23.18
N CYS A 110 -8.93 -34.02 22.58
CA CYS A 110 -7.93 -34.34 21.56
C CYS A 110 -6.80 -35.19 22.14
N ALA A 111 -6.28 -34.78 23.30
CA ALA A 111 -5.13 -35.46 23.88
C ALA A 111 -5.47 -36.86 24.37
N ILE A 112 -6.72 -37.09 24.78
CA ILE A 112 -7.12 -38.45 25.10
C ILE A 112 -7.32 -39.25 23.83
N HIS A 113 -7.72 -38.60 22.73
CA HIS A 113 -7.86 -39.31 21.48
C HIS A 113 -6.53 -39.78 20.91
N ALA A 114 -5.45 -39.05 21.19
CA ALA A 114 -4.16 -39.48 20.66
C ALA A 114 -3.44 -40.51 21.53
N LYS A 115 -4.18 -41.19 22.42
CA LYS A 115 -3.66 -42.22 23.34
C LYS A 115 -2.56 -41.67 24.23
N ARG A 116 -2.73 -40.45 24.70
CA ARG A 116 -1.80 -39.81 25.61
C ARG A 116 -2.59 -39.29 26.79
N VAL A 117 -1.88 -38.66 27.73
CA VAL A 117 -2.50 -37.92 28.82
C VAL A 117 -2.01 -36.47 28.85
N THR A 118 -0.72 -36.26 28.67
CA THR A 118 -0.13 -34.93 28.76
C THR A 118 -0.55 -34.08 27.57
N ILE A 119 -1.06 -32.87 27.85
CA ILE A 119 -1.44 -31.94 26.80
C ILE A 119 -0.20 -31.25 26.24
N MET A 120 -0.05 -31.27 24.92
CA MET A 120 0.98 -30.58 24.16
C MET A 120 0.32 -29.57 23.22
N PRO A 121 0.99 -28.45 22.88
CA PRO A 121 0.27 -27.35 22.19
C PRO A 121 -0.14 -27.64 20.77
N LYS A 122 0.33 -28.73 20.15
CA LYS A 122 -0.23 -29.11 18.87
C LYS A 122 -1.68 -29.57 19.01
N ASP A 123 -2.10 -29.98 20.21
CA ASP A 123 -3.51 -30.27 20.45
C ASP A 123 -4.35 -29.00 20.39
N ILE A 124 -3.90 -27.93 21.05
CA ILE A 124 -4.61 -26.66 21.05
C ILE A 124 -4.71 -26.11 19.64
N GLN A 125 -3.61 -26.19 18.89
CA GLN A 125 -3.64 -25.69 17.52
C GLN A 125 -4.52 -26.55 16.63
N LEU A 126 -4.61 -27.85 16.91
CA LEU A 126 -5.58 -28.69 16.21
C LEU A 126 -7.01 -28.27 16.53
N ALA A 127 -7.29 -27.98 17.80
CA ALA A 127 -8.66 -27.65 18.20
C ALA A 127 -9.12 -26.34 17.59
N ARG A 128 -8.26 -25.33 17.59
CA ARG A 128 -8.64 -24.08 16.95
C ARG A 128 -8.60 -24.18 15.43
N ARG A 129 -7.93 -25.18 14.88
CA ARG A 129 -8.05 -25.39 13.44
C ARG A 129 -9.36 -26.07 13.09
N ILE A 130 -9.85 -26.96 13.94
CA ILE A 130 -11.06 -27.72 13.61
C ILE A 130 -12.30 -26.87 13.84
N ARG A 131 -12.32 -26.12 14.94
CA ARG A 131 -13.51 -25.38 15.34
C ARG A 131 -13.89 -24.31 14.33
N GLY A 132 -12.92 -23.76 13.63
CA GLY A 132 -13.16 -22.80 12.58
C GLY A 132 -12.72 -21.40 12.90
N GLU A 133 -11.96 -21.20 13.96
CA GLU A 133 -11.53 -19.87 14.36
C GLU A 133 -10.22 -19.46 13.70
N ARG A 134 -9.68 -20.29 12.82
CA ARG A 134 -8.38 -20.02 12.22
C ARG A 134 -8.20 -20.84 10.93
N LYS B 16 1.52 16.58 27.50
CA LYS B 16 2.02 15.37 28.13
C LYS B 16 0.99 14.82 29.12
N ARG B 17 1.39 14.74 30.39
CA ARG B 17 0.55 14.49 31.58
C ARG B 17 0.05 13.04 31.66
N HIS B 18 0.28 12.25 30.60
CA HIS B 18 -0.30 10.91 30.49
C HIS B 18 0.83 9.88 30.55
N ARG B 19 0.84 9.10 31.61
CA ARG B 19 1.89 8.12 31.88
C ARG B 19 1.36 6.74 31.50
N LYS B 20 1.58 6.34 30.26
CA LYS B 20 1.04 5.09 29.74
C LYS B 20 2.12 4.32 28.99
N VAL B 21 3.26 4.14 29.65
CA VAL B 21 4.34 3.32 29.14
C VAL B 21 4.19 1.96 29.79
N LEU B 22 3.56 1.02 29.07
CA LEU B 22 3.26 -0.31 29.59
C LEU B 22 3.76 -1.36 28.62
N ARG B 23 4.52 -2.32 29.14
CA ARG B 23 5.17 -3.37 28.37
C ARG B 23 4.75 -4.77 28.81
N ASP B 24 4.47 -4.95 30.09
CA ASP B 24 4.03 -6.20 30.70
C ASP B 24 2.55 -6.46 30.45
N ASN B 25 1.95 -7.25 31.34
CA ASN B 25 0.55 -7.59 31.51
C ASN B 25 0.10 -8.68 30.57
N ILE B 26 0.93 -9.17 29.66
CA ILE B 26 0.67 -10.49 29.14
C ILE B 26 1.25 -11.52 30.10
N GLN B 27 2.30 -11.16 30.83
CA GLN B 27 2.83 -12.01 31.87
C GLN B 27 2.03 -11.89 33.16
N GLY B 28 1.17 -10.89 33.26
CA GLY B 28 0.31 -10.70 34.41
C GLY B 28 -0.74 -11.79 34.58
N ILE B 29 -1.07 -12.50 33.52
CA ILE B 29 -1.84 -13.74 33.64
C ILE B 29 -0.83 -14.82 34.05
N THR B 30 -0.74 -15.07 35.35
CA THR B 30 0.39 -15.75 35.94
C THR B 30 0.31 -17.24 35.70
N LYS B 31 1.16 -17.99 36.37
CA LYS B 31 1.30 -19.39 36.04
C LYS B 31 1.05 -20.31 37.24
N PRO B 32 0.12 -20.00 38.14
CA PRO B 32 -0.80 -21.06 38.57
C PRO B 32 -2.14 -20.87 37.90
N ALA B 33 -2.34 -19.73 37.24
CA ALA B 33 -3.67 -19.34 36.81
C ALA B 33 -4.14 -20.18 35.64
N ILE B 34 -3.28 -20.43 34.66
CA ILE B 34 -3.68 -21.26 33.54
C ILE B 34 -3.80 -22.71 33.99
N ARG B 35 -2.95 -23.12 34.92
CA ARG B 35 -3.11 -24.42 35.56
C ARG B 35 -4.45 -24.51 36.29
N ARG B 36 -4.87 -23.41 36.91
CA ARG B 36 -6.12 -23.41 37.66
C ARG B 36 -7.32 -23.49 36.73
N LEU B 37 -7.26 -22.79 35.59
CA LEU B 37 -8.31 -22.90 34.59
C LEU B 37 -8.36 -24.30 33.98
N ALA B 38 -7.19 -24.89 33.75
CA ALA B 38 -7.15 -26.23 33.20
C ALA B 38 -7.73 -27.24 34.17
N ARG B 39 -7.53 -27.03 35.46
CA ARG B 39 -8.10 -27.98 36.39
C ARG B 39 -9.52 -27.61 36.82
N ARG B 40 -10.04 -26.47 36.37
CA ARG B 40 -11.49 -26.35 36.28
C ARG B 40 -12.00 -27.12 35.08
N GLY B 41 -11.22 -27.19 34.01
CA GLY B 41 -11.64 -27.89 32.83
C GLY B 41 -11.56 -29.40 32.91
N GLY B 42 -10.91 -29.94 33.93
CA GLY B 42 -10.77 -31.38 33.99
C GLY B 42 -9.61 -31.88 33.15
N VAL B 43 -8.40 -31.46 33.53
CA VAL B 43 -7.18 -31.73 32.79
C VAL B 43 -6.13 -32.25 33.77
N LYS B 44 -5.49 -33.36 33.43
CA LYS B 44 -4.65 -34.04 34.40
C LYS B 44 -3.20 -33.57 34.39
N ARG B 45 -2.58 -33.44 33.22
CA ARG B 45 -1.14 -33.25 33.19
C ARG B 45 -0.76 -32.38 32.00
N ILE B 46 -0.02 -31.30 32.24
CA ILE B 46 0.14 -30.22 31.28
C ILE B 46 1.62 -30.08 30.93
N SER B 47 1.93 -29.75 29.67
CA SER B 47 3.30 -29.50 29.28
C SER B 47 3.69 -28.06 29.60
N GLY B 48 4.80 -27.61 29.02
CA GLY B 48 5.37 -26.32 29.38
C GLY B 48 5.31 -25.24 28.33
N LEU B 49 4.74 -25.55 27.16
CA LEU B 49 4.55 -24.55 26.12
C LEU B 49 3.11 -24.05 26.08
N ILE B 50 2.24 -24.70 26.86
CA ILE B 50 0.82 -24.36 26.95
C ILE B 50 0.64 -22.96 27.48
N TYR B 51 1.58 -22.51 28.29
CA TYR B 51 1.52 -21.18 28.89
C TYR B 51 1.63 -20.08 27.82
N GLU B 52 2.64 -20.17 26.96
CA GLU B 52 2.79 -19.20 25.89
C GLU B 52 1.65 -19.29 24.88
N GLU B 53 1.22 -20.51 24.55
CA GLU B 53 0.15 -20.65 23.58
C GLU B 53 -1.17 -20.08 24.10
N THR B 54 -1.44 -20.28 25.39
CA THR B 54 -2.65 -19.75 26.00
C THR B 54 -2.61 -18.23 26.06
N ARG B 55 -1.45 -17.65 26.34
CA ARG B 55 -1.35 -16.19 26.34
C ARG B 55 -1.59 -15.61 24.96
N GLY B 56 -1.10 -16.30 23.92
CA GLY B 56 -1.37 -15.85 22.56
C GLY B 56 -2.85 -15.88 22.21
N VAL B 57 -3.54 -16.98 22.55
CA VAL B 57 -4.96 -17.11 22.20
C VAL B 57 -5.81 -16.11 22.98
N LEU B 58 -5.46 -15.87 24.24
CA LEU B 58 -6.18 -14.88 25.03
C LEU B 58 -6.01 -13.48 24.46
N LYS B 59 -4.80 -13.15 23.98
CA LYS B 59 -4.59 -11.83 23.37
C LYS B 59 -5.40 -11.66 22.10
N VAL B 60 -5.48 -12.71 21.27
CA VAL B 60 -6.27 -12.67 20.05
C VAL B 60 -7.75 -12.42 20.35
N PHE B 61 -8.28 -13.14 21.34
CA PHE B 61 -9.71 -13.01 21.63
C PHE B 61 -10.05 -11.66 22.23
N LEU B 62 -9.24 -11.16 23.16
CA LEU B 62 -9.54 -9.86 23.73
C LEU B 62 -9.37 -8.72 22.74
N GLU B 63 -8.49 -8.87 21.75
CA GLU B 63 -8.47 -7.88 20.67
C GLU B 63 -9.77 -7.90 19.88
N ASN B 64 -10.23 -9.10 19.49
CA ASN B 64 -11.45 -9.17 18.68
C ASN B 64 -12.72 -8.83 19.44
N VAL B 65 -12.67 -8.59 20.74
CA VAL B 65 -13.82 -8.02 21.43
C VAL B 65 -13.66 -6.52 21.68
N ILE B 66 -12.47 -6.08 22.10
CA ILE B 66 -12.26 -4.67 22.41
C ILE B 66 -12.39 -3.79 21.18
N ARG B 67 -12.13 -4.34 19.99
CA ARG B 67 -12.30 -3.55 18.76
C ARG B 67 -13.75 -3.11 18.56
N ASP B 68 -14.69 -4.05 18.67
CA ASP B 68 -16.10 -3.71 18.48
C ASP B 68 -16.62 -2.89 19.66
N ALA B 69 -16.09 -3.12 20.86
CA ALA B 69 -16.52 -2.31 22.01
C ALA B 69 -16.18 -0.84 21.82
N VAL B 70 -14.95 -0.56 21.38
CA VAL B 70 -14.54 0.82 21.18
C VAL B 70 -15.26 1.43 19.99
N THR B 71 -15.62 0.62 18.98
CA THR B 71 -16.36 1.14 17.84
C THR B 71 -17.75 1.63 18.24
N TYR B 72 -18.49 0.84 19.03
CA TYR B 72 -19.78 1.33 19.51
C TYR B 72 -19.63 2.51 20.45
N THR B 73 -18.55 2.54 21.23
CA THR B 73 -18.37 3.67 22.14
C THR B 73 -18.10 4.97 21.39
N GLU B 74 -17.35 4.88 20.29
CA GLU B 74 -17.10 6.07 19.49
C GLU B 74 -18.35 6.50 18.73
N HIS B 75 -19.08 5.53 18.16
CA HIS B 75 -20.26 5.89 17.38
C HIS B 75 -21.36 6.49 18.24
N ALA B 76 -21.44 6.08 19.50
CA ALA B 76 -22.39 6.70 20.39
C ALA B 76 -22.00 8.11 20.81
N LYS B 77 -20.78 8.54 20.46
CA LYS B 77 -20.21 9.84 20.84
C LYS B 77 -20.18 9.98 22.36
N ARG B 78 -19.39 9.12 22.98
CA ARG B 78 -19.14 9.17 24.41
C ARG B 78 -17.66 8.94 24.64
N LYS B 79 -17.28 8.80 25.90
CA LYS B 79 -15.92 8.45 26.27
C LYS B 79 -15.84 7.26 27.19
N THR B 80 -16.97 6.73 27.66
CA THR B 80 -16.99 5.58 28.55
C THR B 80 -17.64 4.39 27.88
N VAL B 81 -17.08 3.21 28.11
CA VAL B 81 -17.55 1.98 27.50
C VAL B 81 -18.42 1.30 28.54
N THR B 82 -19.73 1.54 28.47
CA THR B 82 -20.65 0.94 29.42
C THR B 82 -20.83 -0.54 29.11
N ALA B 83 -21.47 -1.24 30.04
CA ALA B 83 -21.54 -2.69 29.98
C ALA B 83 -22.38 -3.17 28.81
N MET B 84 -23.38 -2.39 28.42
CA MET B 84 -24.23 -2.76 27.31
C MET B 84 -23.45 -2.87 26.01
N ASP B 85 -22.40 -2.07 25.86
CA ASP B 85 -21.62 -2.13 24.64
C ASP B 85 -20.80 -3.41 24.57
N VAL B 86 -20.27 -3.86 25.71
CA VAL B 86 -19.57 -5.12 25.77
C VAL B 86 -20.51 -6.27 25.48
N VAL B 87 -21.72 -6.21 26.04
CA VAL B 87 -22.76 -7.22 25.76
C VAL B 87 -23.10 -7.23 24.27
N TYR B 88 -23.10 -6.05 23.65
CA TYR B 88 -23.44 -5.98 22.23
C TYR B 88 -22.33 -6.52 21.36
N ALA B 89 -21.07 -6.27 21.74
CA ALA B 89 -19.95 -6.85 21.00
C ALA B 89 -19.97 -8.37 21.08
N LEU B 90 -20.17 -8.90 22.28
CA LEU B 90 -20.20 -10.34 22.45
C LEU B 90 -21.45 -10.95 21.81
N LYS B 91 -22.53 -10.18 21.72
CA LYS B 91 -23.71 -10.64 21.00
C LYS B 91 -23.42 -10.77 19.52
N ARG B 92 -22.64 -9.84 18.98
CA ARG B 92 -22.24 -9.98 17.59
C ARG B 92 -21.34 -11.18 17.38
N GLN B 93 -20.44 -11.45 18.32
CA GLN B 93 -19.49 -12.54 18.11
C GLN B 93 -20.15 -13.89 18.10
N GLY B 94 -21.26 -14.06 18.80
CA GLY B 94 -21.93 -15.33 18.94
C GLY B 94 -21.91 -15.86 20.34
N ARG B 95 -21.01 -15.36 21.17
CA ARG B 95 -20.96 -15.73 22.59
C ARG B 95 -21.86 -14.77 23.35
N THR B 96 -23.13 -15.15 23.46
CA THR B 96 -24.10 -14.28 24.11
C THR B 96 -23.86 -14.33 25.61
N LEU B 97 -24.03 -13.18 26.27
CA LEU B 97 -23.76 -13.05 27.69
C LEU B 97 -25.02 -12.56 28.39
N TYR B 98 -25.38 -13.21 29.49
CA TYR B 98 -26.57 -12.83 30.24
C TYR B 98 -26.16 -12.30 31.60
N GLY B 99 -26.91 -11.32 32.09
CA GLY B 99 -26.73 -10.87 33.44
C GLY B 99 -25.97 -9.59 33.61
N PHE B 100 -26.06 -8.65 32.68
CA PHE B 100 -25.48 -7.34 32.90
C PHE B 100 -26.37 -6.20 32.46
N GLY B 101 -27.42 -6.45 31.69
CA GLY B 101 -28.31 -5.39 31.29
C GLY B 101 -29.29 -5.00 32.38
N ARG C 11 -38.58 20.51 -14.22
CA ARG C 11 -38.47 20.99 -15.59
C ARG C 11 -37.01 21.05 -16.02
N ALA C 12 -36.11 20.94 -15.04
CA ALA C 12 -34.68 21.08 -15.28
C ALA C 12 -34.12 19.76 -15.82
N LYS C 13 -32.80 19.65 -15.84
CA LYS C 13 -32.15 18.45 -16.35
C LYS C 13 -32.30 17.31 -15.35
N ALA C 14 -32.69 16.13 -15.85
CA ALA C 14 -32.89 14.96 -15.01
C ALA C 14 -31.56 14.24 -14.82
N LYS C 15 -30.67 14.90 -14.08
CA LYS C 15 -29.43 14.26 -13.64
C LYS C 15 -29.77 13.19 -12.62
N THR C 16 -29.69 11.92 -13.05
CA THR C 16 -29.97 10.81 -12.16
C THR C 16 -28.90 10.73 -11.08
N ARG C 17 -29.30 10.22 -9.91
CA ARG C 17 -28.39 10.22 -8.77
C ARG C 17 -27.24 9.25 -8.91
N SER C 18 -27.25 8.38 -9.91
CA SER C 18 -26.04 7.64 -10.24
C SER C 18 -24.98 8.57 -10.79
N SER C 19 -25.26 9.23 -11.91
CA SER C 19 -24.27 10.07 -12.58
C SER C 19 -24.02 11.37 -11.84
N ARG C 20 -24.99 11.86 -11.07
CA ARG C 20 -24.75 13.04 -10.26
C ARG C 20 -23.76 12.72 -9.14
N ALA C 21 -23.72 11.47 -8.70
CA ALA C 21 -22.71 11.08 -7.74
C ALA C 21 -21.40 10.72 -8.43
N GLY C 22 -21.48 9.95 -9.51
CA GLY C 22 -20.27 9.45 -10.14
C GLY C 22 -20.05 7.98 -9.88
N LEU C 23 -21.13 7.19 -9.94
CA LEU C 23 -21.09 5.79 -9.57
C LEU C 23 -21.63 4.91 -10.69
N GLN C 24 -21.90 3.64 -10.38
CA GLN C 24 -22.53 2.76 -11.35
C GLN C 24 -23.76 2.04 -10.78
N PHE C 25 -23.82 1.83 -9.46
CA PHE C 25 -25.01 1.26 -8.85
C PHE C 25 -26.13 2.29 -8.72
N PRO C 26 -27.38 1.90 -8.92
CA PRO C 26 -28.47 2.87 -8.86
C PRO C 26 -28.69 3.29 -7.43
N VAL C 27 -29.21 4.50 -7.25
CA VAL C 27 -29.50 5.00 -5.92
C VAL C 27 -31.00 5.09 -5.68
N GLY C 28 -31.82 5.12 -6.73
CA GLY C 28 -33.26 5.07 -6.54
C GLY C 28 -33.73 3.74 -6.01
N ARG C 29 -33.20 2.64 -6.56
CA ARG C 29 -33.59 1.32 -6.10
C ARG C 29 -33.12 1.08 -4.66
N VAL C 30 -31.96 1.61 -4.31
CA VAL C 30 -31.46 1.50 -2.95
C VAL C 30 -32.32 2.32 -1.98
N HIS C 31 -32.79 3.49 -2.42
CA HIS C 31 -33.62 4.29 -1.54
C HIS C 31 -35.00 3.67 -1.36
N ARG C 32 -35.49 2.98 -2.40
CA ARG C 32 -36.74 2.25 -2.26
C ARG C 32 -36.59 1.06 -1.32
N LEU C 33 -35.49 0.32 -1.43
CA LEU C 33 -35.28 -0.82 -0.54
C LEU C 33 -34.76 -0.44 0.82
N LEU C 34 -34.52 0.84 1.10
CA LEU C 34 -34.36 1.26 2.48
C LEU C 34 -35.61 1.89 3.06
N ARG C 35 -36.50 2.46 2.25
CA ARG C 35 -37.78 2.86 2.82
C ARG C 35 -38.65 1.65 3.11
N LYS C 36 -38.64 0.66 2.22
CA LYS C 36 -39.60 -0.43 2.26
C LYS C 36 -38.99 -1.72 2.79
N GLY C 37 -38.14 -1.61 3.81
CA GLY C 37 -37.59 -2.79 4.44
C GLY C 37 -37.90 -2.79 5.91
N ASN C 38 -38.57 -1.73 6.35
CA ASN C 38 -38.87 -1.46 7.75
C ASN C 38 -37.61 -1.46 8.60
N TYR C 39 -36.60 -0.74 8.12
CA TYR C 39 -35.34 -0.70 8.83
C TYR C 39 -35.28 0.46 9.80
N ALA C 40 -35.92 1.57 9.47
CA ALA C 40 -36.12 2.68 10.40
C ALA C 40 -37.32 3.46 9.91
N GLU C 41 -37.69 4.50 10.66
CA GLU C 41 -38.77 5.35 10.19
C GLU C 41 -38.29 6.27 9.07
N ARG C 42 -37.31 7.10 9.36
CA ARG C 42 -36.86 8.15 8.47
C ARG C 42 -35.50 7.77 7.89
N VAL C 43 -35.30 8.06 6.62
CA VAL C 43 -34.07 7.69 5.93
C VAL C 43 -33.37 8.97 5.52
N GLY C 44 -32.08 9.07 5.81
CA GLY C 44 -31.30 10.22 5.39
C GLY C 44 -31.05 10.21 3.88
N ALA C 45 -30.29 11.21 3.44
CA ALA C 45 -30.00 11.36 2.03
C ALA C 45 -28.50 11.29 1.75
N GLY C 46 -27.76 10.59 2.60
CA GLY C 46 -26.38 10.27 2.31
C GLY C 46 -26.15 8.77 2.38
N ALA C 47 -27.02 8.11 3.13
CA ALA C 47 -26.95 6.66 3.30
C ALA C 47 -27.09 5.86 2.01
N PRO C 48 -28.07 6.08 1.12
CA PRO C 48 -28.12 5.24 -0.08
C PRO C 48 -26.97 5.47 -1.04
N VAL C 49 -26.43 6.69 -1.09
CA VAL C 49 -25.24 6.95 -1.90
C VAL C 49 -24.04 6.20 -1.36
N TYR C 50 -23.76 6.36 -0.05
CA TYR C 50 -22.62 5.72 0.59
C TYR C 50 -22.71 4.21 0.48
N LEU C 51 -23.92 3.68 0.59
CA LEU C 51 -24.09 2.25 0.53
C LEU C 51 -23.94 1.73 -0.89
N ALA C 52 -24.36 2.52 -1.89
CA ALA C 52 -24.15 2.12 -3.28
C ALA C 52 -22.66 2.07 -3.60
N ALA C 53 -21.90 2.99 -3.02
CA ALA C 53 -20.46 2.99 -3.23
C ALA C 53 -19.79 1.76 -2.62
N VAL C 54 -20.20 1.40 -1.40
CA VAL C 54 -19.62 0.24 -0.73
C VAL C 54 -19.91 -1.04 -1.51
N LEU C 55 -21.15 -1.21 -1.96
CA LEU C 55 -21.52 -2.39 -2.72
C LEU C 55 -20.76 -2.46 -4.04
N GLU C 56 -20.57 -1.30 -4.70
CA GLU C 56 -19.80 -1.28 -5.93
C GLU C 56 -18.35 -1.68 -5.71
N TYR C 57 -17.73 -1.18 -4.63
CA TYR C 57 -16.33 -1.49 -4.40
C TYR C 57 -16.10 -2.96 -4.09
N LEU C 58 -17.03 -3.59 -3.35
CA LEU C 58 -16.87 -5.03 -3.11
C LEU C 58 -17.06 -5.83 -4.39
N THR C 59 -18.02 -5.43 -5.23
CA THR C 59 -18.23 -6.13 -6.50
C THR C 59 -17.00 -5.99 -7.41
N ALA C 60 -16.38 -4.81 -7.42
CA ALA C 60 -15.18 -4.60 -8.21
C ALA C 60 -14.02 -5.42 -7.66
N GLU C 61 -13.94 -5.52 -6.34
CA GLU C 61 -12.87 -6.26 -5.69
C GLU C 61 -12.90 -7.73 -6.04
N ILE C 62 -14.08 -8.33 -6.05
CA ILE C 62 -14.12 -9.75 -6.40
C ILE C 62 -14.00 -9.95 -7.92
N LEU C 63 -14.55 -9.04 -8.72
CA LEU C 63 -14.52 -9.26 -10.17
C LEU C 63 -13.15 -9.06 -10.78
N GLU C 64 -12.29 -8.26 -10.15
CA GLU C 64 -10.90 -8.17 -10.59
C GLU C 64 -10.20 -9.51 -10.55
N LEU C 65 -10.24 -10.18 -9.39
CA LEU C 65 -9.58 -11.45 -9.22
C LEU C 65 -10.26 -12.54 -10.04
N ALA C 66 -11.57 -12.44 -10.20
CA ALA C 66 -12.28 -13.37 -11.08
C ALA C 66 -11.80 -13.26 -12.51
N GLY C 67 -11.62 -12.03 -13.00
CA GLY C 67 -11.14 -11.85 -14.36
C GLY C 67 -9.71 -12.33 -14.54
N ASN C 68 -8.86 -12.11 -13.53
CA ASN C 68 -7.49 -12.58 -13.61
C ASN C 68 -7.42 -14.09 -13.68
N ALA C 69 -8.21 -14.78 -12.85
CA ALA C 69 -8.21 -16.24 -12.91
C ALA C 69 -8.84 -16.76 -14.19
N ALA C 70 -9.82 -16.03 -14.73
CA ALA C 70 -10.48 -16.46 -15.95
C ALA C 70 -9.56 -16.35 -17.15
N ARG C 71 -8.72 -15.33 -17.19
CA ARG C 71 -7.68 -15.31 -18.22
C ARG C 71 -6.64 -16.38 -17.96
N ASP C 72 -6.24 -16.55 -16.71
CA ASP C 72 -5.11 -17.41 -16.41
C ASP C 72 -5.41 -18.90 -16.49
N ASN C 73 -6.68 -19.30 -16.61
CA ASN C 73 -6.96 -20.67 -17.00
C ASN C 73 -7.31 -20.81 -18.47
N LYS C 74 -7.11 -19.73 -19.25
CA LYS C 74 -7.34 -19.69 -20.69
C LYS C 74 -8.79 -19.99 -21.05
N LYS C 75 -9.68 -19.17 -20.51
CA LYS C 75 -11.10 -19.20 -20.85
C LYS C 75 -11.57 -17.78 -21.10
N THR C 76 -12.66 -17.65 -21.86
CA THR C 76 -13.18 -16.33 -22.14
C THR C 76 -14.06 -15.82 -21.01
N ARG C 77 -15.10 -16.58 -20.68
CA ARG C 77 -16.12 -16.15 -19.73
C ARG C 77 -15.63 -16.41 -18.31
N ILE C 78 -16.53 -16.33 -17.33
CA ILE C 78 -16.22 -16.68 -15.96
C ILE C 78 -17.23 -17.73 -15.50
N ILE C 79 -16.75 -18.91 -15.16
CA ILE C 79 -17.60 -19.96 -14.62
C ILE C 79 -17.31 -20.02 -13.13
N PRO C 80 -18.19 -20.55 -12.26
CA PRO C 80 -18.06 -20.31 -10.82
C PRO C 80 -16.85 -20.96 -10.16
N ARG C 81 -16.18 -21.90 -10.83
CA ARG C 81 -14.93 -22.42 -10.31
C ARG C 81 -13.90 -21.33 -10.15
N HIS C 82 -13.88 -20.37 -11.08
CA HIS C 82 -13.01 -19.21 -10.94
C HIS C 82 -13.40 -18.35 -9.75
N LEU C 83 -14.70 -18.26 -9.44
CA LEU C 83 -15.13 -17.49 -8.28
C LEU C 83 -14.68 -18.15 -6.99
N GLN C 84 -14.80 -19.49 -6.92
CA GLN C 84 -14.34 -20.23 -5.76
C GLN C 84 -12.85 -20.04 -5.55
N LEU C 85 -12.07 -20.14 -6.64
CA LEU C 85 -10.63 -19.94 -6.51
C LEU C 85 -10.29 -18.51 -6.14
N ALA C 86 -11.05 -17.55 -6.67
CA ALA C 86 -10.73 -16.14 -6.44
C ALA C 86 -11.06 -15.72 -5.02
N VAL C 87 -12.11 -16.28 -4.43
CA VAL C 87 -12.37 -15.97 -3.04
C VAL C 87 -11.42 -16.72 -2.13
N ARG C 88 -11.29 -18.04 -2.30
CA ARG C 88 -10.53 -18.81 -1.32
C ARG C 88 -9.02 -18.68 -1.48
N ASN C 89 -8.53 -18.10 -2.57
CA ASN C 89 -7.09 -17.79 -2.60
C ASN C 89 -6.79 -16.51 -1.83
N ASP C 90 -7.69 -15.55 -1.84
CA ASP C 90 -7.48 -14.31 -1.12
C ASP C 90 -7.64 -14.58 0.38
N GLU C 91 -7.12 -13.65 1.18
CA GLU C 91 -7.15 -13.83 2.62
C GLU C 91 -8.32 -13.11 3.28
N GLU C 92 -8.61 -11.88 2.89
CA GLU C 92 -9.67 -11.14 3.56
C GLU C 92 -11.05 -11.50 3.04
N LEU C 93 -11.15 -11.83 1.75
CA LEU C 93 -12.45 -12.22 1.22
C LEU C 93 -12.86 -13.58 1.72
N ASN C 94 -11.92 -14.45 2.03
CA ASN C 94 -12.25 -15.72 2.66
C ASN C 94 -12.77 -15.52 4.07
N LYS C 95 -12.25 -14.51 4.78
CA LYS C 95 -12.76 -14.23 6.11
C LYS C 95 -14.13 -13.57 6.05
N LEU C 96 -14.40 -12.77 5.02
CA LEU C 96 -15.74 -12.24 4.82
C LEU C 96 -16.72 -13.36 4.51
N LEU C 97 -16.49 -14.08 3.42
CA LEU C 97 -17.32 -15.24 3.08
C LEU C 97 -16.87 -16.42 3.94
N GLY C 98 -17.22 -16.36 5.23
CA GLY C 98 -16.81 -17.38 6.16
C GLY C 98 -17.60 -18.66 6.01
N ARG C 99 -18.89 -18.61 6.32
CA ARG C 99 -19.74 -19.79 6.22
C ARG C 99 -20.58 -19.63 4.95
N VAL C 100 -19.98 -19.97 3.82
CA VAL C 100 -20.61 -19.80 2.51
C VAL C 100 -20.20 -20.96 1.65
N THR C 101 -21.15 -21.60 1.00
CA THR C 101 -20.83 -22.59 -0.02
C THR C 101 -21.29 -22.10 -1.37
N ILE C 102 -20.34 -21.83 -2.25
CA ILE C 102 -20.67 -21.53 -3.64
C ILE C 102 -21.11 -22.81 -4.33
N ALA C 103 -22.22 -22.75 -5.05
CA ALA C 103 -22.67 -23.90 -5.81
C ALA C 103 -21.70 -24.19 -6.94
N GLN C 104 -21.54 -25.48 -7.26
CA GLN C 104 -20.58 -26.00 -8.23
C GLN C 104 -19.15 -25.56 -7.94
N GLY C 105 -18.84 -25.33 -6.67
CA GLY C 105 -17.60 -24.65 -6.33
C GLY C 105 -16.35 -25.50 -6.41
N GLY C 106 -16.34 -26.64 -5.74
CA GLY C 106 -15.11 -27.36 -5.53
C GLY C 106 -14.28 -26.72 -4.44
N VAL C 107 -13.14 -27.32 -4.16
CA VAL C 107 -12.26 -26.84 -3.11
C VAL C 107 -10.89 -26.54 -3.69
N LEU C 108 -10.04 -25.97 -2.85
CA LEU C 108 -8.66 -25.78 -3.24
C LEU C 108 -7.95 -27.13 -3.31
N PRO C 109 -7.06 -27.32 -4.25
CA PRO C 109 -6.25 -28.55 -4.26
C PRO C 109 -5.27 -28.57 -3.11
N ASN C 110 -5.46 -29.51 -2.17
CA ASN C 110 -4.63 -29.56 -0.97
C ASN C 110 -4.41 -31.02 -0.59
N ILE C 111 -3.15 -31.43 -0.55
CA ILE C 111 -2.72 -32.74 -0.08
C ILE C 111 -1.78 -32.52 1.09
N GLN C 112 -1.94 -33.31 2.15
CA GLN C 112 -1.12 -33.17 3.34
C GLN C 112 0.33 -33.58 3.07
N SER C 113 1.18 -33.33 4.07
CA SER C 113 2.62 -33.48 3.88
C SER C 113 3.11 -34.91 4.10
N VAL C 114 2.32 -35.75 4.74
CA VAL C 114 2.78 -37.09 5.11
C VAL C 114 2.10 -38.18 4.32
N LEU C 115 1.14 -37.84 3.47
CA LEU C 115 0.41 -38.85 2.72
C LEU C 115 1.10 -39.23 1.42
N LEU C 116 2.24 -38.63 1.11
CA LEU C 116 2.94 -38.89 -0.13
C LEU C 116 4.33 -39.45 0.16
N PRO C 117 4.80 -40.43 -0.62
CA PRO C 117 6.01 -41.16 -0.25
C PRO C 117 7.27 -40.34 -0.50
N LYS C 118 8.37 -40.85 0.05
CA LYS C 118 9.70 -40.28 -0.14
C LYS C 118 10.73 -41.40 -0.21
N LYS C 119 11.88 -41.09 -0.79
CA LYS C 119 12.87 -42.08 -1.18
C LYS C 119 14.19 -41.84 -0.46
N THR C 120 14.84 -42.91 -0.02
CA THR C 120 16.07 -42.85 0.75
C THR C 120 17.26 -43.47 0.02
N GLU C 121 17.13 -44.69 -0.45
CA GLU C 121 18.27 -45.46 -0.93
C GLU C 121 18.62 -45.10 -2.37
N SER C 122 19.92 -45.01 -2.63
CA SER C 122 20.51 -44.75 -3.96
C SER C 122 20.01 -43.45 -4.60
N ARG D 27 -45.19 -12.22 -21.29
CA ARG D 27 -45.64 -11.32 -20.23
C ARG D 27 -45.50 -11.99 -18.88
N LYS D 28 -44.61 -11.45 -18.05
CA LYS D 28 -44.48 -11.85 -16.65
C LYS D 28 -44.36 -10.61 -15.80
N THR D 29 -44.59 -10.78 -14.50
CA THR D 29 -44.48 -9.66 -13.58
C THR D 29 -43.01 -9.31 -13.40
N ARG D 30 -42.72 -8.00 -13.41
CA ARG D 30 -41.35 -7.53 -13.43
C ARG D 30 -40.66 -7.77 -12.09
N LYS D 31 -39.49 -8.39 -12.14
CA LYS D 31 -38.72 -8.75 -10.96
C LYS D 31 -37.41 -7.99 -10.90
N GLU D 32 -36.95 -7.75 -9.67
CA GLU D 32 -35.66 -7.10 -9.47
C GLU D 32 -34.53 -8.05 -9.83
N SER D 33 -33.39 -7.47 -10.16
CA SER D 33 -32.14 -8.15 -10.46
C SER D 33 -31.08 -7.08 -10.55
N TYR D 34 -29.83 -7.47 -10.33
CA TYR D 34 -28.71 -6.56 -10.49
C TYR D 34 -27.80 -7.01 -11.64
N ALA D 35 -28.40 -7.49 -12.72
CA ALA D 35 -27.59 -8.05 -13.79
C ALA D 35 -26.89 -6.98 -14.61
N ILE D 36 -27.60 -5.89 -14.92
CA ILE D 36 -27.04 -4.85 -15.77
C ILE D 36 -25.89 -4.12 -15.10
N TYR D 37 -25.94 -3.98 -13.78
CA TYR D 37 -24.91 -3.20 -13.13
C TYR D 37 -23.64 -4.01 -12.96
N VAL D 38 -23.77 -5.33 -12.81
CA VAL D 38 -22.62 -6.20 -12.83
C VAL D 38 -22.01 -6.25 -14.22
N TYR D 39 -22.86 -6.22 -15.26
CA TYR D 39 -22.37 -6.06 -16.64
C TYR D 39 -21.54 -4.79 -16.81
N LYS D 40 -22.02 -3.68 -16.25
CA LYS D 40 -21.32 -2.41 -16.44
C LYS D 40 -20.00 -2.37 -15.66
N VAL D 41 -20.00 -2.87 -14.43
CA VAL D 41 -18.75 -2.85 -13.66
C VAL D 41 -17.76 -3.86 -14.24
N LEU D 42 -18.25 -4.98 -14.75
CA LEU D 42 -17.38 -5.96 -15.39
C LEU D 42 -16.74 -5.41 -16.65
N LYS D 43 -17.50 -4.70 -17.47
CA LYS D 43 -16.86 -4.11 -18.64
C LYS D 43 -16.06 -2.86 -18.31
N GLN D 44 -16.21 -2.27 -17.12
CA GLN D 44 -15.29 -1.20 -16.76
C GLN D 44 -13.97 -1.72 -16.20
N VAL D 45 -13.96 -2.91 -15.63
CA VAL D 45 -12.72 -3.39 -15.02
C VAL D 45 -12.03 -4.47 -15.86
N HIS D 46 -12.72 -5.06 -16.85
CA HIS D 46 -12.11 -5.92 -17.82
C HIS D 46 -12.75 -5.62 -19.16
N PRO D 47 -11.97 -5.40 -20.21
CA PRO D 47 -12.58 -5.03 -21.50
C PRO D 47 -13.25 -6.19 -22.20
N ASP D 48 -12.62 -7.36 -22.25
CA ASP D 48 -13.12 -8.43 -23.11
C ASP D 48 -13.25 -9.73 -22.35
N THR D 49 -13.90 -9.68 -21.20
CA THR D 49 -14.14 -10.87 -20.38
C THR D 49 -15.61 -10.89 -20.00
N GLY D 50 -16.35 -11.85 -20.53
CA GLY D 50 -17.77 -11.96 -20.28
C GLY D 50 -18.08 -12.56 -18.93
N ILE D 51 -19.26 -13.16 -18.83
CA ILE D 51 -19.71 -13.81 -17.60
C ILE D 51 -20.79 -14.81 -17.99
N SER D 52 -21.00 -15.80 -17.14
CA SER D 52 -21.98 -16.84 -17.42
C SER D 52 -23.32 -16.45 -16.79
N SER D 53 -24.24 -17.40 -16.68
CA SER D 53 -25.50 -17.19 -16.00
C SER D 53 -25.40 -17.46 -14.52
N LYS D 54 -24.79 -18.59 -14.17
CA LYS D 54 -24.68 -19.00 -12.78
C LYS D 54 -23.83 -18.01 -11.99
N ALA D 55 -22.79 -17.48 -12.62
CA ALA D 55 -22.00 -16.45 -11.99
C ALA D 55 -22.81 -15.19 -11.74
N MET D 56 -23.77 -14.92 -12.61
CA MET D 56 -24.61 -13.75 -12.42
C MET D 56 -25.55 -13.95 -11.25
N SER D 57 -26.07 -15.17 -11.10
CA SER D 57 -26.93 -15.44 -9.96
C SER D 57 -26.15 -15.39 -8.65
N ILE D 58 -24.89 -15.84 -8.68
CA ILE D 58 -24.05 -15.77 -7.49
C ILE D 58 -23.78 -14.34 -7.10
N MET D 59 -23.47 -13.49 -8.08
CA MET D 59 -23.19 -12.09 -7.74
C MET D 59 -24.44 -11.36 -7.28
N ASN D 60 -25.60 -11.72 -7.83
CA ASN D 60 -26.87 -11.17 -7.37
C ASN D 60 -27.11 -11.50 -5.91
N SER D 61 -26.96 -12.78 -5.55
CA SER D 61 -27.20 -13.18 -4.17
C SER D 61 -26.13 -12.61 -3.23
N PHE D 62 -24.92 -12.40 -3.75
CA PHE D 62 -23.86 -11.82 -2.94
C PHE D 62 -24.18 -10.38 -2.56
N VAL D 63 -24.64 -9.58 -3.53
CA VAL D 63 -24.95 -8.19 -3.22
C VAL D 63 -26.16 -8.12 -2.31
N ASN D 64 -27.13 -9.03 -2.49
CA ASN D 64 -28.27 -9.08 -1.58
C ASN D 64 -27.85 -9.40 -0.15
N ASP D 65 -26.87 -10.30 0.01
CA ASP D 65 -26.35 -10.65 1.33
C ASP D 65 -25.71 -9.44 2.01
N VAL D 66 -24.82 -8.75 1.29
CA VAL D 66 -24.08 -7.65 1.91
C VAL D 66 -25.02 -6.51 2.27
N PHE D 67 -26.04 -6.29 1.44
CA PHE D 67 -27.04 -5.28 1.73
C PHE D 67 -27.84 -5.61 2.97
N GLU D 68 -28.24 -6.88 3.12
CA GLU D 68 -29.02 -7.26 4.31
C GLU D 68 -28.21 -7.11 5.58
N ARG D 69 -26.94 -7.52 5.54
CA ARG D 69 -26.12 -7.44 6.75
C ARG D 69 -25.89 -6.00 7.18
N ILE D 70 -25.55 -5.12 6.22
CA ILE D 70 -25.23 -3.75 6.57
C ILE D 70 -26.47 -2.99 7.02
N ALA D 71 -27.60 -3.23 6.36
CA ALA D 71 -28.81 -2.56 6.80
C ALA D 71 -29.28 -3.07 8.16
N GLY D 72 -29.04 -4.34 8.46
CA GLY D 72 -29.37 -4.84 9.78
C GLY D 72 -28.54 -4.21 10.88
N GLU D 73 -27.23 -4.08 10.66
CA GLU D 73 -26.36 -3.47 11.65
C GLU D 73 -26.69 -2.00 11.86
N ALA D 74 -27.02 -1.30 10.77
CA ALA D 74 -27.36 0.11 10.92
C ALA D 74 -28.69 0.28 11.64
N SER D 75 -29.65 -0.61 11.39
CA SER D 75 -30.93 -0.49 12.07
C SER D 75 -30.78 -0.80 13.56
N ARG D 76 -29.90 -1.73 13.89
CA ARG D 76 -29.69 -2.06 15.30
C ARG D 76 -28.96 -0.93 16.02
N LEU D 77 -28.02 -0.27 15.34
CA LEU D 77 -27.39 0.93 15.90
C LEU D 77 -28.41 2.04 16.13
N ALA D 78 -29.31 2.23 15.18
CA ALA D 78 -30.33 3.26 15.34
C ALA D 78 -31.26 2.95 16.48
N HIS D 79 -31.53 1.68 16.75
CA HIS D 79 -32.36 1.39 17.91
C HIS D 79 -31.57 1.53 19.21
N TYR D 80 -30.26 1.28 19.19
CA TYR D 80 -29.48 1.40 20.41
C TYR D 80 -29.30 2.85 20.81
N ASN D 81 -29.14 3.75 19.85
CA ASN D 81 -28.75 5.11 20.17
C ASN D 81 -29.92 6.03 20.48
N LYS D 82 -31.15 5.49 20.47
CA LYS D 82 -32.39 6.26 20.65
C LYS D 82 -32.52 7.37 19.61
N ARG D 83 -32.09 7.10 18.39
CA ARG D 83 -32.44 7.92 17.24
C ARG D 83 -33.44 7.16 16.38
N SER D 84 -33.82 7.78 15.26
CA SER D 84 -34.84 7.20 14.41
C SER D 84 -34.50 7.30 12.93
N THR D 85 -33.31 7.77 12.57
CA THR D 85 -33.01 8.07 11.18
C THR D 85 -31.67 7.48 10.79
N ILE D 86 -31.66 6.68 9.71
CA ILE D 86 -30.42 6.21 9.13
C ILE D 86 -29.75 7.38 8.42
N THR D 87 -28.66 7.89 8.99
CA THR D 87 -27.84 8.85 8.27
C THR D 87 -26.75 8.07 7.54
N SER D 88 -25.73 8.78 7.06
CA SER D 88 -24.58 8.08 6.53
C SER D 88 -23.68 7.58 7.63
N ARG D 89 -23.75 8.21 8.80
CA ARG D 89 -22.86 7.90 9.90
C ARG D 89 -23.03 6.45 10.36
N GLU D 90 -24.28 5.98 10.43
CA GLU D 90 -24.52 4.61 10.82
C GLU D 90 -24.05 3.62 9.76
N ILE D 91 -24.11 4.00 8.49
CA ILE D 91 -23.64 3.09 7.45
C ILE D 91 -22.12 2.96 7.50
N GLN D 92 -21.43 4.07 7.78
CA GLN D 92 -19.99 4.03 7.98
C GLN D 92 -19.61 3.18 9.17
N THR D 93 -20.36 3.30 10.27
CA THR D 93 -20.07 2.49 11.45
C THR D 93 -20.33 1.02 11.20
N ALA D 94 -21.39 0.69 10.45
CA ALA D 94 -21.69 -0.70 10.16
C ALA D 94 -20.65 -1.32 9.26
N VAL D 95 -20.14 -0.56 8.28
CA VAL D 95 -19.10 -1.09 7.42
C VAL D 95 -17.80 -1.29 8.17
N ARG D 96 -17.45 -0.34 9.05
CA ARG D 96 -16.24 -0.48 9.85
C ARG D 96 -16.33 -1.67 10.81
N LEU D 97 -17.53 -1.99 11.31
CA LEU D 97 -17.68 -3.19 12.14
C LEU D 97 -17.56 -4.45 11.32
N LEU D 98 -18.31 -4.54 10.23
CA LEU D 98 -18.48 -5.84 9.60
C LEU D 98 -17.35 -6.20 8.64
N LEU D 99 -16.61 -5.22 8.14
CA LEU D 99 -15.63 -5.73 7.18
C LEU D 99 -14.25 -5.85 7.81
N PRO D 100 -13.48 -6.88 7.47
CA PRO D 100 -12.20 -7.11 8.14
C PRO D 100 -11.05 -6.22 7.70
N GLY D 101 -10.72 -5.23 8.52
CA GLY D 101 -9.47 -4.48 8.39
C GLY D 101 -9.26 -3.63 7.16
N GLU D 102 -8.35 -4.09 6.29
CA GLU D 102 -7.88 -3.26 5.19
C GLU D 102 -8.96 -3.06 4.14
N LEU D 103 -9.82 -4.06 3.95
CA LEU D 103 -10.93 -3.90 3.02
C LEU D 103 -11.90 -2.85 3.52
N ALA D 104 -12.04 -2.73 4.84
CA ALA D 104 -12.84 -1.65 5.41
C ALA D 104 -12.16 -0.30 5.20
N LYS D 105 -10.83 -0.25 5.38
CA LYS D 105 -10.12 1.01 5.19
C LYS D 105 -10.09 1.47 3.73
N HIS D 106 -10.38 0.58 2.79
CA HIS D 106 -10.58 1.06 1.42
C HIS D 106 -12.03 1.42 1.13
N ALA D 107 -13.00 0.63 1.64
CA ALA D 107 -14.39 0.89 1.32
C ALA D 107 -14.92 2.16 1.97
N VAL D 108 -14.37 2.53 3.13
CA VAL D 108 -14.71 3.81 3.74
C VAL D 108 -14.30 4.97 2.83
N SER D 109 -13.11 4.89 2.24
CA SER D 109 -12.64 5.95 1.34
C SER D 109 -13.48 6.02 0.09
N GLU D 110 -13.86 4.86 -0.47
CA GLU D 110 -14.75 4.84 -1.63
C GLU D 110 -16.08 5.51 -1.33
N GLY D 111 -16.66 5.21 -0.17
CA GLY D 111 -17.94 5.80 0.18
C GLY D 111 -17.86 7.30 0.38
N THR D 112 -16.83 7.77 1.07
CA THR D 112 -16.72 9.20 1.35
C THR D 112 -16.48 9.97 0.08
N LYS D 113 -15.69 9.41 -0.83
CA LYS D 113 -15.43 10.08 -2.11
C LYS D 113 -16.69 10.16 -2.95
N ALA D 114 -17.52 9.12 -2.92
CA ALA D 114 -18.76 9.15 -3.70
C ALA D 114 -19.76 10.16 -3.14
N VAL D 115 -19.89 10.25 -1.82
CA VAL D 115 -20.82 11.20 -1.24
C VAL D 115 -20.37 12.63 -1.51
N THR D 116 -19.07 12.89 -1.37
CA THR D 116 -18.59 14.26 -1.56
C THR D 116 -18.64 14.66 -3.03
N CYS D 117 -18.50 13.70 -3.95
CA CYS D 117 -18.78 14.05 -5.34
C CYS D 117 -20.26 14.18 -5.62
N TYR D 118 -21.13 13.60 -4.78
CA TYR D 118 -22.56 13.78 -4.96
C TYR D 118 -23.04 15.15 -4.51
N THR D 119 -22.42 15.71 -3.46
CA THR D 119 -22.93 16.95 -2.88
C THR D 119 -22.79 18.13 -3.84
N SER D 120 -21.57 18.45 -4.23
CA SER D 120 -21.35 19.57 -5.13
C SER D 120 -21.55 19.13 -6.59
N PRO E 38 1.24 -59.00 -15.63
CA PRO E 38 2.02 -59.09 -14.38
C PRO E 38 2.38 -57.72 -13.84
N HIS E 39 1.92 -56.66 -14.51
CA HIS E 39 2.22 -55.30 -14.15
C HIS E 39 1.16 -54.76 -13.19
N ARG E 40 1.54 -54.51 -11.96
CA ARG E 40 0.68 -53.87 -10.97
C ARG E 40 1.47 -52.80 -10.23
N TYR E 41 0.76 -51.78 -9.77
CA TYR E 41 1.39 -50.66 -9.10
C TYR E 41 1.76 -51.02 -7.67
N ARG E 42 2.70 -50.26 -7.14
CA ARG E 42 2.87 -50.17 -5.70
C ARG E 42 1.62 -49.52 -5.11
N PRO E 43 1.09 -50.05 -4.01
CA PRO E 43 -0.20 -49.56 -3.51
C PRO E 43 -0.10 -48.16 -2.91
N GLY E 44 -1.04 -47.30 -3.29
CA GLY E 44 -1.08 -45.90 -2.87
C GLY E 44 -0.97 -44.93 -4.03
N THR E 45 -0.35 -45.36 -5.12
CA THR E 45 -0.17 -44.51 -6.29
C THR E 45 -1.51 -44.15 -6.92
N VAL E 46 -2.39 -45.15 -7.06
CA VAL E 46 -3.71 -44.94 -7.61
C VAL E 46 -4.53 -44.03 -6.70
N ALA E 47 -4.30 -44.13 -5.39
CA ALA E 47 -4.96 -43.24 -4.44
C ALA E 47 -4.57 -41.78 -4.65
N LEU E 48 -3.26 -41.51 -4.74
CA LEU E 48 -2.84 -40.11 -4.86
C LEU E 48 -3.23 -39.51 -6.22
N ARG E 49 -3.15 -40.31 -7.28
CA ARG E 49 -3.55 -39.76 -8.57
C ARG E 49 -5.07 -39.58 -8.65
N GLU E 50 -5.86 -40.39 -7.94
CA GLU E 50 -7.28 -40.09 -7.88
C GLU E 50 -7.58 -38.86 -7.05
N ILE E 51 -6.77 -38.59 -6.01
CA ILE E 51 -6.96 -37.37 -5.23
C ILE E 51 -6.78 -36.13 -6.11
N ARG E 52 -5.71 -36.11 -6.90
CA ARG E 52 -5.51 -34.97 -7.78
C ARG E 52 -6.54 -34.93 -8.89
N ARG E 53 -6.95 -36.11 -9.38
CA ARG E 53 -7.93 -36.18 -10.46
C ARG E 53 -9.31 -35.69 -10.02
N TYR E 54 -9.66 -35.91 -8.77
CA TYR E 54 -10.95 -35.43 -8.27
C TYR E 54 -10.89 -34.01 -7.76
N GLN E 55 -9.73 -33.53 -7.30
CA GLN E 55 -9.68 -32.12 -6.93
C GLN E 55 -9.55 -31.19 -8.14
N LYS E 56 -9.18 -31.70 -9.31
CA LYS E 56 -9.13 -30.86 -10.51
C LYS E 56 -10.46 -30.80 -11.26
N SER E 57 -11.58 -31.00 -10.59
CA SER E 57 -12.86 -30.98 -11.29
C SER E 57 -13.97 -30.61 -10.32
N THR E 58 -15.09 -30.17 -10.89
CA THR E 58 -16.30 -29.84 -10.13
C THR E 58 -17.50 -30.43 -10.83
N GLU E 59 -18.25 -31.27 -10.13
CA GLU E 59 -19.53 -31.77 -10.63
C GLU E 59 -20.33 -32.31 -9.46
N LEU E 60 -21.56 -32.70 -9.75
CA LEU E 60 -22.33 -33.51 -8.82
C LEU E 60 -21.67 -34.88 -8.71
N LEU E 61 -21.53 -35.36 -7.49
CA LEU E 61 -20.70 -36.53 -7.30
C LEU E 61 -21.49 -37.76 -6.90
N ILE E 62 -22.59 -37.58 -6.23
CA ILE E 62 -23.50 -38.66 -5.86
C ILE E 62 -24.54 -38.81 -6.96
N ARG E 63 -24.88 -40.05 -7.31
CA ARG E 63 -25.85 -40.28 -8.37
C ARG E 63 -27.23 -39.80 -7.96
N LYS E 64 -27.90 -39.10 -8.88
CA LYS E 64 -28.95 -38.16 -8.47
C LYS E 64 -30.25 -38.84 -8.08
N LEU E 65 -30.68 -39.88 -8.79
CA LEU E 65 -31.95 -40.51 -8.43
C LEU E 65 -31.97 -41.27 -7.10
N PRO E 66 -30.92 -42.00 -6.67
CA PRO E 66 -30.96 -42.52 -5.30
C PRO E 66 -30.98 -41.44 -4.25
N PHE E 67 -30.33 -40.32 -4.48
CA PHE E 67 -30.40 -39.24 -3.50
C PHE E 67 -31.78 -38.59 -3.49
N GLN E 68 -32.44 -38.52 -4.64
CA GLN E 68 -33.80 -37.97 -4.68
C GLN E 68 -34.78 -38.89 -3.96
N ARG E 69 -34.62 -40.20 -4.14
CA ARG E 69 -35.49 -41.13 -3.41
C ARG E 69 -35.23 -41.09 -1.92
N LEU E 70 -33.98 -40.89 -1.50
CA LEU E 70 -33.69 -40.68 -0.09
C LEU E 70 -34.39 -39.45 0.47
N VAL E 71 -34.35 -38.34 -0.28
CA VAL E 71 -34.94 -37.10 0.22
C VAL E 71 -36.45 -37.23 0.33
N ARG E 72 -37.10 -37.83 -0.66
CA ARG E 72 -38.55 -38.00 -0.57
C ARG E 72 -38.94 -38.96 0.55
N GLU E 73 -38.15 -40.02 0.76
CA GLU E 73 -38.50 -40.98 1.78
C GLU E 73 -38.36 -40.40 3.19
N ILE E 74 -37.36 -39.55 3.44
CA ILE E 74 -37.34 -38.96 4.78
C ILE E 74 -38.18 -37.71 4.88
N ALA E 75 -38.67 -37.18 3.76
CA ALA E 75 -39.67 -36.11 3.84
C ALA E 75 -41.07 -36.64 4.02
N GLN E 76 -41.26 -37.95 3.85
CA GLN E 76 -42.55 -38.59 4.13
C GLN E 76 -43.00 -38.37 5.57
N ASP E 77 -42.06 -38.34 6.51
CA ASP E 77 -42.40 -38.42 7.92
C ASP E 77 -42.92 -37.11 8.51
N PHE E 78 -42.85 -36.00 7.77
CA PHE E 78 -43.24 -34.71 8.34
C PHE E 78 -44.53 -34.17 7.75
N LYS E 79 -44.84 -34.54 6.51
CA LYS E 79 -46.07 -34.13 5.84
C LYS E 79 -46.27 -35.10 4.69
N THR E 80 -47.40 -35.79 4.69
CA THR E 80 -47.62 -36.81 3.69
C THR E 80 -47.95 -36.20 2.34
N ASP E 81 -47.38 -36.79 1.29
CA ASP E 81 -47.64 -36.48 -0.12
C ASP E 81 -47.32 -35.02 -0.45
N LEU E 82 -46.04 -34.69 -0.35
CA LEU E 82 -45.54 -33.40 -0.80
C LEU E 82 -45.30 -33.41 -2.29
N ARG E 83 -44.72 -32.33 -2.80
CA ARG E 83 -44.47 -32.20 -4.23
C ARG E 83 -43.25 -31.30 -4.40
N PHE E 84 -42.07 -31.90 -4.55
CA PHE E 84 -40.88 -31.09 -4.67
C PHE E 84 -40.77 -30.48 -6.05
N GLN E 85 -39.92 -29.47 -6.14
CA GLN E 85 -39.38 -29.02 -7.42
C GLN E 85 -38.11 -29.81 -7.70
N SER E 86 -37.32 -29.38 -8.68
CA SER E 86 -36.04 -30.00 -8.94
C SER E 86 -34.87 -29.22 -8.35
N SER E 87 -34.95 -27.90 -8.42
CA SER E 87 -33.87 -27.06 -7.93
C SER E 87 -33.71 -27.15 -6.42
N ALA E 88 -34.79 -27.45 -5.69
CA ALA E 88 -34.66 -27.69 -4.27
C ALA E 88 -33.87 -28.96 -3.99
N VAL E 89 -34.06 -29.98 -4.81
CA VAL E 89 -33.31 -31.22 -4.67
C VAL E 89 -31.83 -30.99 -4.99
N MET E 90 -31.55 -30.19 -6.02
CA MET E 90 -30.15 -29.87 -6.33
C MET E 90 -29.51 -29.05 -5.22
N ALA E 91 -30.27 -28.16 -4.59
CA ALA E 91 -29.75 -27.38 -3.48
C ALA E 91 -29.43 -28.26 -2.28
N LEU E 92 -30.28 -29.25 -2.02
CA LEU E 92 -30.00 -30.20 -0.95
C LEU E 92 -28.76 -31.03 -1.25
N GLN E 93 -28.57 -31.41 -2.51
CA GLN E 93 -27.42 -32.23 -2.86
C GLN E 93 -26.13 -31.43 -2.72
N GLU E 94 -26.17 -30.14 -3.07
CA GLU E 94 -24.99 -29.31 -2.91
C GLU E 94 -24.65 -29.09 -1.44
N ALA E 95 -25.67 -28.85 -0.60
CA ALA E 95 -25.42 -28.63 0.82
C ALA E 95 -24.86 -29.88 1.48
N SER E 96 -25.41 -31.06 1.15
CA SER E 96 -24.95 -32.29 1.77
C SER E 96 -23.55 -32.67 1.29
N GLU E 97 -23.27 -32.46 0.00
CA GLU E 97 -21.94 -32.72 -0.53
C GLU E 97 -20.89 -31.85 0.14
N ALA E 98 -21.18 -30.57 0.33
CA ALA E 98 -20.21 -29.69 0.97
C ALA E 98 -20.01 -30.04 2.44
N TYR E 99 -21.08 -30.45 3.12
CA TYR E 99 -20.95 -30.82 4.52
C TYR E 99 -20.12 -32.09 4.70
N LEU E 100 -20.31 -33.08 3.82
CA LEU E 100 -19.50 -34.30 3.92
C LEU E 100 -18.05 -34.05 3.59
N VAL E 101 -17.76 -33.18 2.62
CA VAL E 101 -16.37 -32.90 2.28
C VAL E 101 -15.65 -32.20 3.43
N ALA E 102 -16.31 -31.24 4.09
CA ALA E 102 -15.68 -30.57 5.22
C ALA E 102 -15.47 -31.53 6.39
N LEU E 103 -16.44 -32.42 6.61
CA LEU E 103 -16.31 -33.41 7.67
C LEU E 103 -15.14 -34.35 7.44
N PHE E 104 -14.97 -34.83 6.21
CA PHE E 104 -13.86 -35.75 5.93
C PHE E 104 -12.51 -35.06 6.01
N GLU E 105 -12.41 -33.78 5.66
CA GLU E 105 -11.10 -33.14 5.80
C GLU E 105 -10.73 -32.93 7.26
N ASP E 106 -11.71 -32.61 8.11
CA ASP E 106 -11.35 -32.49 9.53
C ASP E 106 -11.09 -33.86 10.17
N THR E 107 -11.75 -34.90 9.67
CA THR E 107 -11.44 -36.26 10.08
C THR E 107 -10.00 -36.64 9.72
N ASN E 108 -9.58 -36.28 8.51
CA ASN E 108 -8.23 -36.63 8.07
C ASN E 108 -7.18 -35.88 8.87
N LEU E 109 -7.47 -34.64 9.28
CA LEU E 109 -6.58 -33.95 10.21
C LEU E 109 -6.47 -34.70 11.54
N CYS E 110 -7.59 -35.22 12.05
CA CYS E 110 -7.54 -36.00 13.29
C CYS E 110 -6.68 -37.26 13.14
N ALA E 111 -6.89 -37.99 12.04
CA ALA E 111 -6.21 -39.26 11.86
C ALA E 111 -4.72 -39.06 11.61
N ILE E 112 -4.32 -37.94 11.00
CA ILE E 112 -2.90 -37.66 10.90
C ILE E 112 -2.34 -37.23 12.23
N HIS E 113 -3.16 -36.57 13.07
CA HIS E 113 -2.70 -36.21 14.40
C HIS E 113 -2.45 -37.41 15.29
N ALA E 114 -3.19 -38.49 15.10
CA ALA E 114 -2.95 -39.66 15.95
C ALA E 114 -1.83 -40.57 15.46
N LYS E 115 -0.94 -40.06 14.60
CA LYS E 115 0.20 -40.78 14.04
C LYS E 115 -0.23 -42.04 13.29
N ARG E 116 -1.34 -41.93 12.55
CA ARG E 116 -1.86 -43.01 11.74
C ARG E 116 -2.08 -42.47 10.34
N VAL E 117 -2.58 -43.34 9.46
CA VAL E 117 -3.05 -42.93 8.14
C VAL E 117 -4.50 -43.37 7.92
N THR E 118 -4.82 -44.59 8.30
CA THR E 118 -6.15 -45.14 8.07
C THR E 118 -7.18 -44.46 8.94
N ILE E 119 -8.27 -43.99 8.34
CA ILE E 119 -9.36 -43.36 9.08
C ILE E 119 -10.23 -44.44 9.72
N MET E 120 -10.47 -44.30 11.03
CA MET E 120 -11.37 -45.13 11.81
C MET E 120 -12.49 -44.27 12.38
N PRO E 121 -13.69 -44.80 12.63
CA PRO E 121 -14.85 -43.94 12.92
C PRO E 121 -14.81 -43.23 14.26
N LYS E 122 -13.90 -43.60 15.16
CA LYS E 122 -13.72 -42.79 16.35
C LYS E 122 -13.15 -41.42 16.03
N ASP E 123 -12.48 -41.27 14.87
CA ASP E 123 -12.06 -39.96 14.42
C ASP E 123 -13.24 -39.09 14.05
N ILE E 124 -14.20 -39.65 13.30
CA ILE E 124 -15.39 -38.90 12.90
C ILE E 124 -16.20 -38.50 14.13
N GLN E 125 -16.35 -39.42 15.08
CA GLN E 125 -17.09 -39.08 16.28
C GLN E 125 -16.35 -38.05 17.14
N LEU E 126 -15.02 -38.07 17.11
CA LEU E 126 -14.27 -37.00 17.75
C LEU E 126 -14.50 -35.65 17.08
N ALA E 127 -14.53 -35.64 15.75
CA ALA E 127 -14.68 -34.38 15.02
C ALA E 127 -16.05 -33.76 15.26
N ARG E 128 -17.09 -34.56 15.22
CA ARG E 128 -18.42 -34.02 15.51
C ARG E 128 -18.61 -33.74 16.99
N ARG E 129 -17.79 -34.32 17.86
CA ARG E 129 -17.84 -33.91 19.26
C ARG E 129 -17.15 -32.57 19.47
N ILE E 130 -16.08 -32.30 18.74
CA ILE E 130 -15.32 -31.08 18.97
C ILE E 130 -16.01 -29.88 18.32
N ARG E 131 -16.54 -30.06 17.12
CA ARG E 131 -17.10 -28.96 16.34
C ARG E 131 -18.32 -28.35 17.03
N GLY E 132 -19.06 -29.14 17.79
CA GLY E 132 -20.18 -28.66 18.54
C GLY E 132 -21.52 -29.10 18.05
N GLU E 133 -21.57 -30.07 17.14
CA GLU E 133 -22.82 -30.52 16.57
C GLU E 133 -23.45 -31.65 17.37
N ARG E 134 -22.84 -32.03 18.50
CA ARG E 134 -23.30 -33.16 19.29
C ARG E 134 -22.77 -33.09 20.71
N VAL F 21 -44.87 -45.63 -0.34
CA VAL F 21 -43.99 -45.92 0.77
C VAL F 21 -42.68 -46.51 0.21
N LEU F 22 -41.56 -46.23 0.86
CA LEU F 22 -40.24 -46.63 0.39
C LEU F 22 -39.48 -47.35 1.52
N ARG F 23 -38.27 -47.80 1.20
CA ARG F 23 -37.45 -48.62 2.08
C ARG F 23 -36.04 -48.66 1.50
N ASP F 24 -35.06 -48.98 2.37
CA ASP F 24 -33.71 -49.42 2.03
C ASP F 24 -32.85 -48.33 1.36
N ASN F 25 -33.38 -47.13 1.16
CA ASN F 25 -32.71 -46.19 0.28
C ASN F 25 -31.52 -45.51 0.92
N ILE F 26 -31.35 -45.62 2.24
CA ILE F 26 -30.13 -45.16 2.88
C ILE F 26 -28.93 -46.00 2.44
N GLN F 27 -29.15 -47.24 2.02
CA GLN F 27 -28.12 -48.01 1.35
C GLN F 27 -27.99 -47.66 -0.11
N GLY F 28 -28.83 -46.76 -0.63
CA GLY F 28 -28.64 -46.28 -1.98
C GLY F 28 -27.38 -45.47 -2.14
N ILE F 29 -26.94 -44.81 -1.07
CA ILE F 29 -25.58 -44.29 -1.03
C ILE F 29 -24.65 -45.49 -1.04
N THR F 30 -23.80 -45.56 -2.05
CA THR F 30 -23.08 -46.78 -2.34
C THR F 30 -21.84 -46.88 -1.47
N LYS F 31 -21.03 -47.89 -1.74
CA LYS F 31 -19.69 -47.98 -1.21
C LYS F 31 -18.67 -47.12 -1.98
N PRO F 32 -18.65 -47.05 -3.33
CA PRO F 32 -17.64 -46.18 -3.94
C PRO F 32 -17.92 -44.69 -3.81
N ALA F 33 -19.18 -44.28 -3.64
CA ALA F 33 -19.46 -42.84 -3.63
C ALA F 33 -18.94 -42.19 -2.36
N ILE F 34 -19.03 -42.89 -1.24
CA ILE F 34 -18.42 -42.41 -0.01
C ILE F 34 -16.92 -42.40 -0.17
N ARG F 35 -16.37 -43.37 -0.91
CA ARG F 35 -14.95 -43.37 -1.22
C ARG F 35 -14.57 -42.20 -2.11
N ARG F 36 -15.46 -41.79 -3.02
CA ARG F 36 -15.15 -40.66 -3.88
C ARG F 36 -15.18 -39.35 -3.11
N LEU F 37 -16.13 -39.19 -2.19
CA LEU F 37 -16.12 -38.01 -1.32
C LEU F 37 -14.91 -38.01 -0.41
N ALA F 38 -14.44 -39.18 -0.01
CA ALA F 38 -13.22 -39.25 0.76
C ALA F 38 -12.01 -38.83 -0.07
N ARG F 39 -11.98 -39.20 -1.35
CA ARG F 39 -10.84 -38.81 -2.18
C ARG F 39 -10.82 -37.32 -2.44
N ARG F 40 -11.99 -36.71 -2.67
CA ARG F 40 -12.04 -35.25 -2.77
C ARG F 40 -11.68 -34.60 -1.44
N GLY F 41 -11.96 -35.26 -0.32
CA GLY F 41 -11.45 -34.76 0.95
C GLY F 41 -9.96 -34.89 1.09
N GLY F 42 -9.31 -35.71 0.27
CA GLY F 42 -7.88 -35.87 0.37
C GLY F 42 -7.51 -36.90 1.40
N VAL F 43 -7.98 -38.12 1.21
CA VAL F 43 -7.88 -39.19 2.20
C VAL F 43 -7.27 -40.42 1.55
N LYS F 44 -6.23 -40.94 2.18
CA LYS F 44 -5.44 -42.04 1.62
C LYS F 44 -6.16 -43.38 1.76
N ARG F 45 -6.65 -43.69 2.97
CA ARG F 45 -7.02 -45.07 3.27
C ARG F 45 -8.14 -45.14 4.30
N ILE F 46 -9.16 -45.94 4.00
CA ILE F 46 -10.43 -45.95 4.73
C ILE F 46 -10.58 -47.29 5.43
N SER F 47 -11.23 -47.30 6.60
CA SER F 47 -11.60 -48.54 7.27
C SER F 47 -12.94 -49.06 6.74
N GLY F 48 -13.56 -49.98 7.47
CA GLY F 48 -14.80 -50.59 7.00
C GLY F 48 -16.04 -50.21 7.78
N LEU F 49 -15.90 -49.30 8.74
CA LEU F 49 -17.02 -48.83 9.54
C LEU F 49 -17.46 -47.42 9.17
N ILE F 50 -16.66 -46.75 8.33
CA ILE F 50 -16.92 -45.38 7.92
C ILE F 50 -18.20 -45.29 7.13
N TYR F 51 -18.55 -46.37 6.42
CA TYR F 51 -19.78 -46.40 5.64
C TYR F 51 -21.01 -46.27 6.52
N GLU F 52 -21.03 -47.00 7.63
CA GLU F 52 -22.15 -46.94 8.56
C GLU F 52 -22.22 -45.60 9.25
N GLU F 53 -21.06 -45.10 9.72
CA GLU F 53 -21.09 -43.82 10.43
C GLU F 53 -21.45 -42.66 9.50
N THR F 54 -21.02 -42.73 8.24
CA THR F 54 -21.32 -41.69 7.27
C THR F 54 -22.80 -41.66 6.93
N ARG F 55 -23.42 -42.83 6.75
CA ARG F 55 -24.86 -42.85 6.49
C ARG F 55 -25.63 -42.30 7.68
N GLY F 56 -25.14 -42.56 8.90
CA GLY F 56 -25.78 -41.99 10.07
C GLY F 56 -25.73 -40.47 10.09
N VAL F 57 -24.55 -39.90 9.85
CA VAL F 57 -24.37 -38.44 9.94
C VAL F 57 -25.14 -37.74 8.83
N LEU F 58 -25.13 -38.31 7.63
CA LEU F 58 -25.85 -37.72 6.51
C LEU F 58 -27.36 -37.74 6.74
N LYS F 59 -27.89 -38.83 7.32
CA LYS F 59 -29.33 -38.88 7.57
C LYS F 59 -29.73 -37.87 8.64
N VAL F 60 -28.88 -37.66 9.64
CA VAL F 60 -29.18 -36.65 10.67
C VAL F 60 -29.22 -35.26 10.07
N PHE F 61 -28.26 -34.92 9.21
CA PHE F 61 -28.22 -33.59 8.64
C PHE F 61 -29.40 -33.33 7.70
N LEU F 62 -29.78 -34.34 6.91
CA LEU F 62 -30.91 -34.16 6.01
C LEU F 62 -32.21 -34.01 6.77
N GLU F 63 -32.38 -34.70 7.90
CA GLU F 63 -33.58 -34.47 8.70
C GLU F 63 -33.61 -33.06 9.26
N ASN F 64 -32.48 -32.58 9.78
CA ASN F 64 -32.47 -31.24 10.37
C ASN F 64 -32.65 -30.13 9.34
N VAL F 65 -32.43 -30.39 8.05
CA VAL F 65 -32.76 -29.37 7.05
C VAL F 65 -34.21 -29.48 6.60
N ILE F 66 -34.64 -30.70 6.25
CA ILE F 66 -35.96 -30.89 5.67
C ILE F 66 -37.09 -30.57 6.64
N ARG F 67 -36.83 -30.64 7.96
CA ARG F 67 -37.85 -30.17 8.91
C ARG F 67 -38.18 -28.69 8.73
N ASP F 68 -37.16 -27.84 8.63
CA ASP F 68 -37.45 -26.42 8.51
C ASP F 68 -37.94 -26.05 7.12
N ALA F 69 -37.51 -26.80 6.09
CA ALA F 69 -38.04 -26.57 4.76
C ALA F 69 -39.54 -26.83 4.70
N VAL F 70 -39.98 -27.96 5.28
CA VAL F 70 -41.40 -28.28 5.26
C VAL F 70 -42.18 -27.36 6.18
N THR F 71 -41.55 -26.83 7.22
CA THR F 71 -42.23 -25.84 8.07
C THR F 71 -42.52 -24.55 7.30
N TYR F 72 -41.56 -24.06 6.52
CA TYR F 72 -41.85 -22.89 5.66
C TYR F 72 -42.94 -23.19 4.65
N THR F 73 -42.91 -24.39 4.07
CA THR F 73 -43.90 -24.73 3.06
C THR F 73 -45.32 -24.83 3.65
N GLU F 74 -45.45 -25.34 4.87
CA GLU F 74 -46.76 -25.34 5.51
C GLU F 74 -47.21 -23.94 5.88
N HIS F 75 -46.29 -23.06 6.27
CA HIS F 75 -46.73 -21.71 6.63
C HIS F 75 -47.23 -20.95 5.42
N ALA F 76 -46.54 -21.05 4.29
CA ALA F 76 -47.01 -20.29 3.15
C ALA F 76 -48.12 -20.98 2.37
N LYS F 77 -48.80 -21.95 2.98
CA LYS F 77 -50.02 -22.63 2.52
C LYS F 77 -49.84 -23.46 1.25
N ARG F 78 -48.66 -23.49 0.66
CA ARG F 78 -48.48 -24.18 -0.60
C ARG F 78 -48.21 -25.65 -0.35
N LYS F 79 -48.17 -26.43 -1.42
CA LYS F 79 -47.83 -27.84 -1.32
C LYS F 79 -46.57 -28.14 -2.11
N THR F 80 -45.64 -27.20 -2.16
CA THR F 80 -44.45 -27.32 -2.99
C THR F 80 -43.26 -26.76 -2.24
N VAL F 81 -42.16 -27.48 -2.22
CA VAL F 81 -40.93 -27.03 -1.57
C VAL F 81 -40.01 -26.52 -2.67
N THR F 82 -39.92 -25.21 -2.81
CA THR F 82 -39.10 -24.61 -3.83
C THR F 82 -37.67 -24.53 -3.36
N ALA F 83 -36.82 -23.90 -4.16
CA ALA F 83 -35.44 -23.70 -3.75
C ALA F 83 -35.31 -22.60 -2.70
N MET F 84 -36.20 -21.61 -2.73
CA MET F 84 -36.11 -20.50 -1.79
C MET F 84 -36.34 -20.93 -0.36
N ASP F 85 -37.17 -21.95 -0.15
CA ASP F 85 -37.39 -22.45 1.19
C ASP F 85 -36.15 -23.15 1.72
N VAL F 86 -35.50 -23.94 0.87
CA VAL F 86 -34.27 -24.62 1.24
C VAL F 86 -33.19 -23.61 1.58
N VAL F 87 -33.11 -22.53 0.79
CA VAL F 87 -32.11 -21.51 1.06
C VAL F 87 -32.42 -20.73 2.34
N TYR F 88 -33.70 -20.55 2.68
CA TYR F 88 -34.03 -19.90 3.93
C TYR F 88 -33.69 -20.78 5.13
N ALA F 89 -33.93 -22.08 5.01
CA ALA F 89 -33.55 -23.01 6.08
C ALA F 89 -32.05 -23.05 6.26
N LEU F 90 -31.31 -23.10 5.15
CA LEU F 90 -29.85 -23.11 5.24
C LEU F 90 -29.31 -21.79 5.72
N LYS F 91 -30.03 -20.69 5.49
CA LYS F 91 -29.62 -19.42 6.07
C LYS F 91 -29.77 -19.45 7.59
N ARG F 92 -30.82 -20.09 8.08
CA ARG F 92 -30.94 -20.23 9.53
C ARG F 92 -29.89 -21.16 10.11
N GLN F 93 -29.51 -22.21 9.38
CA GLN F 93 -28.53 -23.15 9.90
C GLN F 93 -27.17 -22.47 10.08
N GLY F 94 -26.83 -21.56 9.18
CA GLY F 94 -25.53 -20.93 9.20
C GLY F 94 -24.66 -21.50 8.12
N ARG F 95 -25.21 -21.73 6.93
CA ARG F 95 -24.39 -22.25 5.85
C ARG F 95 -24.46 -21.37 4.61
N THR F 96 -25.63 -20.78 4.34
CA THR F 96 -25.83 -19.69 3.39
C THR F 96 -25.43 -20.10 1.97
N LEU F 97 -26.18 -21.02 1.41
CA LEU F 97 -25.96 -21.47 0.05
C LEU F 97 -26.23 -20.35 -0.95
N TYR F 98 -25.31 -20.16 -1.89
CA TYR F 98 -25.47 -19.22 -2.99
C TYR F 98 -25.79 -19.96 -4.28
N GLY F 99 -26.10 -19.19 -5.30
CA GLY F 99 -26.29 -19.77 -6.61
C GLY F 99 -27.64 -20.36 -6.88
N PHE F 100 -28.65 -20.06 -6.07
CA PHE F 100 -30.02 -20.41 -6.40
C PHE F 100 -30.95 -19.32 -5.90
N GLY F 101 -31.93 -18.98 -6.73
CA GLY F 101 -33.00 -18.07 -6.35
C GLY F 101 -32.59 -16.66 -5.95
N LYS G 13 -64.93 -1.17 35.11
CA LYS G 13 -64.76 -1.05 33.66
C LYS G 13 -63.30 -0.97 33.28
N ALA G 14 -62.43 -1.55 34.09
CA ALA G 14 -61.00 -1.61 33.80
C ALA G 14 -60.59 -3.08 33.90
N LYS G 15 -60.80 -3.81 32.82
CA LYS G 15 -60.39 -5.20 32.73
C LYS G 15 -59.12 -5.24 31.89
N THR G 16 -57.98 -5.43 32.55
CA THR G 16 -56.73 -5.57 31.83
C THR G 16 -56.74 -6.86 31.03
N ARG G 17 -56.00 -6.86 29.93
CA ARG G 17 -56.02 -8.00 29.03
C ARG G 17 -55.36 -9.22 29.63
N SER G 18 -54.48 -9.03 30.62
CA SER G 18 -53.96 -10.15 31.39
C SER G 18 -55.09 -10.87 32.12
N SER G 19 -56.03 -10.11 32.67
CA SER G 19 -57.20 -10.73 33.29
C SER G 19 -58.12 -11.30 32.22
N ARG G 20 -58.31 -10.57 31.12
CA ARG G 20 -59.26 -10.97 30.09
C ARG G 20 -58.81 -12.21 29.34
N ALA G 21 -57.53 -12.54 29.38
CA ALA G 21 -57.06 -13.79 28.83
C ALA G 21 -56.73 -14.82 29.88
N GLY G 22 -56.39 -14.38 31.09
CA GLY G 22 -56.08 -15.28 32.18
C GLY G 22 -54.61 -15.50 32.44
N LEU G 23 -53.72 -14.80 31.72
CA LEU G 23 -52.30 -15.04 31.84
C LEU G 23 -51.72 -14.20 32.98
N GLN G 24 -50.40 -14.15 33.06
CA GLN G 24 -49.72 -13.36 34.08
C GLN G 24 -48.81 -12.30 33.50
N PHE G 25 -48.05 -12.62 32.45
CA PHE G 25 -47.28 -11.60 31.77
C PHE G 25 -48.23 -10.62 31.06
N PRO G 26 -47.88 -9.35 31.00
CA PRO G 26 -48.80 -8.37 30.42
C PRO G 26 -48.88 -8.51 28.91
N VAL G 27 -49.88 -7.88 28.34
CA VAL G 27 -50.01 -7.81 26.90
C VAL G 27 -49.90 -6.38 26.38
N GLY G 28 -50.19 -5.39 27.22
CA GLY G 28 -50.02 -4.00 26.81
C GLY G 28 -48.56 -3.62 26.61
N ARG G 29 -47.67 -4.12 27.48
CA ARG G 29 -46.25 -3.87 27.28
C ARG G 29 -45.72 -4.59 26.07
N VAL G 30 -46.26 -5.77 25.76
CA VAL G 30 -45.84 -6.48 24.55
C VAL G 30 -46.34 -5.75 23.31
N HIS G 31 -47.53 -5.19 23.39
CA HIS G 31 -48.08 -4.44 22.25
C HIS G 31 -47.28 -3.18 21.99
N ARG G 32 -46.88 -2.49 23.07
CA ARG G 32 -46.08 -1.29 22.91
C ARG G 32 -44.68 -1.62 22.41
N LEU G 33 -44.10 -2.75 22.86
CA LEU G 33 -42.79 -3.14 22.36
C LEU G 33 -42.85 -3.61 20.92
N LEU G 34 -43.98 -4.13 20.47
CA LEU G 34 -44.08 -4.45 19.05
C LEU G 34 -44.25 -3.21 18.19
N ARG G 35 -45.07 -2.25 18.63
CA ARG G 35 -45.25 -1.07 17.79
C ARG G 35 -44.04 -0.17 17.82
N LYS G 36 -43.32 -0.10 18.93
CA LYS G 36 -42.13 0.73 18.98
C LYS G 36 -40.95 0.07 18.30
N GLY G 37 -40.91 -1.26 18.29
CA GLY G 37 -39.71 -1.97 17.86
C GLY G 37 -39.45 -1.97 16.37
N ASN G 38 -40.39 -1.47 15.56
CA ASN G 38 -40.29 -1.42 14.10
C ASN G 38 -40.06 -2.80 13.49
N TYR G 39 -40.77 -3.80 14.01
CA TYR G 39 -40.59 -5.13 13.47
C TYR G 39 -41.42 -5.32 12.21
N ALA G 40 -42.58 -4.69 12.14
CA ALA G 40 -43.41 -4.67 10.94
C ALA G 40 -44.35 -3.48 11.00
N GLU G 41 -45.18 -3.33 9.98
CA GLU G 41 -46.05 -2.17 9.86
C GLU G 41 -47.27 -2.30 10.75
N ARG G 42 -47.95 -3.45 10.71
CA ARG G 42 -49.19 -3.66 11.46
C ARG G 42 -49.02 -4.81 12.44
N VAL G 43 -49.00 -4.49 13.71
CA VAL G 43 -49.13 -5.49 14.74
C VAL G 43 -50.56 -6.04 14.73
N GLY G 44 -50.70 -7.35 14.86
CA GLY G 44 -52.02 -7.94 14.99
C GLY G 44 -52.66 -7.62 16.34
N ALA G 45 -53.77 -8.31 16.59
CA ALA G 45 -54.48 -8.12 17.85
C ALA G 45 -54.47 -9.36 18.75
N GLY G 46 -54.02 -10.49 18.25
CA GLY G 46 -53.92 -11.68 19.07
C GLY G 46 -52.48 -12.16 19.25
N ALA G 47 -51.62 -11.71 18.34
CA ALA G 47 -50.20 -12.04 18.41
C ALA G 47 -49.50 -11.62 19.70
N PRO G 48 -49.71 -10.43 20.29
CA PRO G 48 -49.07 -10.18 21.60
C PRO G 48 -49.64 -11.04 22.73
N VAL G 49 -50.90 -11.45 22.64
CA VAL G 49 -51.45 -12.38 23.63
C VAL G 49 -50.75 -13.73 23.53
N TYR G 50 -50.65 -14.26 22.32
CA TYR G 50 -50.02 -15.56 22.07
C TYR G 50 -48.56 -15.55 22.51
N LEU G 51 -47.89 -14.42 22.29
CA LEU G 51 -46.49 -14.34 22.69
C LEU G 51 -46.34 -14.18 24.19
N ALA G 52 -47.29 -13.53 24.85
CA ALA G 52 -47.25 -13.46 26.30
C ALA G 52 -47.43 -14.84 26.90
N ALA G 53 -48.25 -15.67 26.26
CA ALA G 53 -48.40 -17.05 26.71
C ALA G 53 -47.11 -17.84 26.56
N VAL G 54 -46.43 -17.71 25.42
CA VAL G 54 -45.21 -18.47 25.19
C VAL G 54 -44.11 -18.06 26.16
N LEU G 55 -43.98 -16.75 26.41
CA LEU G 55 -43.00 -16.29 27.38
C LEU G 55 -43.32 -16.77 28.79
N GLU G 56 -44.60 -16.78 29.16
CA GLU G 56 -44.97 -17.28 30.47
C GLU G 56 -44.65 -18.76 30.62
N TYR G 57 -44.81 -19.51 29.53
CA TYR G 57 -44.51 -20.93 29.61
C TYR G 57 -43.02 -21.20 29.76
N LEU G 58 -42.17 -20.51 29.00
CA LEU G 58 -40.74 -20.80 29.12
C LEU G 58 -40.17 -20.31 30.43
N THR G 59 -40.68 -19.20 30.96
CA THR G 59 -40.29 -18.78 32.30
C THR G 59 -40.70 -19.81 33.34
N ALA G 60 -41.90 -20.37 33.19
CA ALA G 60 -42.35 -21.42 34.10
C ALA G 60 -41.49 -22.66 34.01
N GLU G 61 -41.03 -22.99 32.81
CA GLU G 61 -40.21 -24.18 32.60
C GLU G 61 -38.86 -24.04 33.30
N ILE G 62 -38.20 -22.90 33.09
CA ILE G 62 -36.88 -22.72 33.67
C ILE G 62 -36.96 -22.60 35.19
N LEU G 63 -38.00 -21.93 35.70
CA LEU G 63 -38.12 -21.85 37.16
C LEU G 63 -38.52 -23.19 37.77
N GLU G 64 -39.25 -24.03 37.02
CA GLU G 64 -39.58 -25.35 37.52
C GLU G 64 -38.35 -26.23 37.64
N LEU G 65 -37.49 -26.23 36.63
CA LEU G 65 -36.27 -26.99 36.78
C LEU G 65 -35.27 -26.32 37.71
N ALA G 66 -35.45 -25.04 38.02
CA ALA G 66 -34.60 -24.38 39.01
C ALA G 66 -34.97 -24.81 40.42
N GLY G 67 -36.28 -24.85 40.73
CA GLY G 67 -36.71 -25.11 42.09
C GLY G 67 -36.35 -26.48 42.62
N ASN G 68 -36.26 -27.48 41.73
CA ASN G 68 -35.84 -28.81 42.14
C ASN G 68 -34.40 -28.80 42.64
N ALA G 69 -33.50 -28.17 41.89
CA ALA G 69 -32.12 -28.07 42.34
C ALA G 69 -31.98 -27.22 43.58
N ALA G 70 -32.86 -26.21 43.72
CA ALA G 70 -32.88 -25.38 44.92
C ALA G 70 -33.22 -26.20 46.16
N ARG G 71 -34.27 -27.03 46.07
CA ARG G 71 -34.63 -27.85 47.23
C ARG G 71 -33.68 -29.01 47.43
N ASP G 72 -33.01 -29.47 46.37
CA ASP G 72 -32.10 -30.60 46.52
C ASP G 72 -30.80 -30.16 47.20
N ASN G 73 -30.34 -28.95 46.93
CA ASN G 73 -29.15 -28.46 47.61
C ASN G 73 -29.48 -27.56 48.78
N LYS G 74 -30.69 -27.70 49.35
CA LYS G 74 -31.04 -27.32 50.71
C LYS G 74 -31.19 -25.80 50.91
N LYS G 75 -30.85 -25.01 49.90
CA LYS G 75 -31.13 -23.58 50.00
C LYS G 75 -32.59 -23.32 49.67
N THR G 76 -33.05 -22.10 49.94
CA THR G 76 -34.42 -21.72 49.64
C THR G 76 -34.52 -20.48 48.76
N ARG G 77 -33.42 -20.01 48.18
CA ARG G 77 -33.47 -18.83 47.33
C ARG G 77 -32.50 -19.04 46.18
N ILE G 78 -33.03 -18.96 44.96
CA ILE G 78 -32.35 -19.50 43.78
C ILE G 78 -31.16 -18.64 43.39
N ILE G 79 -30.05 -19.28 43.08
CA ILE G 79 -28.79 -18.62 42.77
C ILE G 79 -28.41 -18.98 41.34
N PRO G 80 -27.52 -18.19 40.71
CA PRO G 80 -27.12 -18.52 39.33
C PRO G 80 -26.45 -19.86 39.13
N ARG G 81 -25.80 -20.43 40.14
CA ARG G 81 -25.27 -21.79 40.01
C ARG G 81 -26.39 -22.79 39.84
N HIS G 82 -27.49 -22.59 40.58
CA HIS G 82 -28.68 -23.41 40.42
C HIS G 82 -29.26 -23.24 39.03
N LEU G 83 -29.24 -22.00 38.53
CA LEU G 83 -29.74 -21.76 37.17
C LEU G 83 -28.87 -22.43 36.11
N GLN G 84 -27.55 -22.36 36.27
CA GLN G 84 -26.61 -22.99 35.35
C GLN G 84 -26.83 -24.50 35.30
N LEU G 85 -26.98 -25.12 36.46
CA LEU G 85 -27.20 -26.57 36.49
C LEU G 85 -28.58 -26.93 35.97
N ALA G 86 -29.58 -26.09 36.25
CA ALA G 86 -30.94 -26.35 35.79
C ALA G 86 -31.03 -26.24 34.28
N VAL G 87 -30.24 -25.37 33.68
CA VAL G 87 -30.22 -25.31 32.22
C VAL G 87 -29.42 -26.46 31.65
N ARG G 88 -28.18 -26.64 32.11
CA ARG G 88 -27.27 -27.56 31.46
C ARG G 88 -27.61 -29.02 31.69
N ASN G 89 -28.36 -29.35 32.74
CA ASN G 89 -28.71 -30.75 32.95
C ASN G 89 -29.74 -31.26 31.97
N ASP G 90 -30.53 -30.37 31.37
CA ASP G 90 -31.59 -30.83 30.49
C ASP G 90 -31.03 -31.18 29.12
N GLU G 91 -31.77 -32.00 28.38
CA GLU G 91 -31.36 -32.42 27.05
C GLU G 91 -31.70 -31.39 25.99
N GLU G 92 -32.90 -30.82 26.04
CA GLU G 92 -33.36 -29.94 24.96
C GLU G 92 -33.22 -28.46 25.29
N LEU G 93 -33.22 -28.08 26.56
CA LEU G 93 -32.85 -26.71 26.90
C LEU G 93 -31.40 -26.43 26.60
N ASN G 94 -30.54 -27.44 26.64
CA ASN G 94 -29.15 -27.27 26.25
C ASN G 94 -29.03 -27.01 24.76
N LYS G 95 -29.97 -27.51 23.96
CA LYS G 95 -29.97 -27.21 22.54
C LYS G 95 -30.63 -25.86 22.26
N LEU G 96 -31.57 -25.45 23.11
CA LEU G 96 -32.14 -24.11 22.98
C LEU G 96 -31.10 -23.05 23.30
N LEU G 97 -30.60 -23.03 24.52
CA LEU G 97 -29.53 -22.11 24.89
C LEU G 97 -28.22 -22.72 24.42
N GLY G 98 -27.95 -22.53 23.13
CA GLY G 98 -26.87 -23.21 22.44
C GLY G 98 -25.50 -22.86 22.95
N ARG G 99 -25.08 -21.62 22.73
CA ARG G 99 -23.88 -21.12 23.39
C ARG G 99 -24.27 -19.81 24.08
N VAL G 100 -24.44 -19.91 25.39
CA VAL G 100 -24.71 -18.77 26.24
C VAL G 100 -23.83 -18.90 27.46
N THR G 101 -22.94 -17.94 27.65
CA THR G 101 -22.19 -17.87 28.89
C THR G 101 -23.07 -17.21 29.93
N ILE G 102 -23.46 -17.96 30.93
CA ILE G 102 -24.20 -17.40 32.05
C ILE G 102 -23.19 -16.93 33.07
N ALA G 103 -23.37 -15.71 33.57
CA ALA G 103 -22.49 -15.19 34.59
C ALA G 103 -22.63 -15.99 35.88
N GLN G 104 -21.52 -16.09 36.62
CA GLN G 104 -21.40 -16.89 37.84
C GLN G 104 -21.74 -18.35 37.60
N GLY G 105 -21.42 -18.86 36.42
CA GLY G 105 -21.98 -20.12 35.98
C GLY G 105 -21.36 -21.38 36.55
N GLY G 106 -20.10 -21.63 36.22
CA GLY G 106 -19.50 -22.92 36.48
C GLY G 106 -19.96 -23.95 35.46
N VAL G 107 -19.39 -25.15 35.56
CA VAL G 107 -19.64 -26.19 34.59
C VAL G 107 -20.25 -27.39 35.28
N LEU G 108 -20.64 -28.37 34.47
CA LEU G 108 -21.10 -29.64 35.00
C LEU G 108 -19.92 -30.43 35.57
N PRO G 109 -20.12 -31.16 36.67
CA PRO G 109 -19.07 -32.08 37.14
C PRO G 109 -18.92 -33.22 36.17
N ASN G 110 -17.75 -33.32 35.55
CA ASN G 110 -17.46 -34.42 34.63
C ASN G 110 -15.96 -34.62 34.58
N ILE G 111 -15.52 -35.85 34.80
CA ILE G 111 -14.13 -36.25 34.62
C ILE G 111 -14.13 -37.38 33.60
N GLN G 112 -13.21 -37.31 32.64
CA GLN G 112 -13.07 -38.38 31.66
C GLN G 112 -12.71 -39.69 32.33
N SER G 113 -13.31 -40.78 31.87
CA SER G 113 -13.24 -42.06 32.55
C SER G 113 -11.94 -42.81 32.31
N VAL G 114 -10.99 -42.22 31.57
CA VAL G 114 -9.70 -42.84 31.34
C VAL G 114 -8.61 -42.20 32.18
N LEU G 115 -8.98 -41.42 33.19
CA LEU G 115 -8.02 -40.83 34.09
C LEU G 115 -8.21 -41.27 35.54
N LEU G 116 -9.20 -42.10 35.81
CA LEU G 116 -9.36 -42.63 37.16
C LEU G 116 -8.34 -43.73 37.40
N PRO G 117 -7.65 -43.74 38.55
CA PRO G 117 -6.54 -44.67 38.79
C PRO G 117 -6.99 -46.12 39.01
N LYS H 28 -35.37 9.56 38.71
CA LYS H 28 -36.20 10.48 37.95
C LYS H 28 -36.53 9.94 36.56
N THR H 29 -36.39 8.63 36.40
CA THR H 29 -36.73 7.98 35.14
C THR H 29 -37.61 6.76 35.37
N ARG H 30 -37.84 5.99 34.32
CA ARG H 30 -38.55 4.73 34.42
C ARG H 30 -37.70 3.64 33.78
N LYS H 31 -38.14 2.39 33.93
CA LYS H 31 -37.31 1.28 33.51
C LYS H 31 -38.19 0.07 33.24
N GLU H 32 -37.88 -0.63 32.15
CA GLU H 32 -38.70 -1.75 31.70
C GLU H 32 -38.14 -3.05 32.26
N SER H 33 -38.43 -3.30 33.53
CA SER H 33 -38.04 -4.53 34.18
C SER H 33 -39.24 -5.47 34.25
N TYR H 34 -38.94 -6.76 34.39
CA TYR H 34 -39.98 -7.79 34.51
C TYR H 34 -39.92 -8.46 35.88
N ALA H 35 -39.59 -7.70 36.91
CA ALA H 35 -39.30 -8.31 38.21
C ALA H 35 -40.56 -8.80 38.91
N ILE H 36 -41.61 -8.00 38.89
CA ILE H 36 -42.84 -8.34 39.60
C ILE H 36 -43.56 -9.50 38.90
N TYR H 37 -43.32 -9.66 37.61
CA TYR H 37 -43.99 -10.69 36.85
C TYR H 37 -43.36 -12.06 37.13
N VAL H 38 -42.04 -12.10 37.17
CA VAL H 38 -41.34 -13.31 37.53
C VAL H 38 -41.56 -13.65 39.01
N TYR H 39 -41.71 -12.62 39.86
CA TYR H 39 -42.18 -12.82 41.23
C TYR H 39 -43.49 -13.59 41.29
N LYS H 40 -44.49 -13.13 40.52
CA LYS H 40 -45.80 -13.77 40.60
C LYS H 40 -45.79 -15.17 40.01
N VAL H 41 -45.02 -15.38 38.93
CA VAL H 41 -44.93 -16.73 38.37
C VAL H 41 -44.20 -17.66 39.34
N LEU H 42 -43.22 -17.14 40.06
CA LEU H 42 -42.50 -17.95 41.03
C LEU H 42 -43.39 -18.29 42.22
N LYS H 43 -44.26 -17.35 42.62
CA LYS H 43 -45.25 -17.68 43.64
C LYS H 43 -46.18 -18.78 43.18
N GLN H 44 -46.62 -18.73 41.92
CA GLN H 44 -47.57 -19.73 41.47
C GLN H 44 -46.93 -21.06 41.08
N VAL H 45 -45.60 -21.16 41.03
CA VAL H 45 -44.98 -22.46 40.78
C VAL H 45 -44.29 -23.05 42.01
N HIS H 46 -43.88 -22.23 42.97
CA HIS H 46 -43.38 -22.76 44.22
C HIS H 46 -43.91 -21.87 45.34
N PRO H 47 -44.69 -22.42 46.26
CA PRO H 47 -45.42 -21.57 47.19
C PRO H 47 -44.55 -20.93 48.25
N ASP H 48 -43.34 -21.42 48.46
CA ASP H 48 -42.57 -21.07 49.65
C ASP H 48 -41.09 -20.84 49.33
N THR H 49 -40.81 -20.08 48.28
CA THR H 49 -39.43 -19.68 48.04
C THR H 49 -39.42 -18.28 47.44
N GLY H 50 -38.23 -17.69 47.41
CA GLY H 50 -38.03 -16.39 46.80
C GLY H 50 -36.93 -16.45 45.76
N ILE H 51 -36.40 -15.29 45.35
CA ILE H 51 -35.37 -15.26 44.32
C ILE H 51 -34.51 -14.02 44.55
N SER H 52 -33.22 -14.16 44.27
CA SER H 52 -32.27 -13.10 44.54
C SER H 52 -32.28 -12.08 43.43
N SER H 53 -31.41 -11.08 43.54
CA SER H 53 -31.37 -10.00 42.55
C SER H 53 -30.73 -10.47 41.25
N LYS H 54 -29.59 -11.15 41.36
CA LYS H 54 -28.83 -11.55 40.18
C LYS H 54 -29.59 -12.59 39.35
N ALA H 55 -30.30 -13.49 40.02
CA ALA H 55 -31.15 -14.42 39.30
C ALA H 55 -32.32 -13.71 38.65
N MET H 56 -32.81 -12.63 39.27
CA MET H 56 -33.86 -11.84 38.65
C MET H 56 -33.37 -11.14 37.40
N SER H 57 -32.14 -10.64 37.44
CA SER H 57 -31.57 -9.99 36.26
C SER H 57 -31.28 -10.99 35.15
N ILE H 58 -30.88 -12.21 35.50
CA ILE H 58 -30.68 -13.24 34.50
C ILE H 58 -31.99 -13.63 33.84
N MET H 59 -33.06 -13.73 34.63
CA MET H 59 -34.34 -14.04 33.99
C MET H 59 -34.87 -12.87 33.16
N ASN H 60 -34.57 -11.64 33.57
CA ASN H 60 -34.96 -10.47 32.80
C ASN H 60 -34.30 -10.47 31.42
N SER H 61 -32.98 -10.69 31.39
CA SER H 61 -32.26 -10.76 30.12
C SER H 61 -32.68 -11.97 29.31
N PHE H 62 -33.02 -13.08 29.97
CA PHE H 62 -33.47 -14.25 29.25
C PHE H 62 -34.78 -14.01 28.54
N VAL H 63 -35.73 -13.35 29.21
CA VAL H 63 -37.02 -13.12 28.57
C VAL H 63 -36.88 -12.10 27.45
N ASN H 64 -36.05 -11.06 27.64
CA ASN H 64 -35.81 -10.11 26.55
C ASN H 64 -35.18 -10.77 25.34
N ASP H 65 -34.24 -11.70 25.56
CA ASP H 65 -33.55 -12.32 24.45
C ASP H 65 -34.46 -13.26 23.68
N VAL H 66 -35.28 -14.03 24.39
CA VAL H 66 -36.21 -14.93 23.72
C VAL H 66 -37.27 -14.13 22.97
N PHE H 67 -37.68 -13.00 23.53
CA PHE H 67 -38.62 -12.12 22.86
C PHE H 67 -38.05 -11.57 21.55
N GLU H 68 -36.79 -11.15 21.58
CA GLU H 68 -36.19 -10.58 20.38
C GLU H 68 -35.99 -11.63 19.30
N ARG H 69 -35.57 -12.84 19.67
CA ARG H 69 -35.40 -13.88 18.65
C ARG H 69 -36.72 -14.28 18.03
N ILE H 70 -37.78 -14.42 18.83
CA ILE H 70 -39.06 -14.85 18.27
C ILE H 70 -39.68 -13.75 17.41
N ALA H 71 -39.61 -12.51 17.88
CA ALA H 71 -40.16 -11.41 17.10
C ALA H 71 -39.40 -11.19 15.80
N GLY H 72 -38.07 -11.34 15.83
CA GLY H 72 -37.30 -11.12 14.62
C GLY H 72 -37.51 -12.21 13.59
N GLU H 73 -37.63 -13.46 14.04
CA GLU H 73 -37.95 -14.54 13.10
C GLU H 73 -39.33 -14.36 12.52
N ALA H 74 -40.28 -13.89 13.33
CA ALA H 74 -41.61 -13.62 12.81
C ALA H 74 -41.59 -12.49 11.79
N SER H 75 -40.79 -11.46 12.05
CA SER H 75 -40.77 -10.32 11.13
C SER H 75 -40.12 -10.70 9.81
N ARG H 76 -39.10 -11.56 9.84
CA ARG H 76 -38.54 -12.00 8.56
C ARG H 76 -39.47 -12.93 7.82
N LEU H 77 -40.33 -13.67 8.54
CA LEU H 77 -41.40 -14.39 7.84
C LEU H 77 -42.36 -13.44 7.16
N ALA H 78 -42.74 -12.36 7.85
CA ALA H 78 -43.67 -11.39 7.27
C ALA H 78 -43.07 -10.69 6.07
N HIS H 79 -41.77 -10.47 6.08
CA HIS H 79 -41.14 -9.87 4.93
C HIS H 79 -40.95 -10.87 3.79
N TYR H 80 -40.73 -12.15 4.10
CA TYR H 80 -40.58 -13.15 3.04
C TYR H 80 -41.88 -13.37 2.30
N ASN H 81 -43.00 -13.34 3.01
CA ASN H 81 -44.26 -13.73 2.39
C ASN H 81 -45.03 -12.56 1.81
N LYS H 82 -44.39 -11.39 1.67
CA LYS H 82 -44.95 -10.22 0.99
C LYS H 82 -46.25 -9.74 1.62
N ARG H 83 -46.37 -9.87 2.94
CA ARG H 83 -47.55 -9.41 3.65
C ARG H 83 -47.09 -8.50 4.76
N SER H 84 -48.01 -7.70 5.29
CA SER H 84 -47.62 -6.57 6.12
C SER H 84 -48.25 -6.61 7.50
N THR H 85 -48.47 -7.79 8.07
CA THR H 85 -49.07 -7.88 9.40
C THR H 85 -48.57 -9.13 10.11
N ILE H 86 -48.03 -8.96 11.31
CA ILE H 86 -47.69 -10.08 12.18
C ILE H 86 -48.97 -10.55 12.86
N THR H 87 -49.28 -11.83 12.73
CA THR H 87 -50.46 -12.40 13.39
C THR H 87 -50.06 -13.58 14.25
N SER H 88 -51.10 -14.21 14.80
CA SER H 88 -50.91 -15.39 15.63
C SER H 88 -50.31 -16.54 14.85
N ARG H 89 -50.65 -16.65 13.56
CA ARG H 89 -50.10 -17.75 12.77
C ARG H 89 -48.61 -17.56 12.52
N GLU H 90 -48.17 -16.32 12.31
CA GLU H 90 -46.73 -16.10 12.12
C GLU H 90 -45.98 -16.27 13.44
N ILE H 91 -46.57 -15.88 14.57
CA ILE H 91 -45.88 -16.13 15.83
C ILE H 91 -45.79 -17.63 16.10
N GLN H 92 -46.82 -18.38 15.70
CA GLN H 92 -46.79 -19.82 15.85
C GLN H 92 -45.71 -20.46 14.99
N THR H 93 -45.52 -19.97 13.77
CA THR H 93 -44.48 -20.54 12.93
C THR H 93 -43.09 -20.14 13.41
N ALA H 94 -42.95 -18.96 14.02
CA ALA H 94 -41.67 -18.61 14.63
C ALA H 94 -41.36 -19.51 15.82
N VAL H 95 -42.38 -19.88 16.58
CA VAL H 95 -42.18 -20.80 17.70
C VAL H 95 -41.77 -22.18 17.22
N ARG H 96 -42.49 -22.70 16.22
CA ARG H 96 -42.15 -24.03 15.69
C ARG H 96 -40.78 -24.06 15.01
N LEU H 97 -40.31 -22.94 14.47
CA LEU H 97 -38.95 -22.95 13.93
C LEU H 97 -37.92 -22.88 15.04
N LEU H 98 -38.08 -21.94 15.96
CA LEU H 98 -36.99 -21.65 16.88
C LEU H 98 -36.85 -22.72 17.96
N LEU H 99 -37.96 -23.25 18.47
CA LEU H 99 -37.77 -24.13 19.62
C LEU H 99 -37.49 -25.56 19.18
N PRO H 100 -36.85 -26.36 20.01
CA PRO H 100 -36.77 -27.81 19.76
C PRO H 100 -38.06 -28.50 20.17
N GLY H 101 -38.18 -29.77 19.75
CA GLY H 101 -39.44 -30.50 19.62
C GLY H 101 -40.48 -30.53 20.72
N GLU H 102 -40.14 -31.17 21.85
CA GLU H 102 -41.13 -31.39 22.90
C GLU H 102 -41.53 -30.08 23.55
N LEU H 103 -40.57 -29.21 23.75
CA LEU H 103 -40.85 -27.90 24.31
C LEU H 103 -41.65 -27.05 23.33
N ALA H 104 -41.47 -27.30 22.02
CA ALA H 104 -42.27 -26.62 21.02
C ALA H 104 -43.72 -27.04 21.09
N LYS H 105 -44.00 -28.34 21.23
CA LYS H 105 -45.39 -28.78 21.33
C LYS H 105 -46.06 -28.26 22.58
N HIS H 106 -45.32 -28.20 23.69
CA HIS H 106 -45.85 -27.61 24.91
C HIS H 106 -46.20 -26.14 24.72
N ALA H 107 -45.29 -25.36 24.13
CA ALA H 107 -45.53 -23.94 23.97
C ALA H 107 -46.64 -23.65 22.98
N VAL H 108 -46.77 -24.46 21.93
CA VAL H 108 -47.85 -24.29 20.96
C VAL H 108 -49.21 -24.56 21.60
N SER H 109 -49.30 -25.60 22.43
CA SER H 109 -50.58 -25.88 23.09
C SER H 109 -50.94 -24.79 24.09
N GLU H 110 -49.95 -24.27 24.82
CA GLU H 110 -50.20 -23.18 25.77
C GLU H 110 -50.69 -21.93 25.06
N GLY H 111 -50.06 -21.58 23.94
CA GLY H 111 -50.47 -20.40 23.21
C GLY H 111 -51.86 -20.51 22.62
N THR H 112 -52.18 -21.67 22.04
CA THR H 112 -53.49 -21.83 21.42
C THR H 112 -54.60 -21.81 22.47
N LYS H 113 -54.33 -22.39 23.64
CA LYS H 113 -55.28 -22.30 24.75
C LYS H 113 -55.51 -20.87 25.18
N ALA H 114 -54.43 -20.08 25.27
CA ALA H 114 -54.58 -18.69 25.70
C ALA H 114 -55.34 -17.86 24.69
N VAL H 115 -55.12 -18.09 23.40
CA VAL H 115 -55.83 -17.32 22.38
C VAL H 115 -57.30 -17.67 22.35
N THR H 116 -57.64 -18.96 22.46
CA THR H 116 -59.05 -19.34 22.44
C THR H 116 -59.79 -18.85 23.67
N CYS H 117 -59.17 -18.94 24.85
CA CYS H 117 -59.82 -18.38 26.03
C CYS H 117 -59.85 -16.86 26.04
N TYR H 118 -58.97 -16.21 25.27
CA TYR H 118 -59.10 -14.77 25.08
C TYR H 118 -60.32 -14.43 24.25
N THR H 119 -60.44 -15.07 23.08
CA THR H 119 -61.41 -14.60 22.11
C THR H 119 -62.83 -15.14 22.34
N SER H 120 -62.98 -16.27 23.03
CA SER H 120 -64.33 -16.78 23.28
C SER H 120 -65.06 -15.92 24.30
N ALA H 121 -64.44 -15.69 25.45
CA ALA H 121 -65.02 -14.83 26.49
C ALA H 121 -64.69 -13.36 26.26
N LYS H 122 -64.29 -12.99 25.05
CA LYS H 122 -64.05 -11.60 24.68
C LYS H 122 -65.37 -10.82 24.70
N ALA K 11 48.40 9.63 7.24
CA ALA K 11 48.27 8.37 6.52
C ALA K 11 48.14 8.61 5.02
N ARG K 12 48.05 9.88 4.65
CA ARG K 12 48.02 10.24 3.22
C ARG K 12 49.40 10.18 2.60
N ALA K 13 50.45 10.46 3.38
CA ALA K 13 51.82 10.31 2.92
C ALA K 13 52.19 8.86 2.70
N GLU K 14 51.48 7.93 3.32
CA GLU K 14 51.60 6.52 2.98
C GLU K 14 51.14 6.27 1.55
N VAL K 15 51.67 5.20 0.96
CA VAL K 15 51.62 4.98 -0.47
C VAL K 15 50.79 3.72 -0.72
N HIS K 16 49.68 3.60 0.02
CA HIS K 16 48.68 2.54 -0.15
C HIS K 16 48.26 2.37 -1.61
N LEU K 17 48.58 1.22 -2.19
CA LEU K 17 48.25 0.92 -3.58
C LEU K 17 47.47 -0.38 -3.72
N ARG K 18 46.40 -0.50 -2.93
CA ARG K 18 45.36 -1.51 -3.11
C ARG K 18 44.33 -1.07 -4.17
N LYS K 19 44.59 0.07 -4.82
CA LYS K 19 43.61 0.87 -5.53
C LYS K 19 42.92 0.17 -6.70
N SER K 20 43.65 -0.14 -7.76
CA SER K 20 43.06 -0.62 -9.00
C SER K 20 43.81 -1.87 -9.46
N ALA K 21 43.31 -3.02 -9.04
CA ALA K 21 43.77 -4.31 -9.54
C ALA K 21 42.63 -5.13 -10.11
N PHE K 22 41.39 -4.70 -9.97
CA PHE K 22 40.22 -5.40 -10.47
C PHE K 22 39.43 -4.46 -11.37
N ASP K 23 38.33 -4.96 -11.91
CA ASP K 23 37.47 -4.10 -12.72
C ASP K 23 36.64 -3.15 -11.85
N MET K 24 35.76 -2.41 -12.52
CA MET K 24 35.18 -1.20 -11.94
C MET K 24 34.08 -1.52 -10.92
N PHE K 25 33.45 -2.69 -11.02
CA PHE K 25 32.19 -2.93 -10.33
C PHE K 25 32.39 -3.22 -8.84
N ASN K 26 31.37 -2.92 -8.03
CA ASN K 26 31.25 -3.44 -6.67
C ASN K 26 29.79 -3.65 -6.30
N PHE K 27 29.55 -4.63 -5.43
CA PHE K 27 28.58 -4.50 -4.35
C PHE K 27 29.05 -5.34 -3.15
N LEU K 28 29.80 -4.74 -2.23
CA LEU K 28 30.23 -5.46 -1.04
C LEU K 28 29.92 -4.66 0.21
N ALA K 29 30.39 -5.19 1.35
CA ALA K 29 30.34 -4.65 2.71
C ALA K 29 28.92 -4.53 3.25
N SER K 30 27.92 -5.11 2.59
CA SER K 30 26.57 -5.12 3.12
C SER K 30 26.49 -6.03 4.34
N LYS K 31 25.47 -5.80 5.15
CA LYS K 31 25.24 -6.67 6.30
C LYS K 31 24.63 -7.98 5.81
N HIS K 32 25.50 -8.90 5.41
CA HIS K 32 25.06 -10.16 4.79
C HIS K 32 24.83 -11.24 5.82
N ARG K 33 24.10 -10.94 6.89
CA ARG K 33 23.78 -11.92 7.91
C ARG K 33 22.34 -11.68 8.34
N GLN K 34 21.39 -12.29 7.65
CA GLN K 34 20.05 -12.17 8.20
C GLN K 34 19.88 -13.12 9.39
N PRO K 35 19.75 -14.42 9.16
CA PRO K 35 19.63 -15.36 10.27
C PRO K 35 20.90 -16.17 10.47
N PRO K 36 21.11 -16.69 11.67
CA PRO K 36 21.78 -18.00 11.78
C PRO K 36 20.73 -19.10 11.86
N GLU K 37 20.80 -20.09 10.99
CA GLU K 37 19.80 -21.16 10.98
C GLU K 37 20.33 -22.43 10.33
N LEU K 61 -2.12 -26.09 -7.97
CA LEU K 61 -2.48 -24.93 -8.78
C LEU K 61 -1.96 -25.10 -10.20
N PRO K 62 -2.64 -24.51 -11.18
CA PRO K 62 -2.11 -24.52 -12.56
C PRO K 62 -0.98 -23.51 -12.72
N MET K 63 -0.46 -23.45 -13.94
CA MET K 63 0.80 -22.77 -14.20
C MET K 63 0.73 -21.23 -14.18
N PRO K 64 -0.15 -20.54 -14.94
CA PRO K 64 -0.01 -19.08 -15.01
C PRO K 64 -0.42 -18.34 -13.75
N MET K 65 -1.29 -18.93 -12.92
CA MET K 65 -1.60 -18.32 -11.62
C MET K 65 -0.36 -18.27 -10.74
N ARG K 66 0.40 -19.35 -10.73
CA ARG K 66 1.65 -19.32 -10.01
C ARG K 66 2.68 -18.45 -10.68
N PHE K 67 2.57 -18.23 -12.00
CA PHE K 67 3.43 -17.26 -12.65
C PHE K 67 3.13 -15.84 -12.17
N ARG K 68 1.84 -15.55 -11.96
CA ARG K 68 1.44 -14.29 -11.35
C ARG K 68 1.96 -14.17 -9.93
N HIS K 69 1.81 -15.24 -9.15
CA HIS K 69 2.39 -15.36 -7.81
C HIS K 69 3.89 -15.10 -7.82
N LEU K 70 4.57 -15.59 -8.86
CA LEU K 70 6.01 -15.42 -9.01
C LEU K 70 6.39 -13.96 -9.19
N LYS K 71 5.73 -13.31 -10.14
CA LYS K 71 5.97 -11.89 -10.39
C LYS K 71 5.61 -11.03 -9.20
N LYS K 72 4.65 -11.50 -8.37
CA LYS K 72 4.35 -10.83 -7.12
C LYS K 72 5.52 -10.94 -6.14
N THR K 73 5.87 -12.16 -5.75
CA THR K 73 6.61 -12.39 -4.52
C THR K 73 8.10 -12.64 -4.70
N SER K 74 8.61 -12.60 -5.94
CA SER K 74 10.04 -12.81 -6.11
C SER K 74 10.88 -11.66 -5.55
N LYS K 75 10.29 -10.48 -5.36
CA LYS K 75 11.03 -9.38 -4.75
C LYS K 75 11.22 -9.62 -3.26
N GLU K 76 10.17 -10.05 -2.58
CA GLU K 76 10.24 -10.25 -1.14
C GLU K 76 10.85 -11.58 -0.75
N ALA K 77 10.98 -12.52 -1.68
CA ALA K 77 11.53 -13.82 -1.34
C ALA K 77 13.04 -13.76 -1.10
N VAL K 78 13.80 -13.24 -2.07
CA VAL K 78 15.23 -13.47 -2.12
C VAL K 78 16.02 -12.19 -1.88
N GLY K 79 17.35 -12.29 -1.90
CA GLY K 79 18.21 -11.15 -1.69
C GLY K 79 19.67 -11.42 -2.03
N VAL K 80 20.33 -10.41 -2.59
CA VAL K 80 21.72 -10.52 -3.02
C VAL K 80 22.59 -9.82 -1.99
N TYR K 81 23.58 -10.54 -1.47
CA TYR K 81 24.41 -10.02 -0.39
C TYR K 81 25.82 -10.57 -0.50
N ARG K 82 26.68 -10.18 0.44
CA ARG K 82 28.11 -10.47 0.41
C ARG K 82 28.36 -11.93 0.80
N SER K 83 28.76 -12.74 -0.17
CA SER K 83 28.97 -14.14 0.11
C SER K 83 30.34 -14.39 0.73
N PRO K 84 30.48 -15.43 1.55
CA PRO K 84 31.82 -15.92 1.87
C PRO K 84 32.36 -16.87 0.82
N ILE K 85 31.52 -17.38 -0.09
CA ILE K 85 32.00 -18.31 -1.10
C ILE K 85 32.86 -17.59 -2.13
N HIS K 86 32.28 -16.66 -2.88
CA HIS K 86 33.04 -15.92 -3.88
C HIS K 86 32.33 -14.59 -4.11
N GLY K 87 32.80 -13.53 -3.45
CA GLY K 87 32.21 -12.23 -3.65
C GLY K 87 30.81 -12.13 -3.09
N ARG K 88 29.83 -12.14 -3.99
CA ARG K 88 28.44 -12.01 -3.63
C ARG K 88 27.68 -13.30 -3.94
N GLY K 89 26.42 -13.31 -3.52
CA GLY K 89 25.58 -14.45 -3.80
C GLY K 89 24.13 -14.10 -3.50
N LEU K 90 23.25 -15.00 -3.90
CA LEU K 90 21.82 -14.84 -3.68
C LEU K 90 21.44 -15.58 -2.41
N PHE K 91 21.00 -14.86 -1.39
CA PHE K 91 20.55 -15.46 -0.14
C PHE K 91 19.13 -16.01 -0.28
N CYS K 92 18.52 -16.32 0.86
CA CYS K 92 17.12 -16.70 0.93
C CYS K 92 16.57 -16.29 2.28
N LYS K 93 15.36 -15.76 2.30
CA LYS K 93 14.77 -15.24 3.53
C LYS K 93 13.48 -15.94 3.93
N ARG K 94 12.58 -16.21 2.99
CA ARG K 94 11.34 -16.88 3.29
C ARG K 94 11.53 -18.39 3.19
N ASN K 95 10.96 -19.11 4.14
CA ASN K 95 11.17 -20.55 4.21
C ASN K 95 10.38 -21.26 3.11
N ILE K 96 11.10 -21.81 2.15
CA ILE K 96 10.56 -22.28 0.90
C ILE K 96 10.23 -23.77 1.02
N ASP K 97 9.04 -24.16 0.61
CA ASP K 97 8.72 -25.58 0.51
C ASP K 97 9.23 -26.15 -0.81
N ALA K 98 9.46 -27.46 -0.81
CA ALA K 98 10.11 -28.14 -1.92
C ALA K 98 9.18 -28.21 -3.12
N GLY K 99 9.32 -27.28 -4.05
CA GLY K 99 8.59 -27.37 -5.29
C GLY K 99 8.10 -26.05 -5.84
N GLU K 100 8.13 -24.98 -5.05
CA GLU K 100 7.51 -23.75 -5.50
C GLU K 100 8.46 -22.98 -6.41
N MET K 101 7.92 -21.92 -7.00
CA MET K 101 8.70 -21.03 -7.83
C MET K 101 9.44 -20.01 -6.98
N VAL K 102 10.62 -19.59 -7.44
CA VAL K 102 11.45 -18.69 -6.66
C VAL K 102 11.59 -17.34 -7.36
N ILE K 103 12.12 -17.33 -8.58
CA ILE K 103 12.33 -16.10 -9.32
C ILE K 103 12.39 -16.44 -10.80
N GLU K 104 12.22 -15.44 -11.65
CA GLU K 104 12.42 -15.59 -13.09
C GLU K 104 13.73 -14.92 -13.47
N TYR K 105 14.59 -15.67 -14.16
CA TYR K 105 15.90 -15.15 -14.55
C TYR K 105 15.73 -14.45 -15.88
N ALA K 106 15.37 -13.17 -15.83
CA ALA K 106 15.00 -12.41 -17.02
C ALA K 106 15.99 -11.28 -17.26
N GLY K 107 16.17 -10.96 -18.54
CA GLY K 107 17.01 -9.87 -18.97
C GLY K 107 16.76 -9.52 -20.41
N ASN K 108 17.79 -9.06 -21.11
CA ASN K 108 17.66 -8.82 -22.55
C ASN K 108 17.54 -10.16 -23.28
N VAL K 109 17.04 -10.10 -24.50
CA VAL K 109 16.82 -11.29 -25.31
C VAL K 109 17.69 -11.19 -26.56
N ILE K 110 18.59 -12.16 -26.74
CA ILE K 110 19.47 -12.20 -27.89
C ILE K 110 19.33 -13.56 -28.58
N ARG K 111 19.89 -13.64 -29.78
CA ARG K 111 19.96 -14.87 -30.56
C ARG K 111 21.38 -15.41 -30.51
N SER K 112 21.64 -16.45 -31.32
CA SER K 112 22.91 -17.16 -31.27
C SER K 112 24.06 -16.42 -31.96
N ILE K 113 23.77 -15.40 -32.76
CA ILE K 113 24.84 -14.74 -33.50
C ILE K 113 25.61 -13.78 -32.61
N GLN K 114 24.93 -13.02 -31.75
CA GLN K 114 25.55 -11.89 -31.08
C GLN K 114 26.46 -12.28 -29.92
N THR K 115 26.67 -13.58 -29.70
CA THR K 115 27.42 -14.07 -28.56
C THR K 115 28.87 -13.62 -28.60
N ASP K 116 29.56 -13.92 -29.70
CA ASP K 116 30.99 -13.62 -29.80
C ASP K 116 31.24 -12.12 -29.85
N LYS K 117 30.34 -11.38 -30.51
CA LYS K 117 30.44 -9.93 -30.59
C LYS K 117 30.29 -9.28 -29.21
N ARG K 118 29.25 -9.69 -28.47
CA ARG K 118 29.06 -9.15 -27.12
C ARG K 118 30.15 -9.62 -26.17
N GLU K 119 30.67 -10.83 -26.35
CA GLU K 119 31.77 -11.30 -25.52
C GLU K 119 33.05 -10.52 -25.77
N LYS K 120 33.33 -10.20 -27.04
CA LYS K 120 34.49 -9.37 -27.35
C LYS K 120 34.32 -7.96 -26.80
N TYR K 121 33.11 -7.42 -26.84
CA TYR K 121 32.88 -6.09 -26.28
C TYR K 121 33.02 -6.08 -24.75
N TYR K 122 32.47 -7.09 -24.09
CA TYR K 122 32.51 -7.14 -22.63
C TYR K 122 33.89 -7.48 -22.13
N ASP K 123 34.67 -8.20 -22.93
CA ASP K 123 36.07 -8.42 -22.61
C ASP K 123 36.91 -7.17 -22.86
N SER K 124 36.53 -6.37 -23.86
CA SER K 124 37.23 -5.12 -24.12
C SER K 124 37.02 -4.11 -23.01
N LYS K 125 35.80 -4.03 -22.49
CA LYS K 125 35.54 -3.11 -21.39
C LYS K 125 35.90 -3.69 -20.03
N GLY K 126 36.32 -4.95 -19.97
CA GLY K 126 36.66 -5.59 -18.71
C GLY K 126 35.43 -5.88 -17.87
N ILE K 127 34.44 -6.55 -18.48
CA ILE K 127 33.17 -6.83 -17.84
C ILE K 127 32.91 -8.34 -17.95
N GLY K 128 32.52 -8.96 -16.85
CA GLY K 128 32.14 -10.37 -16.89
C GLY K 128 30.86 -10.56 -17.70
N CYS K 129 30.82 -11.68 -18.42
CA CYS K 129 29.72 -11.98 -19.34
C CYS K 129 28.79 -13.01 -18.70
N TYR K 130 27.53 -12.62 -18.49
CA TYR K 130 26.51 -13.50 -17.96
C TYR K 130 25.45 -13.74 -19.01
N MET K 131 25.29 -14.99 -19.44
CA MET K 131 24.27 -15.37 -20.39
C MET K 131 23.65 -16.68 -19.96
N PHE K 132 22.47 -16.98 -20.49
CA PHE K 132 21.80 -18.24 -20.20
C PHE K 132 20.96 -18.67 -21.39
N ARG K 133 21.25 -19.85 -21.92
CA ARG K 133 20.50 -20.40 -23.03
C ARG K 133 19.17 -20.96 -22.56
N ILE K 134 18.12 -20.67 -23.32
CA ILE K 134 16.82 -21.29 -23.06
C ILE K 134 16.76 -22.67 -23.68
N ASP K 135 16.95 -22.74 -24.99
CA ASP K 135 16.61 -23.92 -25.78
C ASP K 135 17.44 -23.87 -27.07
N ASP K 136 17.00 -24.60 -28.08
CA ASP K 136 17.61 -24.53 -29.40
C ASP K 136 17.27 -23.22 -30.16
N SER K 137 16.71 -22.17 -29.58
CA SER K 137 16.38 -20.95 -30.32
C SER K 137 17.19 -19.75 -29.86
N GLU K 138 17.09 -19.34 -28.59
CA GLU K 138 17.64 -18.06 -28.16
C GLU K 138 18.20 -18.14 -26.76
N VAL K 139 18.83 -17.05 -26.35
CA VAL K 139 19.58 -16.92 -25.11
C VAL K 139 19.16 -15.61 -24.44
N VAL K 140 18.97 -15.64 -23.13
CA VAL K 140 18.62 -14.44 -22.37
C VAL K 140 19.87 -13.85 -21.76
N ASP K 141 20.14 -12.59 -22.07
CA ASP K 141 21.26 -11.85 -21.50
C ASP K 141 20.93 -11.44 -20.07
N ALA K 142 21.98 -11.10 -19.32
CA ALA K 142 21.80 -10.45 -18.03
C ALA K 142 22.81 -9.33 -17.80
N THR K 143 23.53 -8.89 -18.83
CA THR K 143 24.65 -7.99 -18.61
C THR K 143 24.20 -6.54 -18.47
N MET K 144 23.58 -5.99 -19.52
CA MET K 144 23.21 -4.59 -19.52
C MET K 144 21.84 -4.33 -18.91
N HIS K 145 20.95 -5.32 -18.99
CA HIS K 145 19.60 -5.19 -18.44
C HIS K 145 19.16 -6.55 -17.93
N GLY K 146 18.61 -6.58 -16.73
CA GLY K 146 18.21 -7.83 -16.13
C GLY K 146 17.42 -7.64 -14.85
N ASN K 147 17.69 -8.49 -13.87
CA ASN K 147 16.98 -8.48 -12.60
C ASN K 147 17.99 -8.73 -11.49
N ALA K 148 17.47 -9.06 -10.31
CA ALA K 148 18.28 -9.43 -9.16
C ALA K 148 18.60 -10.91 -9.13
N ALA K 149 18.54 -11.60 -10.27
CA ALA K 149 18.73 -13.04 -10.35
C ALA K 149 20.04 -13.44 -11.00
N ARG K 150 20.92 -12.46 -11.31
CA ARG K 150 22.23 -12.74 -11.89
C ARG K 150 23.13 -13.51 -10.94
N PHE K 151 22.89 -13.44 -9.65
CA PHE K 151 23.93 -13.59 -8.65
C PHE K 151 23.81 -14.88 -7.86
N ILE K 152 23.56 -15.99 -8.55
CA ILE K 152 23.58 -17.31 -7.96
C ILE K 152 24.90 -17.95 -8.30
N ASN K 153 25.63 -18.42 -7.29
CA ASN K 153 26.90 -19.09 -7.52
C ASN K 153 26.63 -20.55 -7.94
N HIS K 154 27.70 -21.34 -8.08
CA HIS K 154 27.56 -22.71 -8.52
C HIS K 154 27.94 -23.68 -7.41
N SER K 155 27.26 -24.82 -7.40
CA SER K 155 27.64 -25.94 -6.57
C SER K 155 27.35 -27.21 -7.35
N CYS K 156 27.68 -28.35 -6.75
CA CYS K 156 27.30 -29.64 -7.28
C CYS K 156 26.30 -30.37 -6.41
N GLU K 157 25.94 -29.80 -5.26
CA GLU K 157 24.80 -30.28 -4.51
C GLU K 157 23.75 -29.17 -4.50
N PRO K 158 22.94 -29.05 -5.55
CA PRO K 158 22.09 -27.88 -5.71
C PRO K 158 20.82 -27.98 -4.87
N ASN K 159 20.06 -26.89 -4.88
CA ASN K 159 18.72 -26.86 -4.32
C ASN K 159 17.77 -26.08 -5.22
N CYS K 160 18.09 -25.93 -6.50
CA CYS K 160 17.28 -25.22 -7.47
C CYS K 160 17.47 -25.85 -8.84
N TYR K 161 16.49 -25.64 -9.71
CA TYR K 161 16.59 -26.04 -11.12
C TYR K 161 15.59 -25.21 -11.91
N SER K 162 15.34 -25.61 -13.16
CA SER K 162 14.43 -24.86 -14.01
C SER K 162 13.80 -25.78 -15.06
N ARG K 163 12.72 -25.30 -15.67
CA ARG K 163 12.05 -25.99 -16.77
C ARG K 163 11.60 -24.95 -17.80
N VAL K 164 10.74 -25.39 -18.71
CA VAL K 164 10.24 -24.58 -19.81
C VAL K 164 8.72 -24.50 -19.69
N ILE K 165 8.19 -23.27 -19.62
CA ILE K 165 6.75 -23.08 -19.53
C ILE K 165 6.28 -22.24 -20.72
N ASN K 166 4.97 -21.95 -20.77
CA ASN K 166 4.37 -21.23 -21.89
C ASN K 166 3.42 -20.17 -21.35
N ILE K 167 3.94 -18.97 -21.12
CA ILE K 167 3.08 -17.81 -20.83
C ILE K 167 2.80 -17.14 -22.17
N ASP K 168 1.83 -17.70 -22.90
CA ASP K 168 1.35 -17.22 -24.21
C ASP K 168 2.49 -17.16 -25.24
N GLY K 169 3.03 -18.32 -25.56
CA GLY K 169 4.07 -18.39 -26.60
C GLY K 169 5.45 -17.99 -26.16
N GLN K 170 5.59 -16.84 -25.51
CA GLN K 170 6.86 -16.38 -24.94
C GLN K 170 7.22 -17.31 -23.79
N LYS K 171 8.19 -18.19 -24.03
CA LYS K 171 8.60 -19.11 -22.99
C LYS K 171 9.48 -18.38 -21.99
N HIS K 172 9.72 -19.01 -20.83
CA HIS K 172 10.40 -18.31 -19.74
C HIS K 172 11.34 -19.25 -18.99
N ILE K 173 12.04 -18.65 -18.04
CA ILE K 173 13.11 -19.28 -17.29
C ILE K 173 12.72 -19.16 -15.83
N VAL K 174 12.19 -20.24 -15.25
CA VAL K 174 11.54 -20.16 -13.95
C VAL K 174 12.32 -21.01 -12.96
N ILE K 175 12.66 -20.43 -11.82
CA ILE K 175 13.45 -21.11 -10.80
C ILE K 175 12.52 -21.85 -9.86
N PHE K 176 12.50 -23.18 -9.97
CA PHE K 176 11.81 -24.04 -9.03
C PHE K 176 12.66 -24.22 -7.78
N ALA K 177 12.32 -25.19 -6.95
CA ALA K 177 13.12 -25.55 -5.80
C ALA K 177 13.24 -27.06 -5.72
N MET K 178 14.09 -27.53 -4.81
CA MET K 178 14.31 -28.97 -4.64
C MET K 178 13.97 -29.46 -3.25
N ARG K 179 14.40 -28.74 -2.21
CA ARG K 179 14.15 -29.15 -0.83
C ARG K 179 13.81 -27.93 -0.01
N LYS K 180 13.50 -28.16 1.27
CA LYS K 180 13.05 -27.10 2.16
C LYS K 180 14.24 -26.23 2.56
N ILE K 181 14.32 -25.05 1.98
CA ILE K 181 15.43 -24.14 2.19
C ILE K 181 15.09 -23.21 3.34
N TYR K 182 16.02 -23.06 4.27
CA TYR K 182 15.78 -22.24 5.45
C TYR K 182 16.27 -20.82 5.20
N ARG K 183 16.21 -19.98 6.22
CA ARG K 183 16.62 -18.60 6.09
C ARG K 183 18.14 -18.48 6.25
N GLY K 184 18.76 -17.63 5.43
CA GLY K 184 20.16 -17.33 5.53
C GLY K 184 21.03 -18.08 4.54
N GLU K 185 20.52 -19.14 3.95
CA GLU K 185 21.28 -19.95 3.02
C GLU K 185 21.49 -19.23 1.70
N GLU K 186 22.74 -19.19 1.25
CA GLU K 186 23.03 -18.75 -0.10
C GLU K 186 22.58 -19.82 -1.09
N LEU K 187 21.91 -19.40 -2.16
CA LEU K 187 21.28 -20.34 -3.07
C LEU K 187 22.23 -20.77 -4.18
N THR K 188 21.96 -21.95 -4.73
CA THR K 188 22.82 -22.66 -5.65
C THR K 188 21.98 -23.39 -6.69
N TYR K 189 22.55 -23.61 -7.87
CA TYR K 189 21.98 -24.58 -8.79
C TYR K 189 23.06 -25.09 -9.74
N ASP K 190 22.79 -26.25 -10.32
CA ASP K 190 23.73 -26.93 -11.21
C ASP K 190 23.48 -26.47 -12.64
N TYR K 191 24.56 -26.44 -13.44
CA TYR K 191 24.54 -25.75 -14.71
C TYR K 191 24.38 -26.68 -15.90
N LYS K 192 24.24 -27.99 -15.66
CA LYS K 192 24.01 -29.01 -16.69
C LYS K 192 25.10 -29.00 -17.75
N PHE K 193 26.33 -28.76 -17.32
CA PHE K 193 27.44 -28.64 -18.27
C PHE K 193 27.85 -30.00 -18.81
N PRO K 194 27.96 -30.17 -20.12
CA PRO K 194 28.71 -31.31 -20.66
C PRO K 194 30.18 -31.16 -20.33
N ILE K 195 30.78 -32.25 -19.89
CA ILE K 195 32.16 -32.25 -19.41
C ILE K 195 33.09 -32.09 -20.61
N GLU K 196 33.66 -30.91 -20.77
CA GLU K 196 34.56 -30.64 -21.89
C GLU K 196 35.99 -31.05 -21.54
N LYS K 201 40.05 -21.95 -20.78
CA LYS K 201 39.75 -22.81 -19.62
C LYS K 201 39.61 -21.98 -18.35
N LEU K 202 38.92 -22.53 -17.37
CA LEU K 202 38.66 -21.83 -16.12
C LEU K 202 38.45 -22.84 -15.01
N PRO K 203 39.23 -22.77 -13.93
CA PRO K 203 39.09 -23.75 -12.84
C PRO K 203 37.87 -23.55 -11.98
N CYS K 204 37.75 -24.34 -10.91
CA CYS K 204 36.61 -24.27 -9.98
C CYS K 204 36.91 -23.20 -8.93
N ASN K 205 36.52 -21.97 -9.24
CA ASN K 205 36.59 -20.87 -8.27
C ASN K 205 35.24 -20.67 -7.56
N CYS K 206 34.71 -21.77 -7.01
CA CYS K 206 33.59 -21.68 -6.07
C CYS K 206 33.76 -22.58 -4.85
N GLY K 207 34.32 -23.77 -5.01
CA GLY K 207 34.56 -24.64 -3.87
C GLY K 207 33.33 -25.27 -3.23
N ALA K 208 32.70 -26.21 -3.92
CA ALA K 208 31.64 -27.02 -3.33
C ALA K 208 32.25 -28.14 -2.49
N LYS K 209 31.43 -29.09 -2.04
CA LYS K 209 31.92 -30.14 -1.15
C LYS K 209 32.36 -31.39 -1.92
N LYS K 210 31.43 -32.04 -2.61
CA LYS K 210 31.72 -33.21 -3.43
C LYS K 210 31.86 -32.85 -4.90
N CYS K 211 32.40 -31.68 -5.18
CA CYS K 211 32.54 -31.21 -6.55
C CYS K 211 33.61 -31.99 -7.29
N ARG K 212 33.53 -31.94 -8.63
CA ARG K 212 34.50 -32.57 -9.50
C ARG K 212 35.65 -31.63 -9.86
N LYS K 213 35.82 -30.54 -9.08
CA LYS K 213 36.85 -29.51 -9.28
C LYS K 213 36.74 -28.83 -10.64
N PHE K 214 35.56 -28.86 -11.25
CA PHE K 214 35.31 -28.21 -12.53
C PHE K 214 33.86 -27.78 -12.59
N LEU K 215 33.58 -26.83 -13.49
CA LEU K 215 32.19 -26.53 -13.83
C LEU K 215 31.66 -27.54 -14.84
N ASN K 216 32.49 -27.89 -15.83
CA ASN K 216 32.17 -28.92 -16.80
C ASN K 216 32.54 -30.31 -16.28
N ASN L 2 17.36 24.12 -6.34
CA ASN L 2 18.17 23.93 -5.16
C ASN L 2 18.54 22.46 -4.99
N LEU L 3 17.55 21.61 -5.15
CA LEU L 3 17.71 20.17 -4.98
C LEU L 3 18.07 19.52 -6.31
N GLU L 4 17.96 18.19 -6.36
CA GLU L 4 18.18 17.46 -7.60
C GLU L 4 17.11 17.79 -8.63
N LEU L 5 17.55 17.99 -9.88
CA LEU L 5 16.63 18.23 -10.98
C LEU L 5 16.30 16.95 -11.74
N LEU L 6 17.16 15.94 -11.69
CA LEU L 6 16.92 14.66 -12.34
C LEU L 6 16.18 13.68 -11.45
N GLU L 7 15.56 14.17 -10.37
CA GLU L 7 14.97 13.33 -9.35
C GLU L 7 13.56 12.86 -9.71
N SER L 8 12.84 13.61 -10.55
CA SER L 8 11.40 13.46 -10.73
C SER L 8 11.06 12.17 -11.47
N PHE L 9 11.13 11.06 -10.74
CA PHE L 9 10.68 9.77 -11.23
C PHE L 9 9.24 9.55 -10.76
N GLY L 10 8.35 10.40 -11.26
CA GLY L 10 6.96 10.36 -10.85
C GLY L 10 6.78 10.82 -9.42
N GLN L 11 6.96 12.12 -9.18
CA GLN L 11 6.79 12.67 -7.84
C GLN L 11 5.33 12.59 -7.40
N ASN L 12 5.13 12.59 -6.08
CA ASN L 12 3.83 12.25 -5.52
C ASN L 12 3.29 13.34 -4.60
N TYR L 13 2.22 13.01 -3.87
CA TYR L 13 1.49 13.90 -2.98
C TYR L 13 1.16 13.06 -1.74
N PRO L 14 1.35 13.64 -0.55
CA PRO L 14 1.84 12.86 0.60
C PRO L 14 0.91 11.74 1.03
N GLU L 15 1.53 10.61 1.41
CA GLU L 15 0.76 9.39 1.64
C GLU L 15 1.07 8.76 2.99
N GLU L 16 2.32 8.88 3.43
CA GLU L 16 2.82 8.06 4.51
C GLU L 16 2.92 8.86 5.81
N ALA L 17 3.56 8.27 6.82
CA ALA L 17 3.76 8.90 8.12
C ALA L 17 5.19 9.38 8.32
N ASP L 18 6.17 8.62 7.86
CA ASP L 18 7.56 9.03 7.59
C ASP L 18 8.35 9.41 8.85
N GLY L 19 7.74 9.44 10.02
CA GLY L 19 8.50 9.75 11.21
C GLY L 19 8.42 11.21 11.63
N THR L 20 8.41 11.44 12.93
CA THR L 20 8.09 12.75 13.49
C THR L 20 9.24 13.27 14.35
N LEU L 21 8.98 14.37 15.04
CA LEU L 21 9.94 14.99 15.95
C LEU L 21 9.57 14.59 17.36
N ASP L 22 10.23 13.54 17.85
CA ASP L 22 10.05 13.08 19.24
C ASP L 22 11.06 13.74 20.16
N CYS L 23 11.15 15.07 20.09
CA CYS L 23 12.21 15.80 20.79
C CYS L 23 11.66 16.68 21.90
N ILE L 24 10.77 17.61 21.58
CA ILE L 24 10.17 18.50 22.57
C ILE L 24 8.68 18.56 22.27
N SER L 25 7.87 18.23 23.28
CA SER L 25 6.42 18.24 23.16
C SER L 25 5.89 19.67 23.38
N MET L 26 4.57 19.76 23.62
CA MET L 26 3.89 20.99 24.05
C MET L 26 3.95 22.08 22.97
N ALA L 27 3.92 21.65 21.72
CA ALA L 27 3.84 22.55 20.59
C ALA L 27 2.51 23.29 20.58
N LEU L 28 2.51 24.48 20.01
CA LEU L 28 1.25 25.20 19.99
C LEU L 28 0.86 25.75 18.62
N THR L 29 1.83 26.20 17.82
CA THR L 29 1.53 26.64 16.47
C THR L 29 2.76 26.42 15.60
N CYS L 30 2.57 26.56 14.28
CA CYS L 30 3.61 26.26 13.31
C CYS L 30 3.45 27.12 12.06
N THR L 31 4.58 27.53 11.49
CA THR L 31 4.63 28.26 10.22
C THR L 31 6.03 28.18 9.62
N PHE L 32 6.09 28.16 8.29
CA PHE L 32 7.35 28.08 7.58
C PHE L 32 7.83 29.47 7.16
N ASN L 33 9.09 29.53 6.71
CA ASN L 33 9.62 30.74 6.10
C ASN L 33 9.19 30.83 4.64
N ARG L 34 9.85 31.69 3.88
CA ARG L 34 9.44 31.98 2.51
C ARG L 34 9.74 30.79 1.59
N TRP L 35 10.95 30.25 1.67
CA TRP L 35 11.33 29.18 0.75
C TRP L 35 10.86 27.82 1.21
N GLY L 36 10.61 27.66 2.51
CA GLY L 36 10.32 26.35 3.05
C GLY L 36 11.58 25.64 3.49
N THR L 37 12.37 26.30 4.34
CA THR L 37 13.58 25.71 4.88
C THR L 37 13.60 25.62 6.40
N LEU L 38 12.78 26.41 7.09
CA LEU L 38 12.74 26.40 8.55
C LEU L 38 11.30 26.25 9.02
N LEU L 39 11.13 26.14 10.34
CA LEU L 39 9.82 26.00 10.96
C LEU L 39 9.92 26.46 12.41
N ALA L 40 9.35 27.62 12.71
CA ALA L 40 9.23 28.06 14.09
C ALA L 40 8.05 27.34 14.73
N VAL L 41 8.24 26.89 15.97
CA VAL L 41 7.21 26.21 16.74
C VAL L 41 7.24 26.77 18.15
N GLY L 42 6.08 27.21 18.64
CA GLY L 42 5.99 27.75 19.99
C GLY L 42 5.76 26.65 21.02
N CYS L 43 6.35 26.84 22.19
CA CYS L 43 6.21 25.92 23.30
C CYS L 43 4.97 26.28 24.12
N ASN L 44 4.85 25.69 25.31
CA ASN L 44 3.73 25.97 26.20
C ASN L 44 4.06 27.05 27.20
N ASP L 45 5.33 27.19 27.58
CA ASP L 45 5.77 28.17 28.57
C ASP L 45 6.21 29.49 27.95
N GLY L 46 6.23 29.60 26.63
CA GLY L 46 6.65 30.83 26.00
C GLY L 46 8.01 30.77 25.35
N ARG L 47 8.30 29.66 24.68
CA ARG L 47 9.58 29.45 24.02
C ARG L 47 9.35 29.22 22.52
N ILE L 48 10.46 29.18 21.79
CA ILE L 48 10.46 29.01 20.33
C ILE L 48 11.27 27.78 20.00
N VAL L 49 10.73 26.91 19.15
CA VAL L 49 11.47 25.78 18.61
C VAL L 49 11.58 25.94 17.11
N ILE L 50 12.81 25.95 16.59
CA ILE L 50 13.05 26.08 15.16
C ILE L 50 13.74 24.82 14.69
N TRP L 51 13.20 24.21 13.64
CA TRP L 51 13.74 22.96 13.11
C TRP L 51 14.17 23.19 11.67
N ASP L 52 15.43 22.86 11.37
CA ASP L 52 15.94 22.94 10.02
C ASP L 52 15.61 21.64 9.28
N PHE L 53 15.38 21.75 7.98
CA PHE L 53 14.78 20.67 7.21
C PHE L 53 15.80 19.78 6.52
N LEU L 54 16.76 20.37 5.82
CA LEU L 54 17.69 19.58 5.00
C LEU L 54 18.58 18.71 5.86
N THR L 55 19.17 19.28 6.90
CA THR L 55 19.90 18.48 7.86
C THR L 55 18.98 17.70 8.79
N ARG L 56 17.68 18.01 8.76
CA ARG L 56 16.67 17.45 9.67
C ARG L 56 17.02 17.73 11.13
N GLY L 57 17.62 18.88 11.38
CA GLY L 57 18.21 19.20 12.67
C GLY L 57 17.50 20.35 13.34
N ILE L 58 17.50 20.31 14.68
CA ILE L 58 16.90 21.37 15.48
C ILE L 58 17.79 22.61 15.41
N ALA L 59 17.25 23.70 14.86
CA ALA L 59 18.06 24.86 14.56
C ALA L 59 18.37 25.69 15.81
N LYS L 60 17.33 26.22 16.45
CA LYS L 60 17.54 27.18 17.52
C LYS L 60 16.36 27.13 18.49
N ILE L 61 16.66 27.27 19.78
CA ILE L 61 15.64 27.35 20.82
C ILE L 61 15.78 28.71 21.51
N ILE L 62 14.71 29.51 21.45
CA ILE L 62 14.71 30.86 22.01
C ILE L 62 13.55 30.96 23.01
N SER L 63 13.87 31.38 24.24
CA SER L 63 12.86 31.55 25.29
C SER L 63 12.38 32.99 25.28
N ALA L 64 11.13 33.19 24.88
CA ALA L 64 10.61 34.56 24.72
C ALA L 64 10.11 35.14 26.03
N HIS L 65 9.05 34.57 26.58
CA HIS L 65 8.39 35.11 27.78
C HIS L 65 7.76 33.97 28.55
N ILE L 66 6.85 34.31 29.45
CA ILE L 66 6.21 33.32 30.32
C ILE L 66 4.84 32.94 29.76
N HIS L 67 4.24 33.84 28.97
CA HIS L 67 2.94 33.56 28.40
C HIS L 67 3.09 32.66 27.17
N PRO L 68 2.14 31.76 26.94
CA PRO L 68 2.26 30.81 25.82
C PRO L 68 2.16 31.50 24.46
N VAL L 69 3.01 31.07 23.54
CA VAL L 69 3.17 31.72 22.23
C VAL L 69 2.14 31.13 21.27
N CYS L 70 1.20 31.97 20.81
CA CYS L 70 0.07 31.49 20.03
C CYS L 70 -0.10 32.22 18.70
N SER L 71 0.94 32.91 18.22
CA SER L 71 0.88 33.61 16.95
C SER L 71 2.30 33.86 16.47
N LEU L 72 2.60 33.53 15.21
CA LEU L 72 3.95 33.68 14.67
C LEU L 72 3.90 34.07 13.21
N CYS L 73 4.94 34.77 12.75
CA CYS L 73 5.11 35.09 11.34
C CYS L 73 6.58 35.40 11.04
N TRP L 74 6.98 35.11 9.81
CA TRP L 74 8.33 35.36 9.31
C TRP L 74 8.36 36.61 8.44
N SER L 75 9.51 37.28 8.43
CA SER L 75 9.72 38.40 7.52
C SER L 75 9.99 37.89 6.11
N ARG L 76 10.13 38.82 5.16
CA ARG L 76 10.35 38.43 3.77
C ARG L 76 11.77 37.91 3.54
N ASP L 77 12.77 38.58 4.14
CA ASP L 77 14.13 38.07 4.08
C ASP L 77 14.32 36.83 4.94
N GLY L 78 13.43 36.62 5.91
CA GLY L 78 13.63 35.59 6.90
C GLY L 78 14.54 36.03 8.03
N HIS L 79 14.34 37.23 8.56
CA HIS L 79 15.16 37.71 9.65
C HIS L 79 14.39 38.34 10.80
N LYS L 80 13.12 38.70 10.62
CA LYS L 80 12.33 39.30 11.68
C LYS L 80 11.11 38.43 11.97
N LEU L 81 11.09 37.83 13.15
CA LEU L 81 9.92 37.14 13.66
C LEU L 81 9.04 38.10 14.43
N VAL L 82 7.76 38.11 14.11
CA VAL L 82 6.78 38.89 14.86
C VAL L 82 5.82 37.92 15.52
N SER L 83 5.36 38.28 16.71
CA SER L 83 4.56 37.39 17.53
C SER L 83 3.82 38.23 18.55
N ALA L 84 2.74 37.67 19.07
CA ALA L 84 1.97 38.30 20.14
C ALA L 84 1.16 37.21 20.85
N SER L 85 0.81 37.48 22.10
CA SER L 85 0.19 36.47 22.96
C SER L 85 -0.69 37.18 23.97
N THR L 86 -1.02 36.46 25.06
CA THR L 86 -1.66 37.05 26.23
C THR L 86 -0.74 38.00 26.99
N ASP L 87 0.54 38.04 26.66
CA ASP L 87 1.49 39.00 27.20
C ASP L 87 1.21 40.43 26.77
N ASN L 88 0.32 40.64 25.79
CA ASN L 88 -0.17 41.93 25.28
C ASN L 88 0.89 42.74 24.55
N ILE L 89 2.04 42.14 24.26
CA ILE L 89 3.23 42.87 23.82
C ILE L 89 3.40 42.75 22.33
N VAL L 90 3.56 43.89 21.66
CA VAL L 90 4.06 43.93 20.29
C VAL L 90 5.52 43.50 20.32
N SER L 91 5.81 42.29 19.83
CA SER L 91 7.16 41.76 19.86
C SER L 91 7.79 41.78 18.47
N GLN L 92 9.12 41.75 18.46
CA GLN L 92 9.87 41.61 17.23
C GLN L 92 11.23 41.00 17.55
N TRP L 93 11.59 39.95 16.83
CA TRP L 93 12.70 39.09 17.20
C TRP L 93 13.63 38.88 16.02
N ASP L 94 14.91 38.65 16.32
CA ASP L 94 15.93 38.41 15.32
C ASP L 94 16.25 36.93 15.25
N VAL L 95 16.71 36.49 14.07
CA VAL L 95 17.00 35.06 13.88
C VAL L 95 18.46 34.71 14.11
N LEU L 96 19.36 35.69 14.08
CA LEU L 96 20.74 35.41 14.42
C LEU L 96 21.00 35.54 15.91
N SER L 97 20.22 36.34 16.60
CA SER L 97 20.45 36.65 18.00
C SER L 97 19.26 36.37 18.90
N GLY L 98 18.05 36.63 18.44
CA GLY L 98 16.90 36.52 19.32
C GLY L 98 16.82 37.65 20.31
N ASP L 99 16.57 38.86 19.82
CA ASP L 99 16.59 40.06 20.64
C ASP L 99 15.19 40.66 20.77
N CYS L 100 14.92 41.22 21.95
CA CYS L 100 13.67 41.92 22.23
C CYS L 100 13.77 43.33 21.66
N ASP L 101 13.43 43.46 20.38
CA ASP L 101 13.58 44.74 19.71
C ASP L 101 12.40 45.66 19.96
N GLN L 102 11.21 45.12 20.14
CA GLN L 102 10.03 45.90 20.46
C GLN L 102 9.30 45.29 21.63
N ARG L 103 8.79 46.14 22.51
CA ARG L 103 8.14 45.68 23.74
C ARG L 103 7.11 46.73 24.15
N PHE L 104 5.86 46.49 23.77
CA PHE L 104 4.79 47.45 24.01
C PHE L 104 3.54 46.70 24.43
N ARG L 105 3.32 46.63 25.74
CA ARG L 105 2.24 45.84 26.33
C ARG L 105 0.93 46.59 26.16
N PHE L 106 0.23 46.31 25.08
CA PHE L 106 -0.99 47.00 24.74
C PHE L 106 -2.17 46.03 24.85
N PRO L 107 -3.30 46.46 25.47
CA PRO L 107 -4.30 45.51 25.97
C PRO L 107 -5.12 44.80 24.90
N SER L 108 -6.13 44.02 25.36
CA SER L 108 -6.97 43.14 24.54
C SER L 108 -6.12 42.17 23.73
N PRO L 109 -5.63 41.09 24.36
CA PRO L 109 -4.56 40.27 23.78
C PRO L 109 -4.88 39.66 22.41
N ILE L 110 -3.83 39.38 21.68
CA ILE L 110 -3.87 39.37 20.22
C ILE L 110 -4.05 37.94 19.73
N LEU L 111 -4.77 37.80 18.61
CA LEU L 111 -5.10 36.50 18.06
C LEU L 111 -4.37 36.15 16.78
N LYS L 112 -3.83 37.13 16.06
CA LYS L 112 -3.13 36.88 14.81
C LYS L 112 -2.27 38.09 14.43
N VAL L 113 -1.05 37.82 13.99
CA VAL L 113 -0.18 38.85 13.43
C VAL L 113 0.20 38.46 12.01
N GLN L 114 0.70 39.45 11.25
CA GLN L 114 1.11 39.29 9.87
C GLN L 114 1.89 40.53 9.45
N TYR L 115 2.94 40.34 8.65
CA TYR L 115 3.60 41.46 7.98
C TYR L 115 2.85 41.82 6.71
N HIS L 116 3.06 43.05 6.26
CA HIS L 116 2.78 43.36 4.87
C HIS L 116 3.76 42.56 4.03
N PRO L 117 3.32 41.91 2.95
CA PRO L 117 4.18 40.93 2.28
C PRO L 117 5.39 41.50 1.55
N ARG L 118 5.47 42.81 1.38
CA ARG L 118 6.63 43.41 0.74
C ARG L 118 7.42 44.31 1.69
N ASP L 119 6.80 45.31 2.29
CA ASP L 119 7.47 46.10 3.31
C ASP L 119 7.26 45.42 4.66
N GLN L 120 8.35 45.23 5.39
CA GLN L 120 8.29 44.70 6.74
C GLN L 120 8.07 45.78 7.79
N ASN L 121 7.79 47.01 7.36
CA ASN L 121 7.48 48.08 8.30
C ASN L 121 6.04 47.99 8.78
N LYS L 122 5.13 47.47 7.95
CA LYS L 122 3.72 47.43 8.25
C LYS L 122 3.35 46.05 8.80
N VAL L 123 2.82 46.02 10.02
CA VAL L 123 2.53 44.77 10.72
C VAL L 123 1.06 44.78 11.13
N LEU L 124 0.47 43.59 11.22
CA LEU L 124 -0.94 43.42 11.53
C LEU L 124 -1.13 43.04 12.99
N VAL L 125 -2.18 43.59 13.61
CA VAL L 125 -2.51 43.32 15.01
C VAL L 125 -4.01 43.09 15.11
N CYS L 126 -4.41 41.92 15.63
CA CYS L 126 -5.82 41.55 15.75
C CYS L 126 -6.19 41.37 17.21
N PRO L 127 -6.88 42.34 17.83
CA PRO L 127 -7.08 42.32 19.28
C PRO L 127 -8.03 41.23 19.79
N MET L 128 -8.21 41.19 21.11
CA MET L 128 -9.17 40.27 21.70
C MET L 128 -10.59 40.66 21.33
N LYS L 129 -10.91 41.94 21.48
CA LYS L 129 -12.24 42.44 21.16
C LYS L 129 -12.23 43.48 20.05
N SER L 130 -11.41 44.53 20.19
CA SER L 130 -11.57 45.73 19.38
C SER L 130 -11.06 45.50 17.95
N ALA L 131 -11.18 46.55 17.15
CA ALA L 131 -10.93 46.47 15.72
C ALA L 131 -9.45 46.27 15.43
N PRO L 132 -9.11 45.65 14.29
CA PRO L 132 -7.70 45.35 14.01
C PRO L 132 -6.86 46.59 13.76
N VAL L 133 -5.57 46.46 14.11
CA VAL L 133 -4.66 47.59 14.17
C VAL L 133 -3.47 47.30 13.26
N MET L 134 -3.04 48.30 12.51
CA MET L 134 -1.82 48.25 11.72
C MET L 134 -0.82 49.22 12.32
N LEU L 135 0.45 48.82 12.39
CA LEU L 135 1.47 49.63 13.04
C LEU L 135 2.66 49.88 12.11
N THR L 136 3.61 50.65 12.64
CA THR L 136 4.94 50.85 12.08
C THR L 136 5.96 50.20 13.01
N LEU L 137 7.23 50.36 12.68
CA LEU L 137 8.29 49.75 13.49
C LEU L 137 8.92 50.72 14.47
N SER L 138 9.37 51.88 13.99
CA SER L 138 10.11 52.81 14.84
C SER L 138 9.18 53.50 15.83
N ASP L 139 8.22 54.25 15.33
CA ASP L 139 7.28 55.01 16.14
C ASP L 139 5.98 54.23 16.33
N SER L 140 5.15 54.74 17.23
CA SER L 140 3.88 54.10 17.56
C SER L 140 2.74 54.65 16.71
N LYS L 141 2.90 54.68 15.39
CA LYS L 141 1.81 55.06 14.50
C LYS L 141 0.92 53.85 14.28
N HIS L 142 -0.22 53.83 14.96
CA HIS L 142 -1.14 52.71 14.91
C HIS L 142 -2.41 53.11 14.19
N VAL L 143 -2.90 52.23 13.32
CA VAL L 143 -4.05 52.51 12.47
C VAL L 143 -5.11 51.48 12.79
N VAL L 144 -6.12 51.89 13.56
CA VAL L 144 -7.27 51.06 13.83
C VAL L 144 -8.29 51.24 12.72
N LEU L 145 -8.71 50.16 12.10
CA LEU L 145 -9.64 50.25 10.99
C LEU L 145 -11.06 50.43 11.52
N PRO L 146 -11.81 51.42 11.02
CA PRO L 146 -13.15 51.65 11.57
C PRO L 146 -14.15 50.61 11.10
N VAL L 147 -14.96 50.14 12.04
CA VAL L 147 -15.95 49.08 11.82
C VAL L 147 -17.33 49.64 12.15
N ASP L 148 -18.27 49.46 11.23
CA ASP L 148 -19.64 49.92 11.46
C ASP L 148 -20.37 49.08 12.50
N ASP L 149 -19.92 47.84 12.72
CA ASP L 149 -20.67 46.92 13.57
C ASP L 149 -20.46 47.23 15.05
N ASP L 150 -19.22 47.06 15.53
CA ASP L 150 -18.81 47.23 16.93
C ASP L 150 -19.62 46.37 17.91
N SER L 151 -20.22 45.29 17.42
CA SER L 151 -21.14 44.48 18.21
C SER L 151 -20.68 43.03 18.35
N ASP L 152 -19.97 42.51 17.35
CA ASP L 152 -19.34 41.20 17.48
C ASP L 152 -18.20 41.26 18.48
N LEU L 153 -17.40 42.34 18.39
CA LEU L 153 -16.06 42.44 18.98
C LEU L 153 -15.20 41.25 18.56
N ASN L 154 -15.37 40.81 17.31
CA ASN L 154 -14.63 39.70 16.72
C ASN L 154 -14.53 40.03 15.22
N VAL L 155 -13.42 40.68 14.86
CA VAL L 155 -13.18 41.10 13.48
C VAL L 155 -11.89 40.48 13.02
N VAL L 156 -11.89 39.86 11.85
CA VAL L 156 -10.69 39.30 11.25
C VAL L 156 -10.34 40.12 10.01
N ALA L 157 -9.03 40.28 9.77
CA ALA L 157 -8.55 41.03 8.63
C ALA L 157 -7.16 40.53 8.29
N SER L 158 -6.74 40.78 7.05
CA SER L 158 -5.42 40.38 6.61
C SER L 158 -5.00 41.17 5.39
N PHE L 159 -3.77 40.91 4.96
CA PHE L 159 -3.23 41.36 3.69
C PHE L 159 -3.13 40.17 2.75
N ASP L 160 -3.32 40.42 1.46
CA ASP L 160 -3.27 39.34 0.49
C ASP L 160 -1.83 39.14 0.02
N ARG L 161 -1.68 38.42 -1.10
CA ARG L 161 -0.37 38.01 -1.63
C ARG L 161 0.52 39.20 -1.96
N ARG L 162 -0.04 40.20 -2.63
CA ARG L 162 0.74 41.34 -3.07
C ARG L 162 0.76 42.49 -2.07
N GLY L 163 -0.16 42.50 -1.12
CA GLY L 163 -0.29 43.64 -0.24
C GLY L 163 -1.03 44.80 -0.86
N GLU L 164 -1.87 44.54 -1.86
CA GLU L 164 -2.59 45.61 -2.54
C GLU L 164 -3.69 46.18 -1.67
N TYR L 165 -4.44 45.32 -0.99
CA TYR L 165 -5.61 45.74 -0.25
C TYR L 165 -5.65 45.04 1.10
N ILE L 166 -6.65 45.40 1.89
CA ILE L 166 -6.86 44.85 3.21
C ILE L 166 -8.25 44.24 3.20
N TYR L 167 -8.33 42.92 3.19
CA TYR L 167 -9.63 42.26 3.29
C TYR L 167 -9.94 42.12 4.78
N THR L 168 -11.09 42.66 5.20
CA THR L 168 -11.50 42.64 6.58
C THR L 168 -12.80 41.85 6.71
N GLY L 169 -13.02 41.26 7.88
CA GLY L 169 -14.24 40.50 8.09
C GLY L 169 -14.69 40.45 9.54
N ASN L 170 -15.97 40.75 9.77
CA ASN L 170 -16.53 40.72 11.11
C ASN L 170 -16.93 39.29 11.48
N ALA L 171 -17.57 39.13 12.64
CA ALA L 171 -18.19 37.87 12.99
C ALA L 171 -19.67 37.83 12.64
N LYS L 172 -20.13 38.77 11.80
CA LYS L 172 -21.45 38.69 11.20
C LYS L 172 -21.39 38.32 9.74
N GLY L 173 -20.20 38.22 9.16
CA GLY L 173 -20.10 37.85 7.76
C GLY L 173 -20.26 39.01 6.80
N LYS L 174 -19.84 40.20 7.19
CA LYS L 174 -19.79 41.34 6.28
C LYS L 174 -18.33 41.70 6.04
N ILE L 175 -17.96 41.86 4.78
CA ILE L 175 -16.59 42.09 4.37
C ILE L 175 -16.46 43.54 3.95
N LEU L 176 -15.38 44.18 4.40
CA LEU L 176 -15.11 45.58 4.05
C LEU L 176 -13.68 45.65 3.51
N VAL L 177 -13.55 45.69 2.18
CA VAL L 177 -12.25 45.77 1.54
C VAL L 177 -11.71 47.18 1.68
N LEU L 178 -10.50 47.30 2.19
CA LEU L 178 -9.85 48.59 2.39
C LEU L 178 -8.53 48.62 1.66
N LYS L 179 -8.18 49.78 1.10
CA LYS L 179 -6.89 49.91 0.44
C LYS L 179 -5.78 49.95 1.49
N THR L 180 -4.63 49.38 1.14
CA THR L 180 -3.58 49.06 2.10
C THR L 180 -2.90 50.27 2.73
N ASP L 181 -3.10 51.46 2.20
CA ASP L 181 -2.46 52.64 2.79
C ASP L 181 -3.43 53.79 3.04
N SER L 182 -4.41 53.97 2.17
CA SER L 182 -5.35 55.08 2.29
C SER L 182 -6.71 54.64 2.81
N GLN L 183 -6.89 53.34 3.05
CA GLN L 183 -8.10 52.76 3.66
C GLN L 183 -9.35 53.05 2.85
N ASP L 184 -9.23 52.91 1.53
CA ASP L 184 -10.33 53.18 0.63
C ASP L 184 -11.31 52.02 0.66
N LEU L 185 -12.52 52.29 1.14
CA LEU L 185 -13.56 51.27 1.17
C LEU L 185 -14.06 51.05 -0.25
N VAL L 186 -13.36 50.19 -1.00
CA VAL L 186 -13.67 50.04 -2.42
C VAL L 186 -14.63 48.89 -2.70
N ALA L 187 -14.87 48.00 -1.73
CA ALA L 187 -15.70 46.83 -1.99
C ALA L 187 -16.27 46.32 -0.68
N SER L 188 -17.54 45.89 -0.73
CA SER L 188 -18.20 45.35 0.45
C SER L 188 -19.18 44.27 0.02
N PHE L 189 -19.23 43.19 0.79
CA PHE L 189 -20.23 42.15 0.55
C PHE L 189 -20.54 41.39 1.83
N ARG L 190 -21.81 41.10 2.01
CA ARG L 190 -22.28 40.16 3.02
C ARG L 190 -22.26 38.77 2.43
N VAL L 191 -21.81 37.80 3.22
CA VAL L 191 -21.65 36.43 2.73
C VAL L 191 -23.02 35.77 2.62
N THR L 192 -23.27 35.13 1.48
CA THR L 192 -24.57 34.55 1.18
C THR L 192 -24.67 33.20 1.87
N THR L 193 -24.93 33.25 3.16
CA THR L 193 -24.83 32.07 4.01
C THR L 193 -26.16 31.30 4.02
N GLY L 194 -26.12 30.07 3.49
CA GLY L 194 -27.26 29.18 3.60
C GLY L 194 -28.40 29.65 2.74
N THR L 195 -29.60 29.64 3.32
CA THR L 195 -30.74 30.26 2.66
C THR L 195 -30.74 31.77 2.86
N SER L 196 -30.87 32.20 4.10
CA SER L 196 -30.74 33.62 4.39
C SER L 196 -29.84 33.92 5.57
N ASN L 197 -29.84 33.07 6.60
CA ASN L 197 -29.31 33.44 7.90
C ASN L 197 -27.79 33.47 7.87
N THR L 198 -27.21 34.50 8.47
CA THR L 198 -25.79 34.78 8.41
C THR L 198 -25.00 33.82 9.30
N THR L 199 -23.68 33.93 9.22
CA THR L 199 -22.78 33.13 10.04
C THR L 199 -21.59 33.98 10.46
N ALA L 200 -20.76 33.40 11.31
CA ALA L 200 -19.54 34.07 11.74
C ALA L 200 -18.41 33.79 10.76
N ILE L 201 -17.30 34.49 10.93
CA ILE L 201 -16.09 34.29 10.13
C ILE L 201 -14.98 33.92 11.09
N LYS L 202 -14.34 32.79 10.84
CA LYS L 202 -13.27 32.35 11.73
C LYS L 202 -11.91 32.89 11.31
N SER L 203 -11.53 32.68 10.05
CA SER L 203 -10.25 33.19 9.54
C SER L 203 -10.31 33.25 8.02
N ILE L 204 -9.33 33.97 7.45
CA ILE L 204 -9.18 34.17 6.02
C ILE L 204 -7.70 34.08 5.69
N GLU L 205 -7.34 33.25 4.70
CA GLU L 205 -5.96 33.16 4.27
C GLU L 205 -5.90 33.27 2.74
N PHE L 206 -4.67 33.27 2.23
CA PHE L 206 -4.42 33.61 0.83
C PHE L 206 -3.43 32.60 0.26
N ALA L 207 -2.91 32.91 -0.92
CA ALA L 207 -2.18 31.97 -1.76
C ALA L 207 -0.73 32.40 -1.95
N ARG L 208 -0.04 31.68 -2.84
CA ARG L 208 1.31 32.02 -3.26
C ARG L 208 1.40 32.35 -4.74
N LYS L 209 0.30 32.23 -5.48
CA LYS L 209 0.35 32.41 -6.93
C LYS L 209 -1.05 32.80 -7.39
N GLY L 210 -1.26 34.09 -7.64
CA GLY L 210 -2.56 34.55 -8.09
C GLY L 210 -3.38 35.22 -7.01
N SER L 211 -4.70 35.11 -7.11
CA SER L 211 -5.60 35.77 -6.16
C SER L 211 -6.74 34.86 -5.70
N CYS L 212 -6.62 33.56 -5.88
CA CYS L 212 -7.57 32.64 -5.26
C CYS L 212 -7.33 32.61 -3.77
N PHE L 213 -8.41 32.61 -2.99
CA PHE L 213 -8.26 32.58 -1.55
C PHE L 213 -9.41 31.81 -0.93
N LEU L 214 -9.47 31.81 0.40
CA LEU L 214 -10.36 30.95 1.15
C LEU L 214 -11.13 31.76 2.18
N ILE L 215 -12.34 31.31 2.48
CA ILE L 215 -13.15 31.85 3.56
C ILE L 215 -13.48 30.71 4.50
N ASN L 216 -13.16 30.87 5.78
CA ASN L 216 -13.41 29.85 6.79
C ASN L 216 -14.54 30.36 7.68
N THR L 217 -15.76 29.99 7.33
CA THR L 217 -16.93 30.39 8.10
C THR L 217 -17.11 29.43 9.28
N ALA L 218 -18.28 29.50 9.91
CA ALA L 218 -18.60 28.65 11.05
C ALA L 218 -19.78 27.73 10.80
N ASP L 219 -20.40 27.79 9.62
CA ASP L 219 -21.44 26.85 9.24
C ASP L 219 -20.87 25.62 8.54
N ARG L 220 -19.62 25.27 8.83
CA ARG L 220 -18.93 24.08 8.32
C ARG L 220 -18.77 24.12 6.81
N ILE L 221 -18.68 25.31 6.22
CA ILE L 221 -18.58 25.45 4.77
C ILE L 221 -17.41 26.36 4.46
N ILE L 222 -16.35 25.79 3.89
CA ILE L 222 -15.23 26.57 3.40
C ILE L 222 -15.55 27.06 2.01
N ARG L 223 -15.39 28.35 1.78
CA ARG L 223 -15.70 28.95 0.49
C ARG L 223 -14.43 29.48 -0.15
N VAL L 224 -14.36 29.38 -1.48
CA VAL L 224 -13.19 29.78 -2.25
C VAL L 224 -13.59 30.89 -3.22
N TYR L 225 -12.96 32.05 -3.08
CA TYR L 225 -13.19 33.17 -3.97
C TYR L 225 -11.91 33.56 -4.70
N ASP L 226 -12.06 34.46 -5.65
CA ASP L 226 -10.94 35.05 -6.38
C ASP L 226 -10.96 36.55 -6.12
N GLY L 227 -9.82 37.10 -5.73
CA GLY L 227 -9.75 38.50 -5.35
C GLY L 227 -10.00 39.46 -6.49
N ARG L 228 -9.66 39.05 -7.72
CA ARG L 228 -9.97 39.88 -8.87
C ARG L 228 -11.47 39.97 -9.14
N GLU L 229 -12.26 38.99 -8.69
CA GLU L 229 -13.70 39.14 -8.78
C GLU L 229 -14.20 40.21 -7.83
N ILE L 230 -13.61 40.30 -6.63
CA ILE L 230 -13.92 41.40 -5.73
C ILE L 230 -13.52 42.73 -6.35
N LEU L 231 -12.37 42.77 -7.02
CA LEU L 231 -11.93 43.99 -7.68
C LEU L 231 -12.84 44.35 -8.86
N THR L 232 -13.39 43.35 -9.54
CA THR L 232 -14.27 43.60 -10.66
C THR L 232 -15.64 44.06 -10.19
N CYS L 233 -16.10 43.52 -9.05
CA CYS L 233 -17.30 44.03 -8.42
C CYS L 233 -17.08 45.45 -7.92
N GLY L 234 -16.11 45.63 -7.03
CA GLY L 234 -16.04 46.90 -6.33
C GLY L 234 -17.12 46.96 -5.27
N ARG L 235 -17.63 48.17 -5.04
CA ARG L 235 -18.52 48.42 -3.91
C ARG L 235 -19.89 47.78 -4.16
N ASP L 236 -20.50 47.32 -3.05
CA ASP L 236 -21.70 46.47 -3.03
C ASP L 236 -21.54 45.25 -3.92
N GLY L 237 -20.42 44.54 -3.73
CA GLY L 237 -20.21 43.31 -4.45
C GLY L 237 -21.15 42.21 -4.01
N GLU L 238 -21.38 41.25 -4.90
CA GLU L 238 -22.16 40.05 -4.58
C GLU L 238 -21.47 38.83 -5.16
N PRO L 239 -20.33 38.43 -4.58
CA PRO L 239 -19.56 37.35 -5.21
C PRO L 239 -20.18 36.00 -4.89
N GLU L 240 -20.25 35.15 -5.89
CA GLU L 240 -20.54 33.75 -5.62
C GLU L 240 -19.29 32.91 -5.87
N PRO L 241 -19.01 31.91 -5.03
CA PRO L 241 -17.65 31.40 -4.92
C PRO L 241 -17.21 30.55 -6.09
N MET L 242 -15.88 30.45 -6.22
CA MET L 242 -15.28 29.54 -7.19
C MET L 242 -15.61 28.10 -6.85
N GLN L 243 -15.43 27.71 -5.59
CA GLN L 243 -15.72 26.35 -5.18
C GLN L 243 -16.07 26.32 -3.70
N LYS L 244 -17.10 25.57 -3.36
CA LYS L 244 -17.55 25.41 -1.99
C LYS L 244 -17.02 24.09 -1.44
N LEU L 245 -16.79 24.05 -0.13
CA LEU L 245 -16.18 22.88 0.48
C LEU L 245 -16.89 22.55 1.78
N GLN L 246 -17.16 21.25 2.00
CA GLN L 246 -17.76 20.73 3.22
C GLN L 246 -17.67 19.21 3.23
N ASP L 247 -17.88 18.63 4.41
CA ASP L 247 -17.99 17.17 4.60
C ASP L 247 -19.19 16.90 5.50
N LEU L 248 -20.32 16.57 4.90
CA LEU L 248 -21.55 16.37 5.64
C LEU L 248 -21.69 14.96 6.22
N VAL L 249 -20.77 14.06 5.91
CA VAL L 249 -20.85 12.72 6.49
C VAL L 249 -20.63 12.77 7.99
N ASN L 250 -19.63 13.51 8.43
CA ASN L 250 -19.41 13.65 9.85
C ASN L 250 -19.74 15.04 10.36
N ARG L 251 -20.08 15.98 9.47
CA ARG L 251 -20.45 17.35 9.79
C ARG L 251 -19.38 18.03 10.64
N THR L 252 -18.24 18.21 10.03
CA THR L 252 -17.03 18.50 10.79
C THR L 252 -16.65 19.96 10.67
N PRO L 253 -16.74 20.76 11.72
CA PRO L 253 -16.21 22.11 11.66
C PRO L 253 -14.68 22.07 11.71
N TRP L 254 -14.07 23.01 10.99
CA TRP L 254 -12.65 22.97 10.70
C TRP L 254 -11.89 23.82 11.71
N LYS L 255 -10.58 23.58 11.80
CA LYS L 255 -9.73 24.35 12.70
C LYS L 255 -8.69 25.19 11.97
N LYS L 256 -8.12 24.68 10.88
CA LYS L 256 -7.04 25.38 10.22
C LYS L 256 -7.07 25.02 8.73
N CYS L 257 -6.72 25.99 7.89
CA CYS L 257 -6.58 25.77 6.47
C CYS L 257 -5.33 26.46 5.96
N CYS L 258 -4.74 25.90 4.91
CA CYS L 258 -3.73 26.61 4.13
C CYS L 258 -3.72 26.01 2.74
N PHE L 259 -3.06 26.72 1.82
CA PHE L 259 -3.00 26.32 0.42
C PHE L 259 -1.72 25.56 0.13
N SER L 260 -1.58 25.16 -1.12
CA SER L 260 -0.37 24.49 -1.57
C SER L 260 0.70 25.53 -1.86
N GLY L 261 1.82 25.08 -2.43
CA GLY L 261 2.80 26.03 -2.91
C GLY L 261 2.42 26.64 -4.24
N ASP L 262 1.80 25.85 -5.12
CA ASP L 262 1.41 26.31 -6.43
C ASP L 262 -0.03 26.77 -6.50
N GLY L 263 -0.73 26.81 -5.36
CA GLY L 263 -2.13 27.20 -5.38
C GLY L 263 -3.04 26.20 -6.04
N GLU L 264 -2.63 24.95 -6.13
CA GLU L 264 -3.40 23.88 -6.75
C GLU L 264 -4.19 23.05 -5.75
N TYR L 265 -3.63 22.81 -4.57
CA TYR L 265 -4.24 21.91 -3.61
C TYR L 265 -4.54 22.61 -2.29
N ILE L 266 -5.62 22.19 -1.65
CA ILE L 266 -6.07 22.76 -0.39
C ILE L 266 -6.10 21.67 0.66
N VAL L 267 -5.43 21.91 1.78
CA VAL L 267 -5.52 21.02 2.93
C VAL L 267 -6.38 21.74 3.97
N ALA L 268 -7.14 20.95 4.74
CA ALA L 268 -7.91 21.49 5.84
C ALA L 268 -8.10 20.40 6.88
N GLY L 269 -8.12 20.79 8.14
CA GLY L 269 -8.06 19.84 9.24
C GLY L 269 -9.28 19.89 10.14
N SER L 270 -9.65 18.73 10.65
CA SER L 270 -10.78 18.59 11.56
C SER L 270 -10.50 19.26 12.91
N ALA L 271 -11.58 19.54 13.61
CA ALA L 271 -11.51 19.89 15.01
C ALA L 271 -11.92 18.73 15.91
N ARG L 272 -12.32 17.62 15.32
CA ARG L 272 -12.85 16.49 16.08
C ARG L 272 -12.00 15.23 15.94
N GLN L 273 -11.73 14.80 14.71
CA GLN L 273 -11.24 13.44 14.48
C GLN L 273 -9.73 13.33 14.35
N HIS L 274 -9.02 14.43 14.14
CA HIS L 274 -7.61 14.46 13.76
C HIS L 274 -7.38 13.59 12.51
N ALA L 275 -7.95 14.09 11.42
CA ALA L 275 -7.85 13.41 10.13
C ALA L 275 -7.80 14.46 9.03
N LEU L 276 -6.73 14.48 8.26
CA LEU L 276 -6.53 15.56 7.30
C LEU L 276 -7.11 15.20 5.94
N TYR L 277 -7.66 16.21 5.27
CA TYR L 277 -8.23 16.06 3.95
C TYR L 277 -7.49 16.96 2.97
N ILE L 278 -7.41 16.52 1.73
CA ILE L 278 -6.73 17.27 0.67
C ILE L 278 -7.66 17.35 -0.52
N TRP L 279 -7.83 18.55 -1.07
CA TRP L 279 -8.72 18.79 -2.19
C TRP L 279 -7.98 19.31 -3.42
N GLU L 280 -8.62 19.15 -4.57
CA GLU L 280 -8.22 19.83 -5.79
C GLU L 280 -8.93 21.18 -5.87
N LYS L 281 -8.20 22.22 -6.27
CA LYS L 281 -8.85 23.52 -6.42
C LYS L 281 -9.75 23.54 -7.65
N SER L 282 -9.28 22.99 -8.76
CA SER L 282 -9.94 23.22 -10.03
C SER L 282 -11.16 22.34 -10.21
N ILE L 283 -10.98 21.03 -10.24
CA ILE L 283 -12.08 20.14 -10.61
C ILE L 283 -13.05 19.97 -9.44
N GLY L 284 -12.57 20.05 -8.20
CA GLY L 284 -13.46 20.16 -7.06
C GLY L 284 -13.95 18.89 -6.42
N ASN L 285 -13.03 18.05 -5.94
CA ASN L 285 -13.40 16.88 -5.17
C ASN L 285 -12.28 16.53 -4.20
N LEU L 286 -12.65 15.75 -3.19
CA LEU L 286 -11.67 15.16 -2.29
C LEU L 286 -10.78 14.19 -3.07
N VAL L 287 -9.49 14.20 -2.75
CA VAL L 287 -8.56 13.26 -3.36
C VAL L 287 -8.01 12.25 -2.36
N LYS L 288 -7.82 12.62 -1.09
CA LYS L 288 -7.21 11.69 -0.15
C LYS L 288 -7.56 12.10 1.28
N ILE L 289 -7.87 11.12 2.09
CA ILE L 289 -8.03 11.28 3.52
C ILE L 289 -6.75 10.77 4.18
N LEU L 290 -6.30 11.47 5.20
CA LEU L 290 -5.20 10.97 6.02
C LEU L 290 -5.70 10.74 7.43
N HIS L 291 -4.86 10.12 8.25
CA HIS L 291 -5.22 9.78 9.62
C HIS L 291 -4.02 10.08 10.51
N GLY L 292 -4.06 9.57 11.73
CA GLY L 292 -2.94 9.71 12.64
C GLY L 292 -3.17 8.96 13.93
N THR L 293 -2.77 9.55 15.05
CA THR L 293 -3.19 9.02 16.34
C THR L 293 -4.67 9.30 16.52
N ARG L 294 -5.45 8.24 16.70
CA ARG L 294 -6.88 8.29 16.43
C ARG L 294 -7.65 9.10 17.46
N GLY L 295 -7.08 9.36 18.63
CA GLY L 295 -7.84 10.09 19.63
C GLY L 295 -7.19 11.35 20.14
N GLU L 296 -6.55 12.12 19.28
CA GLU L 296 -5.91 13.35 19.68
C GLU L 296 -6.61 14.55 19.06
N LEU L 297 -6.29 15.73 19.58
CA LEU L 297 -6.98 16.97 19.24
C LEU L 297 -6.04 17.83 18.40
N LEU L 298 -6.45 18.12 17.18
CA LEU L 298 -5.60 18.82 16.22
C LEU L 298 -5.53 20.30 16.54
N LEU L 299 -4.35 20.89 16.34
CA LEU L 299 -4.13 22.29 16.64
C LEU L 299 -3.78 23.14 15.44
N ASP L 300 -2.80 22.74 14.63
CA ASP L 300 -2.31 23.62 13.58
C ASP L 300 -1.65 22.80 12.48
N VAL L 301 -1.95 23.17 11.23
CA VAL L 301 -1.49 22.44 10.05
C VAL L 301 -0.70 23.40 9.17
N ALA L 302 0.46 22.96 8.71
CA ALA L 302 1.27 23.72 7.77
C ALA L 302 1.32 23.01 6.42
N TRP L 303 2.11 23.56 5.50
CA TRP L 303 2.34 22.97 4.19
C TRP L 303 3.71 23.44 3.71
N HIS L 304 4.40 22.59 2.93
CA HIS L 304 5.68 23.06 2.42
C HIS L 304 5.56 23.48 0.97
N PRO L 305 6.03 24.69 0.60
CA PRO L 305 5.70 25.25 -0.72
C PRO L 305 6.25 24.50 -1.92
N VAL L 306 7.57 24.33 -2.03
CA VAL L 306 8.13 23.79 -3.26
C VAL L 306 8.23 22.27 -3.25
N ARG L 307 7.81 21.62 -2.16
CA ARG L 307 8.00 20.20 -2.05
C ARG L 307 6.87 19.62 -1.21
N PRO L 308 6.25 18.51 -1.63
CA PRO L 308 5.08 18.00 -0.91
C PRO L 308 5.39 17.44 0.48
N ILE L 309 5.51 18.34 1.44
CA ILE L 309 5.70 18.01 2.85
C ILE L 309 4.64 18.73 3.66
N ILE L 310 4.02 18.03 4.61
CA ILE L 310 2.92 18.57 5.40
C ILE L 310 3.26 18.43 6.87
N ALA L 311 3.09 19.51 7.63
CA ALA L 311 3.32 19.50 9.07
C ALA L 311 1.99 19.57 9.81
N SER L 312 1.77 18.64 10.74
CA SER L 312 0.62 18.62 11.62
C SER L 312 1.05 18.95 13.04
N ILE L 313 0.08 19.21 13.91
CA ILE L 313 0.35 19.37 15.34
C ILE L 313 -0.74 18.65 16.10
N SER L 314 -0.33 17.67 16.93
CA SER L 314 -1.26 17.01 17.83
C SER L 314 -0.48 16.45 19.01
N SER L 315 -0.96 16.77 20.22
CA SER L 315 -0.32 16.40 21.49
C SER L 315 1.13 16.86 21.55
N GLY L 316 1.38 18.07 21.04
CA GLY L 316 2.72 18.61 21.01
C GLY L 316 3.68 17.92 20.07
N VAL L 317 3.19 17.05 19.19
CA VAL L 317 4.01 16.27 18.30
C VAL L 317 3.79 16.79 16.90
N VAL L 318 4.88 17.06 16.18
CA VAL L 318 4.79 17.65 14.85
C VAL L 318 5.19 16.58 13.84
N SER L 319 4.23 16.11 13.06
CA SER L 319 4.44 15.06 12.08
C SER L 319 4.97 15.64 10.77
N ILE L 320 5.58 14.78 9.97
CA ILE L 320 6.13 15.15 8.66
C ILE L 320 5.86 13.98 7.72
N TRP L 321 5.09 14.23 6.66
CA TRP L 321 4.53 13.16 5.84
C TRP L 321 5.02 13.32 4.40
N ALA L 322 5.93 12.45 3.96
CA ALA L 322 6.38 12.54 2.56
C ALA L 322 6.77 11.16 2.04
N GLN L 323 5.79 10.43 1.51
CA GLN L 323 5.91 9.35 0.53
C GLN L 323 6.58 8.05 0.96
N ASN L 324 7.37 8.06 2.03
CA ASN L 324 8.35 6.99 2.36
C ASN L 324 9.02 6.44 1.11
N GLN L 325 9.76 7.32 0.44
CA GLN L 325 10.10 7.19 -0.98
C GLN L 325 10.94 5.95 -1.27
N VAL L 326 10.79 5.44 -2.49
CA VAL L 326 11.29 4.12 -2.87
C VAL L 326 12.59 4.30 -3.66
N GLU L 327 13.65 3.66 -3.19
CA GLU L 327 14.95 3.72 -3.84
C GLU L 327 15.22 2.40 -4.56
N ASN L 328 16.05 2.47 -5.60
CA ASN L 328 16.21 1.33 -6.51
C ASN L 328 17.65 1.37 -7.03
N TRP L 329 17.91 0.64 -8.10
CA TRP L 329 19.23 0.54 -8.70
C TRP L 329 19.43 1.68 -9.68
N SER L 330 20.52 1.60 -10.46
CA SER L 330 20.94 2.49 -11.55
C SER L 330 21.35 3.88 -11.07
N ALA L 331 21.21 4.20 -9.79
CA ALA L 331 21.90 5.33 -9.21
C ALA L 331 23.28 4.95 -8.72
N PHE L 332 23.47 3.67 -8.39
CA PHE L 332 24.80 3.15 -8.12
C PHE L 332 25.52 2.77 -9.42
N ALA L 333 24.78 2.42 -10.47
CA ALA L 333 25.38 1.98 -11.73
C ALA L 333 24.45 2.27 -12.89
N PRO L 334 24.58 3.42 -13.55
CA PRO L 334 23.64 3.80 -14.62
C PRO L 334 23.76 2.96 -15.88
N ASP L 335 24.83 2.21 -16.06
CA ASP L 335 24.95 1.36 -17.24
C ASP L 335 24.05 0.15 -17.16
N PHE L 336 23.59 -0.21 -15.98
CA PHE L 336 22.65 -1.31 -15.77
C PHE L 336 21.32 -0.76 -15.31
N LYS L 337 20.23 -1.25 -15.91
CA LYS L 337 18.89 -0.88 -15.52
C LYS L 337 18.09 -2.14 -15.22
N GLU L 338 17.42 -2.15 -14.07
CA GLU L 338 16.71 -3.33 -13.59
C GLU L 338 15.39 -3.43 -14.33
N LEU L 339 15.30 -4.37 -15.28
CA LEU L 339 14.06 -4.57 -16.02
C LEU L 339 13.12 -5.47 -15.22
N ASP L 340 12.08 -5.94 -15.89
CA ASP L 340 11.18 -6.91 -15.27
C ASP L 340 10.99 -8.17 -16.12
N GLU L 341 10.88 -8.05 -17.44
CA GLU L 341 10.54 -9.18 -18.30
C GLU L 341 11.39 -9.12 -19.57
N ASN L 342 10.99 -9.92 -20.56
CA ASN L 342 11.74 -10.10 -21.80
C ASN L 342 11.66 -8.83 -22.65
N VAL L 343 12.72 -8.04 -22.61
CA VAL L 343 12.84 -6.82 -23.39
C VAL L 343 13.65 -7.11 -24.64
N GLU L 344 13.10 -6.80 -25.80
CA GLU L 344 13.74 -7.06 -27.08
C GLU L 344 14.60 -5.87 -27.51
N TYR L 345 15.75 -6.16 -28.10
CA TYR L 345 16.71 -5.13 -28.49
C TYR L 345 17.13 -5.37 -29.95
N GLU L 346 16.36 -4.81 -30.89
CA GLU L 346 16.68 -4.95 -32.30
C GLU L 346 16.37 -3.69 -33.12
N GLU L 347 15.90 -2.61 -32.48
CA GLU L 347 15.31 -1.49 -33.23
C GLU L 347 16.37 -0.69 -33.98
N ARG L 348 17.55 -0.50 -33.38
CA ARG L 348 18.66 0.10 -34.10
C ARG L 348 19.13 -0.86 -35.19
N GLU L 349 19.52 -0.30 -36.34
CA GLU L 349 20.00 -1.11 -37.45
C GLU L 349 21.51 -1.07 -37.63
N SER L 350 22.20 -0.15 -36.95
CA SER L 350 23.64 -0.02 -37.10
C SER L 350 24.38 -1.03 -36.21
N GLU L 351 24.20 -2.31 -36.56
CA GLU L 351 24.97 -3.37 -35.92
C GLU L 351 25.70 -4.17 -37.00
N PHE L 352 26.28 -5.30 -36.58
CA PHE L 352 26.99 -6.25 -37.44
C PHE L 352 28.15 -5.57 -38.16
N ASP L 353 29.12 -5.13 -37.35
CA ASP L 353 30.45 -4.69 -37.78
C ASP L 353 30.39 -3.47 -38.71
N ILE L 354 29.88 -2.37 -38.15
CA ILE L 354 29.76 -1.10 -38.88
C ILE L 354 30.75 -0.09 -38.29
N GLU L 355 31.57 0.50 -39.15
CA GLU L 355 32.52 1.55 -38.80
C GLU L 355 32.33 2.69 -39.78
N ASP L 356 32.11 3.90 -39.26
CA ASP L 356 31.78 5.06 -40.08
C ASP L 356 33.05 5.72 -40.60
N GLU L 357 32.90 6.90 -41.19
CA GLU L 357 34.03 7.65 -41.73
C GLU L 357 34.50 8.72 -40.76
N GLU L 371 31.58 21.57 -26.77
CA GLU L 371 33.00 21.65 -26.44
C GLU L 371 33.43 23.09 -26.21
N ASP L 372 32.98 23.99 -27.07
CA ASP L 372 33.47 25.36 -27.14
C ASP L 372 32.59 26.34 -26.36
N GLU L 373 32.02 25.92 -25.26
CA GLU L 373 31.17 26.77 -24.44
C GLU L 373 31.92 27.18 -23.18
N GLU L 374 32.13 28.48 -23.03
CA GLU L 374 32.77 29.03 -21.83
C GLU L 374 31.69 29.34 -20.81
N VAL L 375 31.69 28.60 -19.71
CA VAL L 375 30.67 28.72 -18.67
C VAL L 375 31.34 29.16 -17.39
N ASP L 376 30.75 30.14 -16.70
CA ASP L 376 31.28 30.62 -15.43
C ASP L 376 31.12 29.55 -14.35
N VAL L 377 31.98 29.64 -13.34
CA VAL L 377 32.06 28.62 -12.29
C VAL L 377 31.59 29.23 -10.96
N THR L 378 31.76 30.54 -10.80
CA THR L 378 31.35 31.24 -9.58
C THR L 378 30.25 32.25 -9.85
N SER L 379 29.32 31.90 -10.73
CA SER L 379 28.16 32.73 -11.00
C SER L 379 27.04 32.39 -10.03
N VAL L 380 25.84 32.89 -10.28
CA VAL L 380 24.70 32.60 -9.43
C VAL L 380 23.78 31.59 -10.11
N MET M 1 -27.56 47.43 -29.87
CA MET M 1 -26.72 47.65 -28.69
C MET M 1 -25.50 46.74 -28.72
N GLN M 2 -24.37 47.30 -29.09
CA GLN M 2 -23.10 46.55 -29.14
C GLN M 2 -22.47 46.58 -27.76
N ILE M 3 -22.69 45.53 -26.98
CA ILE M 3 -22.06 45.46 -25.67
C ILE M 3 -20.60 45.05 -25.82
N PHE M 4 -19.78 45.48 -24.88
CA PHE M 4 -18.41 45.00 -24.75
C PHE M 4 -18.34 44.11 -23.52
N VAL M 5 -17.68 42.97 -23.66
CA VAL M 5 -17.43 42.09 -22.51
C VAL M 5 -15.91 41.90 -22.47
N LYS M 6 -15.22 42.75 -21.73
CA LYS M 6 -13.80 42.58 -21.48
C LYS M 6 -13.64 41.81 -20.19
N THR M 7 -13.07 40.61 -20.27
CA THR M 7 -12.87 39.79 -19.08
C THR M 7 -11.63 40.28 -18.33
N LEU M 8 -11.17 39.50 -17.36
CA LEU M 8 -9.99 39.83 -16.60
C LEU M 8 -8.71 39.31 -17.27
N THR M 9 -8.80 38.89 -18.53
CA THR M 9 -7.67 38.38 -19.29
C THR M 9 -7.37 39.22 -20.53
N GLY M 10 -7.93 40.41 -20.64
CA GLY M 10 -7.79 41.18 -21.86
C GLY M 10 -8.56 40.62 -23.03
N LYS M 11 -9.58 39.81 -22.76
CA LYS M 11 -10.38 39.15 -23.78
C LYS M 11 -11.66 39.95 -23.98
N THR M 12 -11.55 41.03 -24.75
CA THR M 12 -12.72 41.84 -25.08
C THR M 12 -13.48 41.19 -26.22
N ILE M 13 -14.80 41.10 -26.07
CA ILE M 13 -15.66 40.47 -27.07
C ILE M 13 -16.92 41.32 -27.21
N THR M 14 -17.40 41.46 -28.44
CA THR M 14 -18.50 42.36 -28.78
C THR M 14 -19.69 41.56 -29.28
N LEU M 15 -20.90 42.02 -28.94
CA LEU M 15 -22.13 41.45 -29.46
C LEU M 15 -23.12 42.58 -29.73
N GLU M 16 -23.47 42.76 -31.00
CA GLU M 16 -24.47 43.75 -31.38
C GLU M 16 -25.85 43.13 -31.18
N VAL M 17 -26.48 43.42 -30.04
CA VAL M 17 -27.72 42.77 -29.64
C VAL M 17 -28.81 43.81 -29.49
N GLU M 18 -30.04 43.32 -29.28
CA GLU M 18 -31.19 44.13 -28.93
C GLU M 18 -31.16 44.44 -27.43
N PRO M 19 -31.80 45.54 -27.02
CA PRO M 19 -31.97 45.79 -25.57
C PRO M 19 -32.98 44.87 -24.90
N SER M 20 -33.80 44.14 -25.65
CA SER M 20 -34.86 43.30 -25.11
C SER M 20 -34.59 41.81 -25.36
N ASP M 21 -33.35 41.38 -25.19
CA ASP M 21 -32.98 39.98 -25.34
C ASP M 21 -32.89 39.30 -23.97
N THR M 22 -32.84 37.98 -24.00
CA THR M 22 -32.72 37.19 -22.79
C THR M 22 -31.26 36.77 -22.59
N ILE M 23 -31.03 35.98 -21.54
CA ILE M 23 -29.68 35.50 -21.28
C ILE M 23 -29.31 34.40 -22.27
N GLU M 24 -30.31 33.63 -22.74
CA GLU M 24 -30.06 32.51 -23.65
C GLU M 24 -29.56 32.97 -25.02
N ASN M 25 -29.98 34.16 -25.46
CA ASN M 25 -29.47 34.71 -26.71
C ASN M 25 -27.99 35.04 -26.60
N VAL M 26 -27.57 35.61 -25.46
CA VAL M 26 -26.17 35.93 -25.23
C VAL M 26 -25.35 34.66 -25.10
N LYS M 27 -25.91 33.65 -24.42
CA LYS M 27 -25.27 32.33 -24.30
C LYS M 27 -25.04 31.72 -25.67
N ALA M 28 -26.05 31.78 -26.54
CA ALA M 28 -25.95 31.21 -27.87
C ALA M 28 -24.92 31.95 -28.72
N LYS M 29 -24.88 33.29 -28.60
CA LYS M 29 -23.93 34.07 -29.39
C LYS M 29 -22.48 33.85 -28.95
N ILE M 30 -22.23 33.82 -27.64
CA ILE M 30 -20.86 33.59 -27.16
C ILE M 30 -20.45 32.15 -27.42
N GLN M 31 -21.38 31.20 -27.29
CA GLN M 31 -21.09 29.80 -27.59
C GLN M 31 -20.88 29.59 -29.09
N ASP M 32 -21.46 30.46 -29.91
CA ASP M 32 -21.22 30.41 -31.34
C ASP M 32 -19.83 30.93 -31.67
N LYS M 33 -19.49 32.13 -31.19
CA LYS M 33 -18.28 32.78 -31.68
C LYS M 33 -17.02 32.41 -30.90
N GLU M 34 -17.14 31.80 -29.72
CA GLU M 34 -15.97 31.36 -28.97
C GLU M 34 -16.07 29.94 -28.42
N GLY M 35 -17.26 29.35 -28.36
CA GLY M 35 -17.40 28.04 -27.74
C GLY M 35 -17.23 28.04 -26.25
N ILE M 36 -17.36 29.20 -25.62
CA ILE M 36 -17.26 29.32 -24.16
C ILE M 36 -18.44 28.61 -23.52
N PRO M 37 -18.21 27.76 -22.51
CA PRO M 37 -19.33 27.06 -21.85
C PRO M 37 -20.23 28.04 -21.11
N PRO M 38 -21.53 28.01 -21.39
CA PRO M 38 -22.44 29.06 -20.88
C PRO M 38 -22.79 28.96 -19.40
N ASP M 39 -22.11 28.13 -18.61
CA ASP M 39 -22.26 28.15 -17.17
C ASP M 39 -21.31 29.12 -16.49
N GLN M 40 -20.76 30.10 -17.24
CA GLN M 40 -19.86 31.07 -16.64
C GLN M 40 -20.09 32.49 -17.16
N GLN M 41 -21.27 32.80 -17.68
CA GLN M 41 -21.54 34.15 -18.18
C GLN M 41 -22.12 35.04 -17.10
N ARG M 42 -21.43 35.08 -15.96
CA ARG M 42 -21.81 35.96 -14.88
C ARG M 42 -21.30 37.37 -15.15
N LEU M 43 -22.15 38.35 -14.90
CA LEU M 43 -21.82 39.74 -15.16
C LEU M 43 -22.12 40.56 -13.91
N ILE M 44 -21.56 41.77 -13.86
CA ILE M 44 -21.54 42.57 -12.64
C ILE M 44 -22.13 43.95 -12.92
N PHE M 45 -23.08 44.36 -12.08
CA PHE M 45 -23.78 45.65 -12.19
C PHE M 45 -23.54 46.40 -10.89
N ALA M 46 -22.47 47.23 -10.88
CA ALA M 46 -22.07 48.05 -9.73
C ALA M 46 -21.82 47.19 -8.50
N GLY M 47 -20.98 46.19 -8.66
CA GLY M 47 -20.74 45.22 -7.61
C GLY M 47 -21.67 44.04 -7.64
N LYS M 48 -22.96 44.29 -7.77
CA LYS M 48 -23.97 43.25 -7.63
C LYS M 48 -23.99 42.34 -8.86
N GLN M 49 -24.44 41.11 -8.62
CA GLN M 49 -24.44 40.08 -9.65
C GLN M 49 -25.58 40.32 -10.64
N LEU M 50 -25.27 40.17 -11.93
CA LEU M 50 -26.30 40.12 -12.96
C LEU M 50 -26.77 38.67 -13.11
N GLU M 51 -27.97 38.40 -12.64
CA GLU M 51 -28.48 37.04 -12.60
C GLU M 51 -28.90 36.59 -14.01
N ASP M 52 -28.71 35.30 -14.27
CA ASP M 52 -28.84 34.73 -15.61
C ASP M 52 -30.22 34.13 -15.89
N GLY M 53 -31.28 34.71 -15.34
CA GLY M 53 -32.62 34.20 -15.59
C GLY M 53 -33.63 35.26 -16.01
N ARG M 54 -33.16 36.43 -16.43
CA ARG M 54 -34.05 37.53 -16.80
C ARG M 54 -33.73 38.09 -18.17
N THR M 55 -34.29 39.23 -18.51
CA THR M 55 -34.04 39.90 -19.77
C THR M 55 -33.04 41.04 -19.58
N LEU M 56 -32.54 41.57 -20.72
CA LEU M 56 -31.53 42.62 -20.66
C LEU M 56 -32.11 43.95 -20.21
N SER M 57 -33.39 44.20 -20.52
CA SER M 57 -34.01 45.48 -20.21
C SER M 57 -34.45 45.60 -18.76
N ASP M 58 -34.23 44.58 -17.93
CA ASP M 58 -34.58 44.64 -16.52
C ASP M 58 -33.57 45.40 -15.68
N TYR M 59 -32.52 45.95 -16.29
CA TYR M 59 -31.48 46.66 -15.54
C TYR M 59 -31.17 48.05 -16.06
N ASN M 60 -31.54 48.37 -17.32
CA ASN M 60 -31.47 49.71 -17.89
C ASN M 60 -30.04 50.25 -17.91
N ILE M 61 -29.13 49.43 -18.42
CA ILE M 61 -27.76 49.88 -18.64
C ILE M 61 -27.77 50.84 -19.83
N GLN M 62 -26.88 51.84 -19.79
CA GLN M 62 -26.66 52.71 -20.93
C GLN M 62 -26.21 51.88 -22.13
N LYS M 63 -26.76 52.22 -23.30
CA LYS M 63 -26.57 51.38 -24.48
C LYS M 63 -25.12 51.44 -24.96
N GLU M 64 -24.68 50.31 -25.52
CA GLU M 64 -23.33 50.08 -26.03
C GLU M 64 -22.27 50.30 -24.95
N SER M 65 -22.42 49.54 -23.87
CA SER M 65 -21.58 49.64 -22.69
C SER M 65 -20.56 48.51 -22.63
N THR M 66 -19.84 48.42 -21.51
CA THR M 66 -18.77 47.46 -21.32
C THR M 66 -19.00 46.69 -20.03
N LEU M 67 -18.99 45.37 -20.11
CA LEU M 67 -19.16 44.49 -18.96
C LEU M 67 -17.96 43.55 -18.82
N HIS M 68 -18.05 42.62 -17.87
CA HIS M 68 -16.92 41.78 -17.50
C HIS M 68 -17.42 40.39 -17.11
N LEU M 69 -16.88 39.37 -17.77
CA LEU M 69 -17.25 37.98 -17.53
C LEU M 69 -16.23 37.30 -16.63
N VAL M 70 -16.69 36.31 -15.86
CA VAL M 70 -15.87 35.60 -14.89
C VAL M 70 -15.77 34.14 -15.29
N LEU M 71 -14.55 33.63 -15.42
CA LEU M 71 -14.33 32.22 -15.75
C LEU M 71 -14.73 31.35 -14.57
N ARG M 72 -15.84 30.63 -14.73
CA ARG M 72 -16.49 29.91 -13.64
C ARG M 72 -16.75 28.46 -14.04
N LEU M 73 -16.54 27.56 -13.09
CA LEU M 73 -17.01 26.19 -13.19
C LEU M 73 -18.23 26.04 -12.28
N ARG M 74 -19.35 25.62 -12.87
CA ARG M 74 -20.61 25.50 -12.15
C ARG M 74 -21.04 24.04 -12.05
N GLY M 75 -21.15 23.35 -13.18
CA GLY M 75 -21.44 21.93 -13.17
C GLY M 75 -20.18 21.11 -13.37
N CYS M 76 -19.07 21.60 -12.81
CA CYS M 76 -17.73 21.03 -12.95
C CYS M 76 -17.30 20.84 -14.40
N VAL N 287 6.39 -24.91 -57.24
CA VAL N 287 7.40 -23.86 -57.18
C VAL N 287 6.86 -22.69 -56.37
N LEU N 288 7.30 -22.60 -55.12
CA LEU N 288 6.79 -21.63 -54.16
C LEU N 288 7.98 -21.07 -53.37
N LEU N 289 7.70 -20.40 -52.26
CA LEU N 289 8.75 -20.04 -51.33
C LEU N 289 9.24 -21.28 -50.57
N ALA N 290 10.32 -21.11 -49.83
CA ALA N 290 11.00 -22.24 -49.22
C ALA N 290 10.24 -22.78 -48.03
N LEU N 291 10.27 -24.10 -47.86
CA LEU N 291 9.76 -24.79 -46.69
C LEU N 291 10.86 -25.07 -45.67
N HIS N 292 11.95 -25.71 -46.13
CA HIS N 292 13.08 -25.98 -45.24
C HIS N 292 13.84 -24.71 -44.91
N ASP N 293 14.29 -23.99 -45.93
CA ASP N 293 15.27 -22.93 -45.79
C ASP N 293 14.61 -21.58 -45.56
N ARG N 294 13.72 -21.51 -44.57
CA ARG N 294 13.04 -20.28 -44.21
C ARG N 294 13.20 -20.02 -42.72
N ALA N 295 13.05 -18.77 -42.34
CA ALA N 295 12.85 -18.46 -40.93
C ALA N 295 11.45 -18.92 -40.56
N PRO N 296 11.29 -19.80 -39.56
CA PRO N 296 9.97 -20.39 -39.30
C PRO N 296 8.94 -19.42 -38.78
N GLN N 297 9.36 -18.29 -38.24
CA GLN N 297 8.45 -17.31 -37.66
C GLN N 297 7.87 -16.34 -38.69
N LEU N 298 8.28 -16.44 -39.96
CA LEU N 298 7.82 -15.53 -40.99
C LEU N 298 6.35 -15.73 -41.33
N LYS N 299 5.77 -14.74 -42.00
CA LYS N 299 4.41 -14.84 -42.52
C LYS N 299 4.43 -15.46 -43.91
N ILE N 300 4.81 -16.73 -43.95
CA ILE N 300 4.71 -17.52 -45.16
C ILE N 300 3.25 -17.98 -45.26
N SER N 301 2.45 -17.22 -46.01
CA SER N 301 1.01 -17.40 -46.05
C SER N 301 0.64 -18.57 -46.96
N ASP N 302 -0.64 -18.67 -47.33
CA ASP N 302 -1.11 -19.81 -48.10
C ASP N 302 -0.64 -19.75 -49.56
N ASP N 303 -0.37 -18.55 -50.07
CA ASP N 303 0.12 -18.42 -51.45
C ASP N 303 1.60 -18.77 -51.57
N ARG N 304 2.36 -18.55 -50.49
CA ARG N 304 3.80 -18.80 -50.41
C ARG N 304 4.57 -18.04 -51.51
N LEU N 305 4.24 -16.76 -51.64
CA LEU N 305 4.99 -15.84 -52.51
C LEU N 305 5.30 -14.49 -51.88
N THR N 306 4.53 -14.04 -50.90
CA THR N 306 4.70 -12.73 -50.28
C THR N 306 4.85 -12.92 -48.78
N VAL N 307 5.82 -12.23 -48.18
CA VAL N 307 6.14 -12.41 -46.77
C VAL N 307 6.27 -11.03 -46.12
N VAL N 308 5.83 -10.95 -44.87
CA VAL N 308 5.99 -9.77 -44.03
C VAL N 308 7.18 -9.99 -43.10
N GLY N 309 8.06 -8.99 -43.02
CA GLY N 309 9.30 -9.16 -42.28
C GLY N 309 9.09 -9.23 -40.78
N GLU N 310 9.99 -9.96 -40.13
CA GLU N 310 9.90 -10.21 -38.69
C GLU N 310 10.74 -9.17 -37.92
N LYS N 311 10.98 -9.46 -36.64
CA LYS N 311 11.61 -8.53 -35.71
C LYS N 311 13.11 -8.78 -35.57
N GLY N 312 13.79 -9.12 -36.65
CA GLY N 312 15.22 -9.24 -36.65
C GLY N 312 15.76 -9.22 -38.07
N TYR N 313 17.07 -9.40 -38.20
CA TYR N 313 17.65 -9.55 -39.54
C TYR N 313 17.29 -10.93 -40.09
N SER N 314 16.04 -11.10 -40.50
CA SER N 314 15.50 -12.41 -40.87
C SER N 314 15.95 -12.74 -42.28
N MET N 315 17.17 -13.23 -42.39
CA MET N 315 17.74 -13.52 -43.70
C MET N 315 17.16 -14.85 -44.17
N VAL N 316 16.02 -14.78 -44.82
CA VAL N 316 15.40 -15.97 -45.40
C VAL N 316 16.11 -16.29 -46.71
N ARG N 317 16.38 -17.57 -46.92
CA ARG N 317 16.99 -18.05 -48.14
C ARG N 317 15.97 -18.85 -48.94
N ALA N 318 16.43 -19.45 -50.03
CA ALA N 318 15.60 -20.30 -50.86
C ALA N 318 16.44 -21.43 -51.41
N SER N 319 15.88 -22.64 -51.41
CA SER N 319 16.59 -23.79 -51.93
C SER N 319 16.71 -23.77 -53.45
N HIS N 320 15.94 -22.92 -54.14
CA HIS N 320 16.06 -22.74 -55.58
C HIS N 320 17.18 -21.72 -55.86
N GLY N 321 18.40 -22.17 -55.62
CA GLY N 321 19.58 -21.33 -55.85
C GLY N 321 20.56 -21.96 -56.82
N VAL N 322 21.44 -21.16 -57.36
CA VAL N 322 22.25 -21.58 -58.51
C VAL N 322 23.60 -22.11 -58.05
N ARG N 323 24.16 -23.00 -58.88
CA ARG N 323 25.52 -23.49 -58.75
C ARG N 323 26.43 -22.92 -59.82
N LYS N 324 26.05 -23.09 -61.09
CA LYS N 324 26.72 -22.50 -62.24
C LYS N 324 25.75 -22.47 -63.40
N GLY N 325 25.98 -21.54 -64.33
CA GLY N 325 25.14 -21.44 -65.50
C GLY N 325 24.62 -20.05 -65.76
N ALA N 326 23.41 -19.95 -66.31
CA ALA N 326 22.82 -18.66 -66.70
C ALA N 326 21.36 -18.67 -66.25
N TRP N 327 21.08 -18.02 -65.11
CA TRP N 327 19.79 -18.09 -64.47
C TRP N 327 19.46 -16.74 -63.84
N TYR N 328 18.24 -16.26 -64.04
CA TYR N 328 17.83 -14.98 -63.46
C TYR N 328 16.33 -14.99 -63.21
N PHE N 329 15.94 -14.42 -62.09
CA PHE N 329 14.55 -14.13 -61.75
C PHE N 329 14.47 -12.70 -61.23
N GLU N 330 13.26 -12.27 -60.90
CA GLU N 330 13.03 -10.93 -60.37
C GLU N 330 12.59 -11.02 -58.91
N ILE N 331 12.79 -9.92 -58.19
CA ILE N 331 12.31 -9.78 -56.81
C ILE N 331 11.35 -8.59 -56.85
N THR N 332 10.06 -8.86 -57.05
CA THR N 332 9.08 -7.80 -57.23
C THR N 332 8.68 -7.29 -55.85
N VAL N 333 9.53 -6.43 -55.30
CA VAL N 333 9.24 -5.77 -54.03
C VAL N 333 8.15 -4.75 -54.28
N ASP N 334 7.16 -4.70 -53.38
CA ASP N 334 5.97 -3.89 -53.61
C ASP N 334 5.85 -2.73 -52.63
N GLU N 335 5.86 -3.01 -51.32
CA GLU N 335 5.78 -1.98 -50.30
C GLU N 335 6.93 -2.16 -49.32
N MET N 336 7.61 -1.07 -48.99
CA MET N 336 8.73 -1.11 -48.05
C MET N 336 8.57 0.06 -47.09
N PRO N 337 8.03 -0.17 -45.89
CA PRO N 337 7.86 0.90 -44.91
C PRO N 337 9.20 1.40 -44.40
N PRO N 338 9.25 2.57 -43.77
CA PRO N 338 10.50 3.03 -43.16
C PRO N 338 10.96 2.13 -42.04
N ASP N 339 12.28 2.13 -41.82
CA ASP N 339 12.99 1.25 -40.89
C ASP N 339 12.73 -0.22 -41.21
N THR N 340 12.65 -0.53 -42.52
CA THR N 340 12.62 -1.91 -43.04
C THR N 340 13.65 -1.96 -44.16
N ALA N 341 14.90 -2.19 -43.80
CA ALA N 341 15.97 -2.29 -44.77
C ALA N 341 15.98 -3.68 -45.41
N ALA N 342 16.82 -3.83 -46.43
CA ALA N 342 16.96 -5.10 -47.13
C ALA N 342 18.34 -5.16 -47.75
N ARG N 343 19.05 -6.26 -47.50
CA ARG N 343 20.39 -6.47 -48.04
C ARG N 343 20.31 -7.47 -49.19
N LEU N 344 20.91 -7.11 -50.31
CA LEU N 344 20.76 -7.84 -51.57
C LEU N 344 22.06 -8.53 -51.94
N GLY N 345 21.97 -9.80 -52.31
CA GLY N 345 23.14 -10.54 -52.71
C GLY N 345 22.82 -12.01 -52.94
N TRP N 346 23.88 -12.82 -53.03
CA TRP N 346 23.80 -14.25 -53.26
C TRP N 346 24.68 -14.96 -52.23
N SER N 347 24.07 -15.82 -51.41
CA SER N 347 24.80 -16.46 -50.33
C SER N 347 24.79 -17.98 -50.49
N GLN N 348 25.74 -18.63 -49.81
CA GLN N 348 26.04 -20.05 -49.82
C GLN N 348 25.26 -20.78 -48.73
N PRO N 349 24.92 -22.07 -48.93
CA PRO N 349 23.91 -22.72 -48.07
C PRO N 349 24.32 -22.93 -46.61
N LEU N 350 25.58 -22.71 -46.25
CA LEU N 350 26.04 -22.97 -44.90
C LEU N 350 25.97 -21.73 -44.00
N GLY N 351 25.05 -20.80 -44.28
CA GLY N 351 24.83 -19.66 -43.42
C GLY N 351 23.72 -19.92 -42.41
N ASN N 352 23.48 -18.92 -41.56
CA ASN N 352 22.46 -18.98 -40.53
C ASN N 352 21.24 -18.16 -40.97
N LEU N 353 20.05 -18.61 -40.53
CA LEU N 353 18.82 -17.95 -40.92
C LEU N 353 18.68 -16.58 -40.29
N GLN N 354 19.14 -16.44 -39.06
CA GLN N 354 19.02 -15.17 -38.33
C GLN N 354 20.19 -14.24 -38.59
N ALA N 355 21.32 -14.76 -39.07
CA ALA N 355 22.49 -13.93 -39.33
C ALA N 355 22.26 -13.04 -40.55
N PRO N 356 22.58 -11.76 -40.49
CA PRO N 356 22.43 -10.89 -41.66
C PRO N 356 23.46 -11.22 -42.72
N LEU N 357 23.21 -10.68 -43.91
CA LEU N 357 24.01 -10.97 -45.08
C LEU N 357 25.40 -10.34 -44.95
N GLY N 358 26.35 -10.88 -45.70
CA GLY N 358 27.67 -10.28 -45.79
C GLY N 358 28.56 -10.44 -44.58
N TYR N 359 28.79 -11.67 -44.14
CA TYR N 359 29.69 -11.92 -43.02
C TYR N 359 31.09 -12.32 -43.47
N ASP N 360 31.19 -13.23 -44.42
CA ASP N 360 32.46 -13.72 -44.95
C ASP N 360 32.21 -14.15 -46.38
N LYS N 361 33.11 -15.00 -46.90
CA LYS N 361 33.07 -15.51 -48.28
C LYS N 361 31.75 -16.20 -48.65
N PHE N 362 30.91 -16.56 -47.69
CA PHE N 362 29.58 -17.09 -48.00
C PHE N 362 28.69 -16.01 -48.63
N SER N 363 28.73 -14.79 -48.12
CA SER N 363 27.68 -13.82 -48.40
C SER N 363 28.24 -12.41 -48.62
N TYR N 364 27.55 -11.64 -49.46
CA TYR N 364 27.93 -10.26 -49.81
C TYR N 364 26.73 -9.38 -49.54
N SER N 365 26.90 -8.35 -48.71
CA SER N 365 25.78 -7.47 -48.38
C SER N 365 26.05 -6.03 -48.79
N TRP N 366 25.04 -5.20 -48.53
CA TRP N 366 24.96 -3.82 -48.99
C TRP N 366 23.77 -3.15 -48.31
N ARG N 367 23.90 -1.87 -47.99
CA ARG N 367 22.90 -1.12 -47.24
C ARG N 367 22.04 -0.28 -48.19
N SER N 368 20.76 -0.14 -47.82
CA SER N 368 19.83 0.69 -48.58
C SER N 368 20.22 2.16 -48.51
N LYS N 369 20.26 2.72 -47.30
CA LYS N 369 20.59 4.12 -47.11
C LYS N 369 22.10 4.32 -47.24
N LYS N 370 22.49 5.35 -48.01
CA LYS N 370 23.84 5.82 -48.27
C LYS N 370 24.71 4.88 -49.11
N GLY N 371 24.21 3.69 -49.47
CA GLY N 371 24.93 2.77 -50.33
C GLY N 371 26.20 2.21 -49.75
N THR N 372 26.15 1.71 -48.52
CA THR N 372 27.34 1.40 -47.73
C THR N 372 27.42 -0.10 -47.53
N LYS N 373 28.20 -0.78 -48.37
CA LYS N 373 28.30 -2.23 -48.26
C LYS N 373 29.11 -2.63 -47.03
N PHE N 374 28.68 -3.71 -46.39
CA PHE N 374 29.37 -4.26 -45.23
C PHE N 374 29.61 -5.73 -45.47
N HIS N 375 30.88 -6.12 -45.53
CA HIS N 375 31.26 -7.48 -45.84
C HIS N 375 32.64 -7.74 -45.28
N GLN N 376 32.78 -8.86 -44.56
CA GLN N 376 34.00 -9.27 -43.85
C GLN N 376 34.44 -8.20 -42.86
N SER N 377 33.47 -7.65 -42.12
CA SER N 377 33.68 -6.68 -41.03
C SER N 377 34.36 -5.39 -41.51
N ILE N 378 33.87 -4.87 -42.64
CA ILE N 378 34.47 -3.70 -43.29
C ILE N 378 33.36 -2.68 -43.50
N GLY N 379 33.64 -1.41 -43.16
CA GLY N 379 32.71 -0.33 -43.42
C GLY N 379 33.14 0.61 -44.54
N LYS N 380 32.49 0.50 -45.70
CA LYS N 380 32.85 1.29 -46.88
C LYS N 380 31.61 1.89 -47.51
N HIS N 381 31.49 3.22 -47.42
CA HIS N 381 30.43 3.95 -48.11
C HIS N 381 30.72 3.96 -49.61
N TYR N 382 29.92 3.21 -50.38
CA TYR N 382 30.36 2.74 -51.69
C TYR N 382 29.67 3.41 -52.87
N SER N 383 28.34 3.36 -52.95
CA SER N 383 27.64 3.80 -54.17
C SER N 383 26.30 4.39 -53.77
N SER N 384 25.40 4.50 -54.73
CA SER N 384 24.07 5.04 -54.50
C SER N 384 23.08 3.93 -54.15
N GLY N 385 22.15 4.26 -53.26
CA GLY N 385 21.21 3.28 -52.74
C GLY N 385 20.04 3.01 -53.67
N TYR N 386 18.96 2.51 -53.09
CA TYR N 386 17.72 2.32 -53.84
C TYR N 386 16.56 3.04 -53.17
N GLY N 387 15.36 2.83 -53.68
CA GLY N 387 14.20 3.54 -53.19
C GLY N 387 13.27 2.73 -52.32
N GLN N 388 12.10 2.40 -52.87
CA GLN N 388 11.04 1.74 -52.10
C GLN N 388 10.16 0.94 -53.04
N GLY N 389 10.21 -0.38 -52.94
CA GLY N 389 9.31 -1.23 -53.70
C GLY N 389 9.58 -1.27 -55.19
N ASP N 390 10.84 -1.33 -55.59
CA ASP N 390 11.18 -1.42 -57.00
C ASP N 390 11.20 -2.90 -57.41
N VAL N 391 11.63 -3.19 -58.64
CA VAL N 391 11.75 -4.55 -59.13
C VAL N 391 13.22 -4.90 -59.11
N LEU N 392 13.65 -5.59 -58.05
CA LEU N 392 15.04 -5.91 -57.85
C LEU N 392 15.30 -7.36 -58.30
N GLY N 393 16.49 -7.85 -58.01
CA GLY N 393 16.92 -9.15 -58.47
C GLY N 393 18.23 -9.05 -59.20
N PHE N 394 19.24 -9.80 -58.77
CA PHE N 394 20.56 -9.71 -59.36
C PHE N 394 20.81 -10.93 -60.24
N TYR N 395 21.81 -10.80 -61.11
CA TYR N 395 22.24 -11.89 -61.95
C TYR N 395 23.69 -12.24 -61.62
N ILE N 396 23.96 -13.53 -61.53
CA ILE N 396 25.33 -14.03 -61.35
C ILE N 396 25.58 -15.07 -62.42
N ASN N 397 26.82 -15.11 -62.91
CA ASN N 397 27.22 -16.01 -63.99
C ASN N 397 28.53 -16.68 -63.60
N LEU N 398 28.56 -18.01 -63.72
CA LEU N 398 29.78 -18.79 -63.57
C LEU N 398 29.97 -19.63 -64.82
N PRO N 399 30.61 -19.09 -65.85
CA PRO N 399 30.97 -19.91 -67.00
C PRO N 399 32.10 -20.87 -66.66
N GLU N 400 31.99 -22.10 -67.13
CA GLU N 400 32.97 -23.13 -66.84
C GLU N 400 34.24 -22.91 -67.66
N PRO N 443 34.67 -19.53 -61.20
CA PRO N 443 36.01 -18.96 -61.02
C PRO N 443 36.06 -17.45 -61.26
N HIS N 444 35.33 -16.96 -62.26
CA HIS N 444 35.17 -15.53 -62.48
C HIS N 444 33.70 -15.17 -62.34
N SER N 445 33.43 -13.95 -61.88
CA SER N 445 32.11 -13.58 -61.41
C SER N 445 31.59 -12.34 -62.13
N GLU N 446 30.27 -12.24 -62.18
CA GLU N 446 29.55 -11.06 -62.67
C GLU N 446 28.73 -10.53 -61.48
N ILE N 447 29.34 -9.68 -60.67
CA ILE N 447 28.72 -9.18 -59.46
C ILE N 447 28.49 -7.69 -59.66
N ILE N 448 27.27 -7.32 -60.06
CA ILE N 448 26.87 -5.93 -60.24
C ILE N 448 25.50 -5.76 -59.60
N PHE N 449 25.33 -4.68 -58.81
CA PHE N 449 24.02 -4.31 -58.31
C PHE N 449 23.09 -3.93 -59.46
N TYR N 450 22.06 -4.74 -59.70
CA TYR N 450 21.05 -4.49 -60.74
C TYR N 450 19.80 -3.91 -60.08
N LYS N 451 19.61 -2.60 -60.21
CA LYS N 451 18.40 -1.92 -59.77
C LYS N 451 17.59 -1.57 -61.01
N ASN N 452 16.56 -2.38 -61.29
CA ASN N 452 15.73 -2.30 -62.50
C ASN N 452 16.58 -2.40 -63.77
N GLY N 453 17.54 -3.33 -63.76
CA GLY N 453 18.40 -3.52 -64.91
C GLY N 453 19.41 -2.42 -65.15
N VAL N 454 19.84 -1.73 -64.09
CA VAL N 454 20.77 -0.61 -64.22
C VAL N 454 22.03 -0.93 -63.43
N ASN N 455 23.18 -0.65 -64.04
CA ASN N 455 24.47 -0.71 -63.37
C ASN N 455 24.50 0.26 -62.19
N GLN N 456 24.68 -0.29 -60.99
CA GLN N 456 24.75 0.50 -59.76
C GLN N 456 26.05 0.35 -58.99
N GLY N 457 26.99 -0.44 -59.49
CA GLY N 457 28.24 -0.65 -58.81
C GLY N 457 28.66 -2.11 -58.77
N VAL N 458 29.96 -2.37 -58.88
CA VAL N 458 30.50 -3.72 -58.79
C VAL N 458 30.86 -3.99 -57.33
N ALA N 459 30.23 -4.99 -56.74
CA ALA N 459 30.40 -5.22 -55.30
C ALA N 459 31.72 -5.90 -54.99
N TYR N 460 31.90 -7.13 -55.45
CA TYR N 460 33.10 -7.92 -55.16
C TYR N 460 33.43 -8.76 -56.39
N LYS N 461 34.33 -9.73 -56.22
CA LYS N 461 34.91 -10.46 -57.34
C LYS N 461 35.46 -11.78 -56.83
N ASP N 462 35.54 -12.76 -57.74
CA ASP N 462 36.24 -14.04 -57.55
C ASP N 462 35.64 -14.86 -56.41
N ILE N 463 34.37 -15.24 -56.61
CA ILE N 463 33.65 -16.02 -55.61
C ILE N 463 34.22 -17.43 -55.50
N PHE N 464 33.94 -18.06 -54.37
CA PHE N 464 34.53 -19.34 -53.99
C PHE N 464 33.51 -20.48 -54.13
N GLU N 465 33.90 -21.65 -53.62
CA GLU N 465 33.16 -22.89 -53.84
C GLU N 465 31.85 -22.90 -53.08
N GLY N 466 30.78 -23.28 -53.76
CA GLY N 466 29.51 -23.50 -53.09
C GLY N 466 28.35 -23.20 -54.02
N VAL N 467 27.17 -23.62 -53.58
CA VAL N 467 25.91 -23.23 -54.21
C VAL N 467 25.60 -21.79 -53.81
N TYR N 468 24.82 -21.08 -54.62
CA TYR N 468 24.48 -19.70 -54.33
C TYR N 468 22.97 -19.53 -54.31
N PHE N 469 22.41 -19.26 -53.12
CA PHE N 469 21.04 -19.05 -52.66
C PHE N 469 20.73 -17.56 -52.54
N PRO N 470 19.48 -17.15 -52.83
CA PRO N 470 19.07 -15.76 -52.65
C PRO N 470 18.76 -15.47 -51.19
N ALA N 471 19.62 -14.68 -50.55
CA ALA N 471 19.52 -14.40 -49.12
C ALA N 471 19.35 -12.90 -48.93
N ILE N 472 18.21 -12.51 -48.34
CA ILE N 472 17.89 -11.11 -48.09
C ILE N 472 17.54 -10.96 -46.63
N SER N 473 18.33 -10.18 -45.89
CA SER N 473 18.07 -9.91 -44.48
C SER N 473 16.92 -8.91 -44.38
N LEU N 474 15.69 -9.45 -44.42
CA LEU N 474 14.48 -8.65 -44.26
C LEU N 474 14.44 -8.10 -42.84
N TYR N 475 14.52 -6.77 -42.72
CA TYR N 475 14.82 -6.15 -41.44
C TYR N 475 13.58 -6.10 -40.54
N LYS N 476 12.52 -5.45 -40.99
CA LYS N 476 11.26 -5.40 -40.26
C LYS N 476 10.13 -5.60 -41.26
N SER N 477 8.91 -5.27 -40.84
CA SER N 477 7.69 -5.65 -41.55
C SER N 477 7.58 -4.93 -42.88
N CYS N 478 7.92 -5.64 -43.95
CA CYS N 478 7.91 -5.11 -45.31
C CYS N 478 7.19 -6.08 -46.24
N THR N 479 6.77 -5.56 -47.39
CA THR N 479 6.02 -6.34 -48.37
C THR N 479 6.94 -6.60 -49.56
N VAL N 480 7.52 -7.80 -49.59
CA VAL N 480 8.34 -8.25 -50.71
C VAL N 480 7.67 -9.45 -51.35
N SER N 481 7.96 -9.67 -52.62
CA SER N 481 7.34 -10.77 -53.37
C SER N 481 8.33 -11.25 -54.40
N ILE N 482 8.69 -12.52 -54.33
CA ILE N 482 9.60 -13.11 -55.30
C ILE N 482 8.84 -13.39 -56.59
N ASN N 483 9.52 -13.23 -57.72
CA ASN N 483 8.94 -13.47 -59.03
C ASN N 483 9.59 -14.71 -59.63
N PHE N 484 8.76 -15.53 -60.29
CA PHE N 484 9.18 -16.82 -60.83
C PHE N 484 9.01 -16.94 -62.34
N GLY N 485 7.93 -16.40 -62.88
CA GLY N 485 7.50 -16.74 -64.23
C GLY N 485 8.32 -16.07 -65.31
N PRO N 486 8.00 -16.42 -66.56
CA PRO N 486 8.73 -15.85 -67.70
C PRO N 486 8.25 -14.46 -68.12
N CYS N 487 7.15 -13.96 -67.55
CA CYS N 487 6.67 -12.62 -67.87
C CYS N 487 7.42 -11.59 -67.03
N PHE N 488 8.69 -11.39 -67.42
CA PHE N 488 9.58 -10.56 -66.62
C PHE N 488 9.25 -9.09 -66.81
N LYS N 489 9.20 -8.35 -65.69
CA LYS N 489 8.82 -6.94 -65.72
C LYS N 489 9.98 -6.09 -66.23
N TYR N 490 11.14 -6.18 -65.58
CA TYR N 490 12.36 -5.49 -66.01
C TYR N 490 13.46 -6.53 -66.22
N PRO N 491 13.47 -7.21 -67.36
CA PRO N 491 14.56 -8.14 -67.65
C PRO N 491 15.84 -7.38 -67.98
N PRO N 492 17.00 -7.99 -67.80
CA PRO N 492 18.25 -7.31 -68.13
C PRO N 492 18.41 -7.15 -69.64
N LYS N 493 19.01 -6.03 -70.02
CA LYS N 493 19.14 -5.66 -71.43
C LYS N 493 20.22 -6.53 -72.09
N ASP N 494 19.79 -7.37 -73.04
CA ASP N 494 20.67 -8.23 -73.86
C ASP N 494 21.53 -9.17 -73.01
N LEU N 495 20.96 -9.66 -71.92
CA LEU N 495 21.64 -10.63 -71.06
C LEU N 495 20.86 -11.94 -71.10
N THR N 496 21.59 -13.04 -71.29
CA THR N 496 20.98 -14.33 -71.56
C THR N 496 20.98 -15.20 -70.31
N TYR N 497 19.84 -15.83 -70.05
CA TYR N 497 19.70 -16.73 -68.90
C TYR N 497 18.59 -17.72 -69.18
N ARG N 498 18.76 -18.92 -68.65
CA ARG N 498 17.66 -19.86 -68.61
C ARG N 498 16.63 -19.39 -67.59
N PRO N 499 15.33 -19.46 -67.91
CA PRO N 499 14.32 -18.95 -66.99
C PRO N 499 14.14 -19.87 -65.79
N MET N 500 13.84 -19.24 -64.64
CA MET N 500 13.80 -19.91 -63.35
C MET N 500 12.55 -20.75 -63.12
N SER N 501 11.68 -20.88 -64.10
CA SER N 501 10.53 -21.77 -64.01
C SER N 501 10.85 -23.19 -64.49
N ASP N 502 12.13 -23.54 -64.57
CA ASP N 502 12.58 -24.81 -65.16
C ASP N 502 13.50 -25.57 -64.21
N MET N 503 13.38 -25.33 -62.92
CA MET N 503 14.19 -26.00 -61.91
C MET N 503 13.37 -26.77 -60.88
N GLY N 504 12.25 -26.21 -60.43
CA GLY N 504 11.43 -26.86 -59.43
C GLY N 504 10.49 -27.91 -59.98
N PRO O 33 49.24 35.77 -13.94
CA PRO O 33 50.10 34.67 -13.48
C PRO O 33 51.30 35.19 -12.72
N ASN O 34 51.03 35.98 -11.68
CA ASN O 34 52.06 36.69 -10.95
C ASN O 34 51.98 36.38 -9.45
N TYR O 35 51.85 35.09 -9.13
CA TYR O 35 51.80 34.66 -7.74
C TYR O 35 53.22 34.33 -7.29
N ALA O 36 53.82 35.22 -6.50
CA ALA O 36 55.23 35.11 -6.11
C ALA O 36 55.36 34.51 -4.72
N LEU O 37 56.50 33.83 -4.50
CA LEU O 37 56.75 33.15 -3.24
C LEU O 37 57.14 34.15 -2.16
N LYS O 38 56.55 34.02 -0.98
CA LYS O 38 56.79 35.04 0.03
C LYS O 38 57.31 34.52 1.35
N PHE O 39 56.81 33.39 1.84
CA PHE O 39 57.12 32.97 3.20
C PHE O 39 57.45 31.49 3.26
N THR O 40 57.85 31.06 4.46
CA THR O 40 58.23 29.69 4.75
C THR O 40 57.81 29.34 6.17
N LEU O 41 57.05 28.25 6.30
CA LEU O 41 56.44 27.84 7.57
C LEU O 41 56.85 26.40 7.82
N ALA O 42 57.62 26.16 8.89
CA ALA O 42 58.06 24.80 9.19
C ALA O 42 57.85 24.48 10.66
N GLY O 43 58.38 23.34 11.10
CA GLY O 43 58.32 23.00 12.51
C GLY O 43 57.62 21.69 12.81
N HIS O 44 57.60 20.77 11.85
CA HIS O 44 56.95 19.48 12.03
C HIS O 44 57.92 18.36 11.68
N THR O 45 57.95 17.33 12.53
CA THR O 45 58.93 16.25 12.44
C THR O 45 58.54 15.17 11.44
N LYS O 46 57.26 14.84 11.36
CA LYS O 46 56.77 13.96 10.31
C LYS O 46 56.41 14.81 9.09
N ALA O 47 55.72 14.20 8.13
CA ALA O 47 55.27 14.94 6.96
C ALA O 47 54.11 15.86 7.33
N VAL O 48 54.10 17.04 6.72
CA VAL O 48 52.96 17.95 6.83
C VAL O 48 51.82 17.31 6.03
N SER O 49 50.79 16.83 6.74
CA SER O 49 49.77 16.01 6.08
C SER O 49 48.88 16.87 5.17
N SER O 50 48.22 17.87 5.73
CA SER O 50 47.33 18.70 4.93
C SER O 50 47.32 20.12 5.47
N VAL O 51 47.00 21.07 4.59
CA VAL O 51 46.89 22.49 4.94
C VAL O 51 45.65 23.06 4.26
N LYS O 52 44.57 23.22 5.02
CA LYS O 52 43.33 23.78 4.51
C LYS O 52 42.95 25.02 5.31
N PHE O 53 42.47 26.05 4.60
CA PHE O 53 42.15 27.30 5.25
C PHE O 53 40.84 27.22 6.02
N SER O 54 40.59 28.25 6.80
CA SER O 54 39.29 28.47 7.40
C SER O 54 38.34 29.07 6.36
N PRO O 55 37.05 28.71 6.40
CA PRO O 55 36.12 29.19 5.36
C PRO O 55 35.87 30.68 5.38
N ASN O 56 36.05 31.36 6.52
CA ASN O 56 36.03 32.81 6.49
C ASN O 56 37.32 33.40 5.93
N GLY O 57 38.38 32.60 5.86
CA GLY O 57 39.65 33.07 5.33
C GLY O 57 40.42 33.91 6.33
N GLU O 58 40.66 33.37 7.52
CA GLU O 58 41.51 34.03 8.49
C GLU O 58 42.50 33.08 9.16
N TRP O 59 42.39 31.77 8.92
CA TRP O 59 43.23 30.80 9.62
C TRP O 59 43.65 29.69 8.67
N LEU O 60 44.74 29.03 9.06
CA LEU O 60 45.31 27.95 8.25
C LEU O 60 46.07 27.03 9.21
N ALA O 61 45.48 25.89 9.54
CA ALA O 61 46.07 24.96 10.48
C ALA O 61 47.04 24.03 9.77
N SER O 62 48.16 23.74 10.43
CA SER O 62 49.18 22.84 9.89
C SER O 62 49.00 21.47 10.54
N SER O 63 48.00 20.74 10.08
CA SER O 63 47.79 19.36 10.52
C SER O 63 48.88 18.50 9.91
N SER O 64 49.91 18.22 10.69
CA SER O 64 50.94 17.26 10.30
C SER O 64 50.76 15.98 11.10
N ALA O 65 51.27 14.88 10.55
CA ALA O 65 51.07 13.56 11.14
C ALA O 65 51.82 13.32 12.44
N ASP O 66 52.62 14.29 12.90
CA ASP O 66 53.45 14.14 14.09
C ASP O 66 52.72 14.47 15.39
N LYS O 67 51.38 14.39 15.39
CA LYS O 67 50.52 14.80 16.51
C LYS O 67 50.75 16.26 16.90
N LEU O 68 50.97 17.12 15.90
CA LEU O 68 51.17 18.54 16.12
C LEU O 68 50.40 19.31 15.06
N ILE O 69 49.54 20.23 15.51
CA ILE O 69 48.85 21.17 14.63
C ILE O 69 49.23 22.56 15.12
N LYS O 70 50.21 23.17 14.46
CA LYS O 70 50.53 24.55 14.76
C LYS O 70 49.47 25.46 14.16
N ILE O 71 48.87 26.30 15.00
CA ILE O 71 47.80 27.17 14.54
C ILE O 71 48.44 28.36 13.84
N TRP O 72 48.62 28.25 12.53
CA TRP O 72 49.19 29.35 11.77
C TRP O 72 48.08 30.28 11.30
N GLY O 73 48.48 31.51 10.97
CA GLY O 73 47.61 32.45 10.33
C GLY O 73 47.55 32.21 8.84
N ALA O 74 47.17 33.25 8.11
CA ALA O 74 46.93 33.12 6.68
C ALA O 74 47.51 34.24 5.85
N TYR O 75 48.01 35.31 6.46
CA TYR O 75 48.50 36.46 5.71
C TYR O 75 50.02 36.55 5.69
N ASP O 76 50.71 36.01 6.70
CA ASP O 76 52.17 35.89 6.65
C ASP O 76 52.70 34.60 7.24
N GLY O 77 51.84 33.69 7.69
CA GLY O 77 52.30 32.61 8.54
C GLY O 77 52.30 33.02 10.00
N LYS O 78 51.13 33.43 10.48
CA LYS O 78 50.98 34.01 11.81
C LYS O 78 50.71 32.89 12.81
N PHE O 79 51.77 32.42 13.48
CA PHE O 79 51.64 31.36 14.47
C PHE O 79 50.90 31.85 15.71
N GLU O 80 49.87 31.12 16.11
CA GLU O 80 49.20 31.38 17.39
C GLU O 80 49.59 30.39 18.48
N LYS O 81 49.33 29.10 18.26
CA LYS O 81 49.65 28.07 19.25
C LYS O 81 49.77 26.74 18.53
N THR O 82 50.02 25.69 19.31
CA THR O 82 50.12 24.33 18.79
C THR O 82 49.15 23.46 19.58
N ILE O 83 48.10 22.98 18.92
CA ILE O 83 47.06 22.18 19.55
C ILE O 83 47.35 20.71 19.31
N SER O 84 47.45 19.95 20.39
CA SER O 84 47.72 18.52 20.34
C SER O 84 46.87 17.84 21.41
N GLY O 85 47.19 16.58 21.70
CA GLY O 85 46.39 15.78 22.58
C GLY O 85 45.77 14.60 21.85
N HIS O 86 46.48 14.10 20.85
CA HIS O 86 45.97 13.06 19.98
C HIS O 86 46.35 11.69 20.52
N LYS O 87 46.12 10.66 19.72
CA LYS O 87 46.48 9.29 20.06
C LYS O 87 47.41 8.65 19.05
N LEU O 88 47.18 8.87 17.76
CA LEU O 88 48.04 8.36 16.69
C LEU O 88 48.24 9.48 15.67
N GLY O 89 48.74 9.12 14.49
CA GLY O 89 49.15 10.11 13.52
C GLY O 89 47.95 10.83 12.89
N ILE O 90 48.15 12.12 12.64
CA ILE O 90 47.08 12.96 12.08
C ILE O 90 47.04 12.78 10.58
N SER O 91 45.84 12.55 10.04
CA SER O 91 45.67 12.44 8.60
C SER O 91 45.04 13.68 7.97
N ASP O 92 43.99 14.21 8.58
CA ASP O 92 43.24 15.33 8.00
C ASP O 92 42.54 16.10 9.10
N VAL O 93 42.34 17.39 8.87
CA VAL O 93 41.51 18.23 9.71
C VAL O 93 40.44 18.86 8.83
N ALA O 94 39.25 19.03 9.37
CA ALA O 94 38.16 19.65 8.63
C ALA O 94 37.88 21.04 9.18
N TRP O 95 37.09 21.79 8.43
CA TRP O 95 36.77 23.18 8.78
C TRP O 95 35.28 23.40 8.69
N SER O 96 34.72 24.14 9.64
CA SER O 96 33.31 24.45 9.69
C SER O 96 33.09 25.94 9.41
N SER O 97 31.82 26.30 9.23
CA SER O 97 31.46 27.64 8.79
C SER O 97 31.73 28.70 9.84
N ASP O 98 31.77 28.34 11.13
CA ASP O 98 32.16 29.28 12.16
C ASP O 98 33.68 29.45 12.27
N SER O 99 34.45 28.61 11.56
CA SER O 99 35.92 28.60 11.56
C SER O 99 36.49 28.36 12.95
N ASN O 100 35.73 27.69 13.81
CA ASN O 100 36.10 27.36 15.18
C ASN O 100 36.19 25.87 15.42
N LEU O 101 35.20 25.12 14.94
CA LEU O 101 35.19 23.68 15.15
C LEU O 101 36.24 23.02 14.27
N LEU O 102 37.14 22.28 14.88
CA LEU O 102 38.05 21.41 14.17
C LEU O 102 37.82 19.99 14.66
N VAL O 103 38.05 19.03 13.77
CA VAL O 103 37.93 17.62 14.11
C VAL O 103 39.23 16.94 13.73
N SER O 104 39.65 16.01 14.58
CA SER O 104 40.87 15.24 14.36
C SER O 104 40.50 13.94 13.65
N ALA O 105 40.88 13.83 12.38
CA ALA O 105 40.75 12.56 11.67
C ALA O 105 42.05 11.78 11.77
N SER O 106 42.44 11.51 13.03
CA SER O 106 43.69 10.86 13.34
C SER O 106 43.64 9.37 13.01
N ASP O 107 44.80 8.72 13.11
CA ASP O 107 44.92 7.30 12.79
C ASP O 107 44.46 6.39 13.92
N ASP O 108 43.85 6.94 14.97
CA ASP O 108 43.28 6.16 16.05
C ASP O 108 41.90 5.60 15.74
N LYS O 109 41.47 5.67 14.47
CA LYS O 109 40.19 5.19 13.95
C LYS O 109 38.99 5.88 14.58
N THR O 110 39.21 7.02 15.22
CA THR O 110 38.15 7.80 15.84
C THR O 110 38.26 9.24 15.39
N LEU O 111 37.27 10.04 15.78
CA LEU O 111 37.25 11.46 15.50
C LEU O 111 36.90 12.21 16.76
N LYS O 112 37.71 13.21 17.10
CA LYS O 112 37.55 13.96 18.34
C LYS O 112 37.19 15.41 18.04
N ILE O 113 36.42 15.99 18.95
CA ILE O 113 36.01 17.39 18.81
C ILE O 113 37.11 18.29 19.34
N TRP O 114 37.56 19.22 18.49
CA TRP O 114 38.63 20.16 18.87
C TRP O 114 38.18 21.57 18.52
N ASP O 115 37.64 22.29 19.48
CA ASP O 115 37.31 23.68 19.24
C ASP O 115 38.55 24.54 19.44
N VAL O 116 38.69 25.57 18.62
CA VAL O 116 39.86 26.45 18.68
C VAL O 116 39.86 27.25 19.98
N SER O 117 38.72 27.83 20.33
CA SER O 117 38.60 28.67 21.52
C SER O 117 38.24 27.88 22.77
N SER O 118 38.58 26.59 22.82
CA SER O 118 38.36 25.77 23.99
C SER O 118 39.66 25.33 24.64
N GLY O 119 40.57 24.74 23.89
CA GLY O 119 41.71 24.07 24.48
C GLY O 119 41.31 22.85 25.27
N LYS O 120 40.23 22.19 24.87
CA LYS O 120 39.62 21.13 25.67
C LYS O 120 38.76 20.28 24.77
N CYS O 121 39.13 19.01 24.59
CA CYS O 121 38.34 18.10 23.78
C CYS O 121 37.07 17.71 24.51
N LEU O 122 35.96 17.64 23.76
CA LEU O 122 34.66 17.33 24.34
C LEU O 122 34.27 15.87 24.16
N LYS O 123 34.23 15.39 22.92
CA LYS O 123 33.76 14.04 22.63
C LYS O 123 34.72 13.35 21.67
N THR O 124 34.64 12.02 21.67
CA THR O 124 35.36 11.17 20.74
C THR O 124 34.36 10.27 20.03
N LEU O 125 34.39 10.28 18.70
CA LEU O 125 33.37 9.62 17.90
C LEU O 125 33.89 8.25 17.44
N LYS O 126 33.85 7.29 18.35
CA LYS O 126 34.23 5.92 18.04
C LYS O 126 33.19 5.28 17.12
N GLY O 127 33.63 4.26 16.38
CA GLY O 127 32.70 3.51 15.54
C GLY O 127 33.24 2.98 14.23
N HIS O 128 34.43 3.44 13.82
CA HIS O 128 35.06 2.91 12.63
C HIS O 128 35.69 1.55 12.94
N SER O 129 36.32 0.96 11.92
CA SER O 129 37.13 -0.22 12.13
C SER O 129 38.43 -0.15 11.35
N ASN O 130 38.72 0.97 10.69
CA ASN O 130 39.94 1.13 9.93
C ASN O 130 40.24 2.63 9.89
N TYR O 131 41.31 3.01 9.20
CA TYR O 131 41.85 4.36 9.34
C TYR O 131 40.99 5.39 8.63
N VAL O 132 41.01 6.61 9.16
CA VAL O 132 40.16 7.70 8.68
C VAL O 132 41.00 8.58 7.75
N PHE O 133 40.50 8.79 6.53
CA PHE O 133 41.28 9.49 5.50
C PHE O 133 40.77 10.89 5.18
N CYS O 134 39.47 11.14 5.22
CA CYS O 134 38.94 12.46 4.87
C CYS O 134 37.65 12.72 5.64
N CYS O 135 37.41 14.00 5.92
CA CYS O 135 36.24 14.44 6.69
C CYS O 135 35.95 15.91 6.36
N ASN O 136 34.68 16.29 6.47
CA ASN O 136 34.24 17.63 6.09
C ASN O 136 33.12 18.10 7.02
N PHE O 137 32.75 19.36 6.87
CA PHE O 137 31.61 19.96 7.54
C PHE O 137 30.62 20.51 6.51
N ASN O 138 29.35 20.58 6.91
CA ASN O 138 28.33 21.15 6.06
C ASN O 138 28.46 22.68 5.99
N PRO O 139 27.85 23.32 5.00
CA PRO O 139 27.88 24.79 4.97
C PRO O 139 27.05 25.49 6.04
N GLN O 140 26.28 24.78 6.86
CA GLN O 140 25.49 25.42 7.91
C GLN O 140 25.75 24.79 9.28
N SER O 141 26.99 24.33 9.51
CA SER O 141 27.59 24.16 10.83
C SER O 141 26.97 23.06 11.69
N ASN O 142 26.28 22.08 11.10
CA ASN O 142 25.68 21.05 11.95
C ASN O 142 25.72 19.65 11.35
N LEU O 143 26.74 19.31 10.57
CA LEU O 143 26.90 17.95 10.10
C LEU O 143 28.37 17.56 10.09
N ILE O 144 28.63 16.26 10.25
CA ILE O 144 29.97 15.68 10.15
C ILE O 144 29.89 14.46 9.25
N VAL O 145 30.68 14.46 8.19
CA VAL O 145 30.84 13.29 7.33
C VAL O 145 32.20 12.66 7.65
N SER O 146 32.28 11.33 7.51
CA SER O 146 33.48 10.58 7.82
C SER O 146 33.84 9.66 6.68
N GLY O 147 34.93 8.92 6.85
CA GLY O 147 35.40 7.95 5.87
C GLY O 147 36.22 6.84 6.48
N SER O 148 35.90 5.60 6.12
CA SER O 148 36.59 4.43 6.66
C SER O 148 36.96 3.51 5.51
N PHE O 149 38.05 2.77 5.69
CA PHE O 149 38.61 2.04 4.56
C PHE O 149 37.80 0.79 4.23
N ASP O 150 36.96 0.32 5.15
CA ASP O 150 36.22 -0.92 4.99
C ASP O 150 34.86 -0.73 4.32
N GLU O 151 34.75 0.28 3.44
CA GLU O 151 33.63 0.43 2.50
C GLU O 151 32.31 0.71 3.24
N SER O 152 32.35 1.64 4.21
CA SER O 152 31.16 1.99 4.99
C SER O 152 31.32 3.43 5.45
N VAL O 153 30.67 4.36 4.72
CA VAL O 153 30.76 5.78 5.02
C VAL O 153 29.73 6.12 6.09
N ARG O 154 30.19 6.67 7.20
CA ARG O 154 29.33 6.98 8.34
C ARG O 154 29.04 8.47 8.41
N ILE O 155 27.85 8.79 8.92
CA ILE O 155 27.35 10.15 9.01
C ILE O 155 27.18 10.48 10.48
N TRP O 156 27.64 11.66 10.90
CA TRP O 156 27.84 11.95 12.31
C TRP O 156 27.18 13.25 12.71
N ASP O 157 26.53 13.24 13.87
CA ASP O 157 26.01 14.43 14.50
C ASP O 157 27.17 15.27 15.02
N VAL O 158 26.90 16.57 15.23
CA VAL O 158 27.93 17.47 15.75
C VAL O 158 27.82 17.62 17.26
N LYS O 159 26.71 18.18 17.72
CA LYS O 159 26.66 18.59 19.12
C LYS O 159 26.30 17.41 20.02
N THR O 160 25.22 16.70 19.73
CA THR O 160 24.83 15.57 20.56
C THR O 160 25.67 14.33 20.29
N GLY O 161 26.39 14.29 19.16
CA GLY O 161 27.43 13.29 18.98
C GLY O 161 26.98 11.86 18.77
N LYS O 162 26.38 11.56 17.62
CA LYS O 162 25.86 10.23 17.36
C LYS O 162 26.09 9.86 15.91
N CYS O 163 26.37 8.58 15.67
CA CYS O 163 26.44 8.03 14.31
C CYS O 163 25.06 8.06 13.69
N LEU O 164 24.84 8.98 12.76
CA LEU O 164 23.51 9.20 12.22
C LEU O 164 23.11 8.07 11.27
N LYS O 165 23.84 7.93 10.16
CA LYS O 165 23.55 6.89 9.19
C LYS O 165 24.87 6.35 8.65
N THR O 166 24.79 5.20 7.99
CA THR O 166 25.94 4.49 7.47
C THR O 166 25.70 4.15 6.01
N LEU O 167 26.70 4.38 5.16
CA LEU O 167 26.53 4.19 3.73
C LEU O 167 27.44 3.08 3.21
N PRO O 168 26.90 1.95 2.75
CA PRO O 168 27.73 0.94 2.08
C PRO O 168 28.18 1.39 0.70
N ALA O 169 29.23 2.21 0.65
CA ALA O 169 29.48 3.03 -0.52
C ALA O 169 30.27 2.30 -1.61
N HIS O 170 31.51 1.93 -1.34
CA HIS O 170 32.47 1.70 -2.42
C HIS O 170 33.11 0.33 -2.37
N SER O 171 34.12 0.14 -3.24
CA SER O 171 34.95 -1.05 -3.31
C SER O 171 36.31 -0.85 -2.67
N ASP O 172 36.55 0.32 -2.10
CA ASP O 172 37.89 0.81 -1.89
C ASP O 172 37.90 1.53 -0.55
N PRO O 173 39.08 1.87 -0.04
CA PRO O 173 39.16 2.90 0.98
C PRO O 173 38.61 4.23 0.48
N VAL O 174 38.07 5.01 1.42
CA VAL O 174 37.39 6.25 1.08
C VAL O 174 38.41 7.30 0.68
N SER O 175 38.24 7.85 -0.53
CA SER O 175 39.12 8.89 -1.03
C SER O 175 38.62 10.29 -0.66
N ALA O 176 37.41 10.64 -1.11
CA ALA O 176 36.94 12.01 -0.93
C ALA O 176 35.42 12.05 -0.92
N VAL O 177 34.85 12.68 0.11
CA VAL O 177 33.44 13.02 0.17
C VAL O 177 33.34 14.53 0.38
N HIS O 178 32.23 15.12 -0.08
CA HIS O 178 32.15 16.57 -0.10
C HIS O 178 30.69 17.02 -0.08
N PHE O 179 30.36 17.96 0.80
CA PHE O 179 29.05 18.60 0.78
C PHE O 179 28.95 19.57 -0.40
N ASN O 180 27.72 19.79 -0.88
CA ASN O 180 27.51 20.80 -1.90
C ASN O 180 27.40 22.20 -1.30
N ARG O 181 26.83 23.12 -2.10
CA ARG O 181 26.72 24.53 -1.75
C ARG O 181 25.96 24.77 -0.45
N ASP O 182 24.99 23.92 -0.11
CA ASP O 182 24.21 24.12 1.11
C ASP O 182 24.04 22.89 1.99
N GLY O 183 24.22 21.68 1.49
CA GLY O 183 23.99 20.51 2.31
C GLY O 183 22.92 19.59 1.79
N SER O 184 22.77 19.49 0.46
CA SER O 184 21.82 18.57 -0.14
C SER O 184 22.46 17.42 -0.89
N LEU O 185 23.72 17.57 -1.30
CA LEU O 185 24.40 16.58 -2.12
C LEU O 185 25.72 16.18 -1.49
N ILE O 186 26.11 14.94 -1.74
CA ILE O 186 27.42 14.44 -1.38
C ILE O 186 28.01 13.73 -2.59
N VAL O 187 29.10 14.25 -3.12
CA VAL O 187 29.84 13.60 -4.20
C VAL O 187 30.86 12.68 -3.56
N SER O 188 31.21 11.61 -4.25
CA SER O 188 32.16 10.64 -3.73
C SER O 188 32.85 9.95 -4.89
N SER O 189 34.18 9.88 -4.82
CA SER O 189 34.97 9.13 -5.78
C SER O 189 35.38 7.79 -5.18
N SER O 190 36.22 7.05 -5.90
CA SER O 190 36.77 5.80 -5.40
C SER O 190 38.16 5.64 -6.01
N TYR O 191 38.70 4.44 -5.91
CA TYR O 191 40.01 4.15 -6.48
C TYR O 191 39.92 3.47 -7.83
N ASP O 192 38.71 3.29 -8.37
CA ASP O 192 38.50 2.59 -9.63
C ASP O 192 37.51 3.31 -10.53
N GLY O 193 37.30 4.61 -10.32
CA GLY O 193 36.46 5.39 -11.21
C GLY O 193 34.98 5.32 -10.92
N LEU O 194 34.59 5.68 -9.69
CA LEU O 194 33.19 5.67 -9.28
C LEU O 194 32.86 7.05 -8.69
N CYS O 195 32.53 8.00 -9.56
CA CYS O 195 32.12 9.33 -9.11
C CYS O 195 30.65 9.27 -8.75
N ARG O 196 30.37 8.98 -7.49
CA ARG O 196 28.99 8.76 -7.05
C ARG O 196 28.47 9.99 -6.32
N ILE O 197 27.20 10.30 -6.56
CA ILE O 197 26.52 11.44 -5.96
C ILE O 197 25.48 10.91 -4.98
N TRP O 198 25.51 11.44 -3.76
CA TRP O 198 24.72 10.91 -2.66
C TRP O 198 23.78 11.98 -2.10
N ASP O 199 22.67 11.52 -1.54
CA ASP O 199 21.67 12.42 -0.97
C ASP O 199 21.91 12.62 0.52
N THR O 200 21.67 13.83 0.99
CA THR O 200 21.87 14.13 2.42
C THR O 200 20.75 13.54 3.26
N ALA O 201 19.50 13.88 2.96
CA ALA O 201 18.40 13.54 3.86
C ALA O 201 17.98 12.08 3.72
N SER O 202 17.67 11.65 2.49
CA SER O 202 17.24 10.27 2.29
C SER O 202 18.39 9.29 2.48
N GLY O 203 19.61 9.71 2.15
CA GLY O 203 20.76 8.87 2.41
C GLY O 203 20.90 7.70 1.47
N GLN O 204 20.61 7.89 0.18
CA GLN O 204 20.93 6.91 -0.84
C GLN O 204 21.59 7.62 -2.02
N CYS O 205 22.32 6.84 -2.81
CA CYS O 205 23.07 7.37 -3.94
C CYS O 205 22.13 7.84 -5.04
N LEU O 206 22.61 8.77 -5.84
CA LEU O 206 21.76 9.47 -6.78
C LEU O 206 22.24 9.36 -8.21
N LYS O 207 23.55 9.42 -8.43
CA LYS O 207 24.12 9.38 -9.76
C LYS O 207 25.55 8.87 -9.65
N THR O 208 25.94 8.01 -10.59
CA THR O 208 27.28 7.44 -10.62
C THR O 208 27.92 7.73 -11.97
N LEU O 209 28.86 8.65 -11.98
CA LEU O 209 29.63 8.95 -13.18
C LEU O 209 30.76 7.95 -13.26
N ILE O 210 30.86 7.24 -14.38
CA ILE O 210 31.82 6.17 -14.53
C ILE O 210 32.45 6.24 -15.92
N ASP O 211 33.75 5.98 -15.98
CA ASP O 211 34.48 5.80 -17.23
C ASP O 211 34.80 4.32 -17.39
N ASP O 212 34.89 3.86 -18.65
CA ASP O 212 35.18 2.46 -18.89
C ASP O 212 36.61 2.11 -18.49
N ASP O 213 37.57 2.96 -18.82
CA ASP O 213 38.89 2.87 -18.23
C ASP O 213 38.81 3.31 -16.77
N ASN O 214 39.71 2.78 -15.95
CA ASN O 214 39.75 3.09 -14.51
C ASN O 214 41.07 3.73 -14.11
N PRO O 215 41.23 5.02 -14.31
CA PRO O 215 42.23 5.75 -13.55
C PRO O 215 41.71 6.00 -12.15
N PRO O 216 42.52 5.77 -11.12
CA PRO O 216 42.04 5.96 -9.75
C PRO O 216 41.75 7.43 -9.45
N VAL O 217 40.47 7.74 -9.31
CA VAL O 217 40.03 9.13 -9.20
C VAL O 217 40.31 9.54 -7.75
N SER O 218 41.46 10.17 -7.54
CA SER O 218 41.96 10.36 -6.19
C SER O 218 41.21 11.45 -5.45
N PHE O 219 40.91 12.57 -6.11
CA PHE O 219 40.42 13.75 -5.42
C PHE O 219 39.32 14.42 -6.23
N VAL O 220 38.16 14.64 -5.59
CA VAL O 220 37.02 15.28 -6.23
C VAL O 220 36.49 16.40 -5.34
N LYS O 221 35.93 17.43 -5.98
CA LYS O 221 35.34 18.54 -5.26
C LYS O 221 34.32 19.24 -6.15
N PHE O 222 33.40 19.97 -5.51
CA PHE O 222 32.33 20.69 -6.19
C PHE O 222 32.84 21.98 -6.83
N SER O 223 31.91 22.74 -7.37
CA SER O 223 32.05 24.11 -7.85
C SER O 223 31.00 24.96 -7.18
N PRO O 224 31.25 26.27 -6.99
CA PRO O 224 30.29 27.10 -6.24
C PRO O 224 28.95 27.29 -6.94
N ASN O 225 28.89 27.11 -8.26
CA ASN O 225 27.61 27.22 -8.95
C ASN O 225 26.76 25.96 -8.86
N GLY O 226 27.30 24.87 -8.30
CA GLY O 226 26.55 23.63 -8.22
C GLY O 226 26.34 22.91 -9.52
N LYS O 227 27.05 23.30 -10.58
CA LYS O 227 26.93 22.67 -11.89
C LYS O 227 28.16 21.88 -12.30
N TYR O 228 29.25 21.95 -11.54
CA TYR O 228 30.47 21.31 -11.96
C TYR O 228 31.14 20.63 -10.77
N ILE O 229 31.81 19.52 -11.04
CA ILE O 229 32.48 18.73 -10.02
C ILE O 229 33.85 18.34 -10.55
N LEU O 230 34.91 18.71 -9.82
CA LEU O 230 36.26 18.44 -10.24
C LEU O 230 36.63 16.99 -9.95
N ALA O 231 37.65 16.49 -10.65
CA ALA O 231 38.18 15.16 -10.42
C ALA O 231 39.69 15.17 -10.59
N ALA O 232 40.36 14.25 -9.89
CA ALA O 232 41.81 14.12 -10.00
C ALA O 232 42.17 12.64 -10.11
N THR O 233 42.78 12.27 -11.24
CA THR O 233 43.05 10.87 -11.56
C THR O 233 44.56 10.64 -11.71
N LEU O 234 44.95 9.38 -11.68
CA LEU O 234 46.35 8.98 -11.81
C LEU O 234 46.72 8.64 -13.25
N ASP O 235 46.42 9.54 -14.19
CA ASP O 235 46.81 9.30 -15.57
C ASP O 235 47.27 10.57 -16.29
N ASN O 236 47.65 11.61 -15.53
CA ASN O 236 47.97 12.95 -16.03
C ASN O 236 46.83 13.51 -16.88
N THR O 237 45.62 13.46 -16.32
CA THR O 237 44.44 14.04 -16.97
C THR O 237 43.51 14.56 -15.88
N LEU O 238 43.39 15.88 -15.78
CA LEU O 238 42.54 16.51 -14.78
C LEU O 238 41.28 17.03 -15.47
N LYS O 239 40.12 16.70 -14.89
CA LYS O 239 38.84 17.04 -15.48
C LYS O 239 37.94 17.73 -14.47
N LEU O 240 37.20 18.72 -14.94
CA LEU O 240 36.08 19.30 -14.21
C LEU O 240 34.82 18.74 -14.83
N TRP O 241 34.22 17.74 -14.18
CA TRP O 241 33.04 17.11 -14.72
C TRP O 241 31.82 18.01 -14.57
N ASP O 242 30.99 18.01 -15.61
CA ASP O 242 29.67 18.62 -15.51
C ASP O 242 28.83 17.83 -14.52
N TYR O 243 27.86 18.50 -13.90
CA TYR O 243 27.02 17.83 -12.92
C TYR O 243 25.97 16.96 -13.60
N SER O 244 25.15 17.54 -14.46
CA SER O 244 24.01 16.83 -15.02
C SER O 244 24.43 15.86 -16.12
N LYS O 245 24.99 16.38 -17.21
CA LYS O 245 25.38 15.53 -18.31
C LYS O 245 26.63 14.72 -17.99
N GLY O 246 27.52 15.28 -17.17
CA GLY O 246 28.71 14.57 -16.77
C GLY O 246 29.73 14.42 -17.87
N LYS O 247 30.24 15.54 -18.39
CA LYS O 247 31.28 15.48 -19.39
C LYS O 247 32.18 16.69 -19.23
N CYS O 248 33.33 16.62 -19.91
CA CYS O 248 34.25 17.74 -19.99
C CYS O 248 35.04 17.57 -21.27
N LEU O 249 34.92 18.52 -22.19
CA LEU O 249 35.61 18.43 -23.48
C LEU O 249 36.77 19.40 -23.58
N LYS O 250 37.03 20.18 -22.53
CA LYS O 250 38.23 20.99 -22.40
C LYS O 250 39.04 20.40 -21.23
N THR O 251 39.86 19.40 -21.53
CA THR O 251 40.59 18.65 -20.52
C THR O 251 42.06 19.04 -20.52
N TYR O 252 42.67 18.97 -19.33
CA TYR O 252 44.06 19.35 -19.15
C TYR O 252 44.98 18.15 -19.33
N THR O 253 46.15 18.39 -19.93
CA THR O 253 47.18 17.37 -20.06
C THR O 253 48.54 17.93 -19.68
N GLY O 254 49.60 17.16 -19.94
CA GLY O 254 50.96 17.64 -19.86
C GLY O 254 51.53 17.86 -18.48
N HIS O 255 50.78 17.61 -17.42
CA HIS O 255 51.25 17.82 -16.06
C HIS O 255 51.80 16.50 -15.50
N LYS O 256 52.10 16.51 -14.20
CA LYS O 256 52.79 15.39 -13.55
C LYS O 256 51.97 14.96 -12.33
N ASN O 257 51.09 13.97 -12.53
CA ASN O 257 50.32 13.39 -11.43
C ASN O 257 49.96 11.96 -11.83
N GLU O 258 50.72 10.99 -11.31
CA GLU O 258 50.45 9.58 -11.60
C GLU O 258 50.62 8.65 -10.41
N LYS O 259 50.91 9.14 -9.21
CA LYS O 259 51.13 8.24 -8.08
C LYS O 259 50.45 8.62 -6.78
N TYR O 260 49.89 9.83 -6.66
CA TYR O 260 49.43 10.29 -5.35
C TYR O 260 48.14 11.09 -5.47
N CYS O 261 47.56 11.39 -4.31
CA CYS O 261 46.27 12.07 -4.20
C CYS O 261 46.49 13.57 -4.04
N ILE O 262 47.00 14.17 -5.12
CA ILE O 262 47.35 15.59 -5.10
C ILE O 262 46.10 16.45 -5.05
N PHE O 263 46.05 17.37 -4.10
CA PHE O 263 44.89 18.21 -3.92
C PHE O 263 44.86 19.31 -4.98
N ALA O 264 43.66 19.59 -5.49
CA ALA O 264 43.44 20.67 -6.44
C ALA O 264 42.40 21.63 -5.89
N ASN O 265 42.44 22.87 -6.38
CA ASN O 265 41.65 23.94 -5.78
C ASN O 265 41.14 24.89 -6.86
N PHE O 266 40.50 25.97 -6.40
CA PHE O 266 39.99 27.04 -7.26
C PHE O 266 40.35 28.36 -6.62
N SER O 267 41.09 29.21 -7.33
CA SER O 267 41.36 30.55 -6.84
C SER O 267 40.14 31.44 -7.04
N VAL O 268 39.74 32.15 -5.99
CA VAL O 268 38.45 32.84 -5.96
C VAL O 268 38.56 34.34 -6.16
N THR O 269 39.75 34.91 -6.10
CA THR O 269 39.93 36.34 -6.16
C THR O 269 40.61 36.82 -7.43
N GLY O 270 40.99 35.91 -8.32
CA GLY O 270 41.56 36.32 -9.59
C GLY O 270 40.54 36.20 -10.70
N GLY O 271 40.64 35.15 -11.50
CA GLY O 271 39.68 34.86 -12.54
C GLY O 271 39.33 33.39 -12.57
N LYS O 272 39.46 32.77 -13.73
CA LYS O 272 39.22 31.34 -13.90
C LYS O 272 40.47 30.51 -13.60
N TRP O 273 41.07 30.70 -12.43
CA TRP O 273 42.30 29.99 -12.10
C TRP O 273 41.97 28.63 -11.51
N ILE O 274 42.74 27.62 -11.93
CA ILE O 274 42.53 26.23 -11.52
C ILE O 274 43.82 25.80 -10.80
N VAL O 275 43.78 25.77 -9.47
CA VAL O 275 44.98 25.58 -8.65
C VAL O 275 45.15 24.11 -8.35
N SER O 276 46.39 23.62 -8.41
CA SER O 276 46.73 22.25 -8.09
C SER O 276 48.16 22.19 -7.59
N GLY O 277 48.56 21.01 -7.10
CA GLY O 277 49.93 20.74 -6.71
C GLY O 277 50.65 19.90 -7.74
N SER O 278 51.93 19.65 -7.47
CA SER O 278 52.80 18.99 -8.45
C SER O 278 53.63 17.90 -7.78
N GLU O 279 54.34 17.14 -8.62
CA GLU O 279 55.30 16.15 -8.17
C GLU O 279 56.75 16.56 -8.36
N ASP O 280 57.01 17.51 -9.26
CA ASP O 280 58.35 18.01 -9.54
C ASP O 280 58.59 19.39 -8.95
N ASN O 281 58.11 19.61 -7.72
CA ASN O 281 58.45 20.74 -6.84
C ASN O 281 57.88 22.05 -7.36
N LEU O 282 56.64 22.02 -7.85
CA LEU O 282 56.03 23.13 -8.55
C LEU O 282 54.63 23.39 -7.98
N VAL O 283 54.04 24.52 -8.34
CA VAL O 283 52.69 24.88 -7.93
C VAL O 283 51.87 25.11 -9.20
N TYR O 284 50.95 24.21 -9.48
CA TYR O 284 50.22 24.21 -10.75
C TYR O 284 49.01 25.12 -10.66
N ILE O 285 48.98 26.17 -11.50
CA ILE O 285 47.80 27.00 -11.66
C ILE O 285 47.60 27.18 -13.17
N TRP O 286 46.35 27.06 -13.64
CA TRP O 286 46.05 27.26 -15.05
C TRP O 286 44.73 28.00 -15.22
N ASN O 287 44.44 28.34 -16.48
CA ASN O 287 43.19 28.94 -16.89
C ASN O 287 42.37 27.89 -17.64
N LEU O 288 41.08 28.18 -17.84
CA LEU O 288 40.17 27.19 -18.40
C LEU O 288 40.42 26.96 -19.88
N GLN O 289 40.82 28.00 -20.62
CA GLN O 289 40.99 27.90 -22.05
C GLN O 289 42.29 27.19 -22.44
N THR O 290 43.27 27.17 -21.53
CA THR O 290 44.66 26.88 -21.90
C THR O 290 44.86 25.43 -22.32
N LYS O 291 44.54 24.48 -21.41
CA LYS O 291 44.77 23.04 -21.58
C LYS O 291 46.25 22.72 -21.86
N GLU O 292 47.14 23.56 -21.33
CA GLU O 292 48.57 23.48 -21.59
C GLU O 292 49.28 23.80 -20.28
N ILE O 293 50.56 24.11 -20.36
CA ILE O 293 51.35 24.58 -19.23
C ILE O 293 51.56 26.08 -19.40
N VAL O 294 51.04 26.87 -18.45
CA VAL O 294 51.27 28.30 -18.48
C VAL O 294 52.02 28.81 -17.25
N GLN O 295 51.99 28.10 -16.13
CA GLN O 295 52.57 28.64 -14.89
C GLN O 295 52.86 27.48 -13.95
N LYS O 296 54.14 27.27 -13.65
CA LYS O 296 54.58 26.23 -12.72
C LYS O 296 55.48 26.91 -11.69
N LEU O 297 54.92 27.21 -10.51
CA LEU O 297 55.58 28.06 -9.54
C LEU O 297 56.49 27.24 -8.63
N GLN O 298 57.78 27.55 -8.66
CA GLN O 298 58.83 26.80 -7.99
C GLN O 298 58.90 27.18 -6.51
N GLY O 299 59.65 26.40 -5.72
CA GLY O 299 59.94 26.74 -4.34
C GLY O 299 60.01 25.59 -3.37
N HIS O 300 59.34 24.48 -3.66
CA HIS O 300 59.30 23.36 -2.73
C HIS O 300 60.39 22.35 -3.06
N THR O 301 60.52 21.33 -2.21
CA THR O 301 61.55 20.30 -2.37
C THR O 301 60.99 18.89 -2.34
N ASP O 302 59.67 18.72 -2.48
CA ASP O 302 59.07 17.39 -2.54
C ASP O 302 57.78 17.51 -3.35
N VAL O 303 57.08 16.38 -3.49
CA VAL O 303 55.82 16.31 -4.22
C VAL O 303 54.76 17.13 -3.48
N VAL O 304 54.28 18.19 -4.13
CA VAL O 304 53.28 19.08 -3.53
C VAL O 304 51.95 18.34 -3.48
N ILE O 305 51.51 18.01 -2.26
CA ILE O 305 50.37 17.12 -2.08
C ILE O 305 49.14 17.85 -1.52
N SER O 306 49.32 18.99 -0.83
CA SER O 306 48.21 19.65 -0.17
C SER O 306 48.29 21.15 -0.40
N THR O 307 47.27 21.70 -1.05
CA THR O 307 47.08 23.13 -1.21
C THR O 307 45.68 23.50 -0.75
N ALA O 308 45.46 24.80 -0.58
CA ALA O 308 44.14 25.36 -0.35
C ALA O 308 44.15 26.80 -0.79
N CYS O 309 43.01 27.29 -1.23
CA CYS O 309 42.87 28.69 -1.62
C CYS O 309 42.20 29.47 -0.50
N HIS O 310 42.85 30.54 -0.10
CA HIS O 310 42.33 31.47 0.89
C HIS O 310 41.12 32.18 0.31
N PRO O 311 39.92 31.98 0.86
CA PRO O 311 38.69 32.35 0.14
C PRO O 311 38.40 33.83 0.07
N THR O 312 39.25 34.70 0.60
CA THR O 312 39.04 36.14 0.44
C THR O 312 40.23 36.89 -0.14
N GLU O 313 41.36 36.22 -0.39
CA GLU O 313 42.55 36.89 -0.89
C GLU O 313 43.17 36.09 -2.03
N ASN O 314 44.22 36.67 -2.62
CA ASN O 314 45.10 35.95 -3.55
C ASN O 314 46.23 35.24 -2.81
N ILE O 315 45.87 34.45 -1.81
CA ILE O 315 46.81 33.68 -1.01
C ILE O 315 46.50 32.21 -1.25
N ILE O 316 47.52 31.41 -1.54
CA ILE O 316 47.36 29.99 -1.76
C ILE O 316 48.33 29.27 -0.84
N ALA O 317 47.81 28.49 0.10
CA ALA O 317 48.65 27.63 0.92
C ALA O 317 49.30 26.57 0.05
N SER O 318 50.52 26.18 0.41
CA SER O 318 51.24 25.16 -0.34
C SER O 318 52.22 24.45 0.58
N ALA O 319 52.05 23.14 0.70
CA ALA O 319 52.95 22.28 1.44
C ALA O 319 53.07 20.97 0.70
N ALA O 320 54.27 20.41 0.70
CA ALA O 320 54.56 19.20 -0.06
C ALA O 320 54.59 17.99 0.87
N LEU O 321 55.08 16.87 0.34
CA LEU O 321 55.27 15.64 1.11
C LEU O 321 56.48 15.73 2.03
N GLU O 322 56.94 14.56 2.50
CA GLU O 322 57.81 14.44 3.66
C GLU O 322 59.17 15.10 3.46
N ASN O 323 59.67 15.18 2.23
CA ASN O 323 61.00 15.75 2.02
C ASN O 323 60.96 17.27 1.82
N ASP O 324 59.88 17.94 2.22
CA ASP O 324 59.85 19.39 2.25
C ASP O 324 59.72 19.93 3.68
N LYS O 325 58.63 19.59 4.37
CA LYS O 325 58.29 20.01 5.74
C LYS O 325 58.32 21.54 5.95
N THR O 326 58.21 22.31 4.87
CA THR O 326 58.30 23.77 4.91
C THR O 326 57.11 24.32 4.12
N ILE O 327 56.05 24.70 4.83
CA ILE O 327 54.87 25.25 4.17
C ILE O 327 55.20 26.64 3.67
N LYS O 328 54.89 26.91 2.40
CA LYS O 328 55.30 28.15 1.76
C LYS O 328 54.09 28.85 1.19
N LEU O 329 53.85 30.07 1.67
CA LEU O 329 52.66 30.82 1.30
C LEU O 329 52.94 31.72 0.10
N TRP O 330 51.88 32.22 -0.50
CA TRP O 330 51.94 32.86 -1.80
C TRP O 330 51.13 34.15 -1.80
N LYS O 331 51.46 35.03 -2.74
CA LYS O 331 50.88 36.37 -2.79
C LYS O 331 51.07 36.92 -4.20
N SER O 332 50.07 37.65 -4.69
CA SER O 332 50.18 38.31 -5.99
C SER O 332 50.92 39.63 -5.85
#